data_4A57
#
_entry.id   4A57
#
_cell.length_a   88.960
_cell.length_b   165.940
_cell.length_c   97.510
_cell.angle_alpha   90.00
_cell.angle_beta   97.03
_cell.angle_gamma   90.00
#
_symmetry.space_group_name_H-M   'P 1 21 1'
#
loop_
_entity.id
_entity.type
_entity.pdbx_description
1 polymer 'NUCLEOSIDE-TRIPHOSPHATASE 1'
2 non-polymer 'CHLORIDE ION'
3 water water
#
_entity_poly.entity_id   1
_entity_poly.type   'polypeptide(L)'
_entity_poly.pdbx_seq_one_letter_code
;MTDSSSLRGVDADTEKRINVGKKHLQTLRNLETRCHDSLQALVVIDAGSSSTRTNVFLAKTRSCPNKGRSIDPDSIQLIG
AGKRFAGLRVVLEEWLDTYAGKDWESRPVDARLLFQYVPQMHEGAKKLMQLLEEDTVAILDSQLNEKQKVQVKALGIPVM
LCSTAGVRDFHEWYRDALFVLLRHLINNPSPAHGYKFFTNPFWTRPITGAEEGLFAFITLNHLSRRLGEDPARCMIDEYG
VKQCRNDLAGVVEVGGASAQIVFPLQEGTVLPSSVRAVNLQRERLLPERYPSADVVSVSFMQLGMASSAGLFLKELCSND
EFLQGGICSNPCLFKGFQQSCSAGEVEVRPDGSASVNEDVRKNRLKPLATYCSVNNPEISFKVTNEMQCRENSIDPTKPL
AERMKIENCSIIKGTGNFDKCVSQVESILVAPKLPLPANIEAASSGFESVDQVFRFASSTAPMIVTGGGMLAAINTLKDH
RLLRSDFSGDVEELAEAAREFCSSEVIIRTDGPVIQLPNARGEQKLNSLNFDLCKTMALTVSLLRHMAAGENQPSFIKWE
KSIAGPDGKPLADLGWQVGVILHHVLFTEEWGRNAYEAGYSHNLEHHHHHH
;
_entity_poly.pdbx_strand_id   A,B,C,D
#
loop_
_chem_comp.id
_chem_comp.type
_chem_comp.name
_chem_comp.formula
CL non-polymer 'CHLORIDE ION' 'Cl -1'
#
# COMPACT_ATOMS: atom_id res chain seq x y z
N ALA A 12 -53.54 14.21 24.47
CA ALA A 12 -53.13 14.23 25.88
C ALA A 12 -51.60 14.20 26.07
N ASP A 13 -50.95 13.03 25.92
CA ASP A 13 -49.50 12.90 26.09
C ASP A 13 -48.74 13.13 24.75
N THR A 14 -48.85 14.35 24.21
CA THR A 14 -48.20 14.76 22.94
C THR A 14 -46.67 14.65 22.96
N GLU A 15 -46.01 15.27 23.95
CA GLU A 15 -44.53 15.26 24.08
C GLU A 15 -44.00 13.84 24.26
N LYS A 16 -44.72 13.02 25.04
CA LYS A 16 -44.37 11.62 25.31
C LYS A 16 -44.44 10.79 24.00
N ARG A 17 -45.51 11.00 23.18
CA ARG A 17 -45.70 10.28 21.91
C ARG A 17 -44.66 10.69 20.86
N ILE A 18 -44.32 12.02 20.77
CA ILE A 18 -43.29 12.55 19.85
C ILE A 18 -41.94 11.83 20.16
N ASN A 19 -41.57 11.75 21.46
CA ASN A 19 -40.34 11.09 21.90
C ASN A 19 -40.27 9.59 21.63
N VAL A 20 -41.43 8.89 21.64
CA VAL A 20 -41.54 7.45 21.32
C VAL A 20 -41.17 7.26 19.84
N GLY A 21 -41.72 8.14 18.99
CA GLY A 21 -41.49 8.14 17.56
C GLY A 21 -40.04 8.40 17.20
N LYS A 22 -39.40 9.40 17.88
CA LYS A 22 -37.99 9.76 17.66
C LYS A 22 -37.11 8.58 18.03
N LYS A 23 -37.37 7.99 19.23
CA LYS A 23 -36.68 6.82 19.79
C LYS A 23 -36.77 5.58 18.92
N HIS A 24 -37.96 5.28 18.36
CA HIS A 24 -38.13 4.12 17.45
C HIS A 24 -37.20 4.24 16.22
N LEU A 25 -37.18 5.44 15.57
CA LEU A 25 -36.33 5.73 14.42
C LEU A 25 -34.86 5.66 14.80
N GLN A 26 -34.51 6.17 15.99
CA GLN A 26 -33.14 6.11 16.50
C GLN A 26 -32.69 4.66 16.75
N THR A 27 -33.61 3.82 17.26
CA THR A 27 -33.40 2.38 17.53
C THR A 27 -33.08 1.68 16.21
N LEU A 28 -33.90 1.95 15.17
CA LEU A 28 -33.70 1.37 13.84
C LEU A 28 -32.41 1.88 13.18
N ARG A 29 -32.10 3.18 13.37
CA ARG A 29 -30.86 3.77 12.86
C ARG A 29 -29.60 3.11 13.51
N ASN A 30 -29.64 2.85 14.85
CA ASN A 30 -28.50 2.21 15.54
C ASN A 30 -28.33 0.76 15.09
N LEU A 31 -29.44 0.07 14.82
CA LEU A 31 -29.41 -1.31 14.32
C LEU A 31 -28.64 -1.42 12.98
N GLU A 32 -28.85 -0.46 12.05
CA GLU A 32 -28.19 -0.51 10.74
C GLU A 32 -26.77 0.13 10.66
N THR A 33 -26.30 0.76 11.75
CA THR A 33 -24.97 1.38 11.77
C THR A 33 -23.98 0.64 12.69
N ARG A 34 -24.48 -0.19 13.62
CA ARG A 34 -23.62 -0.89 14.61
C ARG A 34 -23.22 -2.30 14.23
N CYS A 35 -22.20 -2.84 14.93
CA CYS A 35 -21.71 -4.20 14.69
C CYS A 35 -22.73 -5.19 15.25
N HIS A 36 -22.90 -6.34 14.57
CA HIS A 36 -23.82 -7.39 14.99
C HIS A 36 -23.04 -8.65 15.27
N ASP A 37 -23.29 -9.29 16.43
CA ASP A 37 -22.56 -10.51 16.82
C ASP A 37 -23.40 -11.75 16.49
N SER A 38 -22.71 -12.84 16.08
CA SER A 38 -23.38 -14.10 15.74
C SER A 38 -22.46 -15.25 16.11
N LEU A 39 -23.03 -16.33 16.63
CA LEU A 39 -22.27 -17.50 17.05
C LEU A 39 -21.88 -18.41 15.89
N GLN A 40 -20.69 -18.97 15.94
CA GLN A 40 -20.24 -19.92 14.92
C GLN A 40 -19.56 -21.14 15.57
N ALA A 41 -19.72 -22.31 14.93
CA ALA A 41 -19.04 -23.54 15.34
C ALA A 41 -17.83 -23.78 14.44
N LEU A 42 -16.78 -24.35 15.02
CA LEU A 42 -15.52 -24.69 14.33
C LEU A 42 -15.19 -26.11 14.78
N VAL A 43 -14.71 -26.94 13.86
CA VAL A 43 -14.41 -28.34 14.21
C VAL A 43 -12.96 -28.62 13.91
N VAL A 44 -12.26 -29.20 14.89
CA VAL A 44 -10.88 -29.62 14.73
C VAL A 44 -10.89 -31.13 14.89
N ILE A 45 -10.53 -31.88 13.85
CA ILE A 45 -10.46 -33.34 13.97
C ILE A 45 -8.99 -33.68 14.22
N ASP A 46 -8.74 -34.32 15.35
CA ASP A 46 -7.41 -34.72 15.77
C ASP A 46 -7.14 -36.16 15.29
N ALA A 47 -6.37 -36.28 14.19
CA ALA A 47 -6.02 -37.58 13.66
C ALA A 47 -4.63 -37.96 14.17
N GLY A 48 -4.61 -38.57 15.36
CA GLY A 48 -3.38 -38.98 16.04
C GLY A 48 -2.90 -40.36 15.68
N SER A 49 -1.77 -40.78 16.23
CA SER A 49 -1.22 -42.10 15.90
C SER A 49 -2.10 -43.29 16.27
N SER A 50 -2.89 -43.17 17.36
CA SER A 50 -3.72 -44.26 17.90
C SER A 50 -5.21 -44.08 17.71
N SER A 51 -5.67 -42.85 17.43
CA SER A 51 -7.10 -42.62 17.28
C SER A 51 -7.41 -41.32 16.54
N THR A 52 -8.66 -41.19 16.11
CA THR A 52 -9.17 -40.00 15.45
C THR A 52 -10.34 -39.53 16.30
N ARG A 53 -10.32 -38.25 16.69
CA ARG A 53 -11.33 -37.70 17.59
C ARG A 53 -11.79 -36.30 17.14
N THR A 54 -13.10 -36.06 17.17
CA THR A 54 -13.62 -34.73 16.84
C THR A 54 -13.49 -33.82 18.06
N ASN A 55 -13.34 -32.52 17.83
CA ASN A 55 -13.30 -31.48 18.85
C ASN A 55 -14.16 -30.35 18.30
N VAL A 56 -15.24 -30.03 19.00
CA VAL A 56 -16.20 -29.02 18.60
C VAL A 56 -16.02 -27.76 19.41
N PHE A 57 -15.86 -26.62 18.70
CA PHE A 57 -15.66 -25.32 19.32
C PHE A 57 -16.78 -24.37 18.95
N LEU A 58 -16.95 -23.32 19.77
CA LEU A 58 -17.84 -22.19 19.52
C LEU A 58 -16.98 -20.95 19.58
N ALA A 59 -17.32 -19.96 18.74
CA ALA A 59 -16.65 -18.67 18.73
C ALA A 59 -17.69 -17.63 18.39
N LYS A 60 -17.46 -16.43 18.87
CA LYS A 60 -18.35 -15.31 18.61
C LYS A 60 -17.79 -14.58 17.37
N THR A 61 -18.63 -14.37 16.34
CA THR A 61 -18.21 -13.63 15.14
C THR A 61 -18.81 -12.23 15.27
N ARG A 62 -18.15 -11.23 14.67
CA ARG A 62 -18.64 -9.85 14.68
C ARG A 62 -18.67 -9.36 13.25
N SER A 63 -19.82 -8.85 12.83
CA SER A 63 -20.09 -8.31 11.50
C SER A 63 -20.30 -6.79 11.63
N CYS A 64 -19.39 -5.99 11.05
CA CYS A 64 -19.38 -4.52 11.11
C CYS A 64 -19.59 -3.88 9.77
N PRO A 65 -20.51 -2.88 9.62
CA PRO A 65 -20.70 -2.22 8.31
C PRO A 65 -19.39 -1.81 7.62
N ASN A 66 -19.22 -2.20 6.34
CA ASN A 66 -18.00 -1.94 5.54
C ASN A 66 -16.71 -2.66 6.00
N LYS A 67 -16.76 -3.52 7.03
CA LYS A 67 -15.55 -4.20 7.54
C LYS A 67 -15.63 -5.73 7.46
N GLY A 68 -16.75 -6.28 6.98
CA GLY A 68 -16.91 -7.73 6.91
C GLY A 68 -17.17 -8.38 8.24
N ARG A 69 -16.68 -9.63 8.39
CA ARG A 69 -16.92 -10.48 9.57
C ARG A 69 -15.62 -11.07 10.06
N SER A 70 -15.40 -11.05 11.38
CA SER A 70 -14.20 -11.60 12.02
C SER A 70 -14.57 -12.38 13.30
N ILE A 71 -13.65 -13.21 13.78
CA ILE A 71 -13.83 -13.92 15.05
C ILE A 71 -13.11 -13.15 16.18
N ASP A 72 -13.74 -13.06 17.37
CA ASP A 72 -13.15 -12.53 18.60
C ASP A 72 -12.29 -13.71 19.09
N PRO A 73 -10.94 -13.64 19.05
CA PRO A 73 -10.14 -14.82 19.44
C PRO A 73 -10.32 -15.31 20.88
N ASP A 74 -10.62 -14.39 21.82
CA ASP A 74 -10.82 -14.71 23.23
C ASP A 74 -12.14 -15.46 23.51
N SER A 75 -13.06 -15.51 22.52
CA SER A 75 -14.34 -16.23 22.68
C SER A 75 -14.25 -17.71 22.30
N ILE A 76 -13.12 -18.16 21.71
CA ILE A 76 -12.99 -19.59 21.33
C ILE A 76 -13.10 -20.51 22.55
N GLN A 77 -14.10 -21.40 22.55
CA GLN A 77 -14.34 -22.33 23.64
C GLN A 77 -14.67 -23.76 23.15
N LEU A 78 -14.05 -24.76 23.77
CA LEU A 78 -14.33 -26.16 23.44
C LEU A 78 -15.69 -26.51 24.07
N ILE A 79 -16.63 -27.06 23.27
CA ILE A 79 -17.95 -27.47 23.81
C ILE A 79 -18.07 -28.98 23.95
N GLY A 80 -17.15 -29.71 23.33
CA GLY A 80 -17.13 -31.16 23.44
C GLY A 80 -16.09 -31.83 22.58
N ALA A 81 -15.44 -32.86 23.14
CA ALA A 81 -14.48 -33.73 22.44
C ALA A 81 -15.22 -35.07 22.35
N GLY A 82 -15.17 -35.70 21.18
CA GLY A 82 -15.93 -36.91 20.93
C GLY A 82 -15.24 -38.22 21.27
N LYS A 83 -15.79 -39.31 20.72
CA LYS A 83 -15.31 -40.67 20.89
C LYS A 83 -14.01 -40.88 20.11
N ARG A 84 -13.15 -41.77 20.63
CA ARG A 84 -11.90 -42.13 19.97
C ARG A 84 -12.19 -43.20 18.93
N PHE A 85 -12.15 -42.82 17.65
CA PHE A 85 -12.39 -43.74 16.54
C PHE A 85 -11.02 -44.22 15.99
N ALA A 86 -11.00 -45.11 14.99
CA ALA A 86 -9.78 -45.65 14.38
C ALA A 86 -8.81 -44.56 13.85
N GLY A 87 -7.50 -44.80 14.04
CA GLY A 87 -6.46 -43.92 13.55
C GLY A 87 -6.37 -44.02 12.03
N LEU A 88 -5.84 -42.97 11.38
CA LEU A 88 -5.63 -42.98 9.91
C LEU A 88 -4.67 -44.08 9.51
N ARG A 89 -3.67 -44.37 10.39
CA ARG A 89 -2.70 -45.45 10.17
C ARG A 89 -3.46 -46.79 9.99
N VAL A 90 -4.43 -47.07 10.90
CA VAL A 90 -5.27 -48.28 10.89
C VAL A 90 -6.02 -48.41 9.55
N VAL A 91 -6.58 -47.29 9.08
CA VAL A 91 -7.30 -47.18 7.79
C VAL A 91 -6.38 -47.61 6.63
N LEU A 92 -5.16 -47.02 6.54
CA LEU A 92 -4.19 -47.34 5.48
C LEU A 92 -3.63 -48.73 5.57
N GLU A 93 -3.31 -49.19 6.79
CA GLU A 93 -2.79 -50.55 7.02
C GLU A 93 -3.78 -51.64 6.64
N GLU A 94 -5.07 -51.42 6.92
CA GLU A 94 -6.15 -52.35 6.55
C GLU A 94 -6.28 -52.41 5.01
N TRP A 95 -6.12 -51.25 4.34
CA TRP A 95 -6.19 -51.11 2.89
C TRP A 95 -4.99 -51.84 2.25
N LEU A 96 -3.78 -51.60 2.77
CA LEU A 96 -2.56 -52.25 2.31
C LEU A 96 -2.60 -53.76 2.58
N ASP A 97 -3.09 -54.20 3.76
CA ASP A 97 -3.23 -55.63 4.07
C ASP A 97 -4.12 -56.34 3.05
N THR A 98 -5.24 -55.72 2.68
CA THR A 98 -6.22 -56.29 1.77
C THR A 98 -5.76 -56.27 0.29
N TYR A 99 -5.23 -55.11 -0.17
CA TYR A 99 -4.89 -54.91 -1.57
C TYR A 99 -3.43 -55.08 -2.02
N ALA A 100 -2.47 -54.98 -1.08
CA ALA A 100 -1.06 -55.18 -1.39
C ALA A 100 -0.54 -56.53 -0.87
N GLY A 101 -1.33 -57.18 -0.01
CA GLY A 101 -0.98 -58.43 0.65
C GLY A 101 -0.34 -58.14 2.00
N LYS A 102 -0.51 -59.05 2.98
CA LYS A 102 0.00 -58.92 4.36
C LYS A 102 1.53 -58.74 4.51
N ASP A 103 2.31 -59.11 3.47
CA ASP A 103 3.78 -59.04 3.44
C ASP A 103 4.36 -57.62 3.26
N TRP A 104 3.58 -56.70 2.65
CA TRP A 104 3.90 -55.32 2.28
C TRP A 104 4.99 -54.56 3.06
N GLU A 105 5.04 -54.72 4.40
CA GLU A 105 6.01 -54.06 5.27
C GLU A 105 7.44 -54.60 5.10
N SER A 106 7.57 -55.88 4.62
CA SER A 106 8.85 -56.58 4.47
C SER A 106 9.41 -56.66 3.04
N ARG A 107 8.55 -56.90 2.04
CA ARG A 107 8.96 -57.04 0.63
C ARG A 107 8.74 -55.75 -0.20
N PRO A 108 9.39 -55.57 -1.38
CA PRO A 108 9.13 -54.37 -2.19
C PRO A 108 7.71 -54.41 -2.79
N VAL A 109 6.97 -53.29 -2.65
CA VAL A 109 5.61 -53.12 -3.13
C VAL A 109 5.63 -52.33 -4.46
N ASP A 110 4.81 -52.74 -5.45
CA ASP A 110 4.68 -51.97 -6.69
C ASP A 110 3.54 -50.98 -6.42
N ALA A 111 3.90 -49.75 -5.98
CA ALA A 111 2.96 -48.66 -5.65
C ALA A 111 1.96 -48.32 -6.76
N ARG A 112 2.46 -48.26 -8.03
CA ARG A 112 1.65 -47.92 -9.21
C ARG A 112 0.44 -48.87 -9.37
N LEU A 113 0.65 -50.16 -9.09
CA LEU A 113 -0.40 -51.20 -9.15
C LEU A 113 -1.57 -50.86 -8.18
N LEU A 114 -1.29 -50.19 -7.05
CA LEU A 114 -2.28 -49.85 -6.02
C LEU A 114 -3.29 -48.74 -6.38
N PHE A 115 -3.02 -47.98 -7.47
CA PHE A 115 -3.94 -46.94 -7.96
C PHE A 115 -5.25 -47.56 -8.45
N GLN A 116 -5.25 -48.87 -8.75
CA GLN A 116 -6.49 -49.52 -9.16
C GLN A 116 -7.45 -49.68 -7.97
N TYR A 117 -6.90 -49.55 -6.73
CA TYR A 117 -7.65 -49.65 -5.48
C TYR A 117 -8.06 -48.33 -4.81
N VAL A 118 -8.04 -47.20 -5.56
CA VAL A 118 -8.46 -45.88 -5.05
C VAL A 118 -9.96 -45.90 -4.57
N PRO A 119 -10.92 -46.58 -5.26
CA PRO A 119 -12.30 -46.61 -4.73
C PRO A 119 -12.43 -47.32 -3.38
N GLN A 120 -11.60 -48.34 -3.12
CA GLN A 120 -11.55 -49.06 -1.84
C GLN A 120 -10.91 -48.21 -0.74
N MET A 121 -9.91 -47.36 -1.09
CA MET A 121 -9.33 -46.44 -0.10
C MET A 121 -10.42 -45.42 0.32
N HIS A 122 -11.20 -44.95 -0.65
CA HIS A 122 -12.31 -44.04 -0.41
C HIS A 122 -13.35 -44.66 0.57
N GLU A 123 -13.72 -45.96 0.39
CA GLU A 123 -14.69 -46.65 1.25
C GLU A 123 -14.23 -46.75 2.72
N GLY A 124 -12.96 -47.06 2.92
CA GLY A 124 -12.38 -47.13 4.26
C GLY A 124 -12.37 -45.75 4.91
N ALA A 125 -11.98 -44.70 4.15
CA ALA A 125 -12.01 -43.32 4.69
C ALA A 125 -13.47 -42.88 4.93
N LYS A 126 -14.41 -43.32 4.06
CA LYS A 126 -15.83 -42.99 4.19
C LYS A 126 -16.41 -43.54 5.51
N LYS A 127 -16.09 -44.79 5.87
CA LYS A 127 -16.57 -45.41 7.12
C LYS A 127 -16.17 -44.58 8.35
N LEU A 128 -14.91 -44.14 8.42
CA LEU A 128 -14.41 -43.33 9.53
C LEU A 128 -15.10 -41.94 9.58
N MET A 129 -15.18 -41.25 8.42
CA MET A 129 -15.79 -39.92 8.33
C MET A 129 -17.27 -39.90 8.70
N GLN A 130 -18.03 -40.97 8.39
CA GLN A 130 -19.45 -41.08 8.76
C GLN A 130 -19.58 -41.15 10.29
N LEU A 131 -18.69 -41.90 10.97
CA LEU A 131 -18.64 -41.99 12.45
C LEU A 131 -18.32 -40.62 13.08
N LEU A 132 -17.31 -39.89 12.52
CA LEU A 132 -16.90 -38.57 13.00
C LEU A 132 -17.99 -37.53 12.77
N GLU A 133 -18.65 -37.57 11.61
CA GLU A 133 -19.73 -36.62 11.29
C GLU A 133 -20.90 -36.83 12.27
N GLU A 134 -21.29 -38.11 12.49
CA GLU A 134 -22.37 -38.48 13.39
C GLU A 134 -22.06 -38.02 14.84
N ASP A 135 -20.82 -38.19 15.27
CA ASP A 135 -20.37 -37.82 16.60
C ASP A 135 -20.35 -36.28 16.76
N THR A 136 -19.85 -35.55 15.73
CA THR A 136 -19.80 -34.08 15.72
C THR A 136 -21.22 -33.52 15.78
N VAL A 137 -22.14 -34.05 14.95
CA VAL A 137 -23.54 -33.65 14.93
C VAL A 137 -24.21 -33.91 16.30
N ALA A 138 -23.89 -35.05 16.97
CA ALA A 138 -24.47 -35.37 18.28
C ALA A 138 -24.03 -34.35 19.35
N ILE A 139 -22.75 -33.91 19.29
CA ILE A 139 -22.21 -32.88 20.21
C ILE A 139 -22.94 -31.55 20.01
N LEU A 140 -23.05 -31.08 18.75
CA LEU A 140 -23.73 -29.84 18.42
C LEU A 140 -25.20 -29.88 18.88
N ASP A 141 -25.92 -30.97 18.56
CA ASP A 141 -27.33 -31.15 18.95
C ASP A 141 -27.56 -31.17 20.46
N SER A 142 -26.58 -31.66 21.24
CA SER A 142 -26.74 -31.74 22.69
C SER A 142 -26.26 -30.50 23.45
N GLN A 143 -25.43 -29.67 22.80
CA GLN A 143 -24.85 -28.48 23.45
C GLN A 143 -25.49 -27.18 23.03
N LEU A 144 -26.31 -27.19 21.95
CA LEU A 144 -26.90 -25.96 21.45
C LEU A 144 -28.39 -25.89 21.58
N ASN A 145 -28.91 -24.74 22.02
CA ASN A 145 -30.35 -24.49 22.10
C ASN A 145 -30.83 -24.14 20.68
N GLU A 146 -32.15 -23.94 20.48
CA GLU A 146 -32.65 -23.69 19.13
C GLU A 146 -32.19 -22.39 18.48
N LYS A 147 -32.00 -21.32 19.28
CA LYS A 147 -31.57 -20.00 18.78
C LYS A 147 -30.10 -20.04 18.36
N GLN A 148 -29.27 -20.76 19.13
CA GLN A 148 -27.84 -20.94 18.86
C GLN A 148 -27.68 -21.73 17.57
N LYS A 149 -28.51 -22.80 17.39
CA LYS A 149 -28.53 -23.69 16.22
C LYS A 149 -28.80 -22.93 14.94
N VAL A 150 -29.72 -21.93 14.97
CA VAL A 150 -30.05 -21.10 13.81
C VAL A 150 -28.78 -20.37 13.32
N GLN A 151 -28.07 -19.72 14.26
CA GLN A 151 -26.84 -18.98 13.98
C GLN A 151 -25.73 -19.90 13.43
N VAL A 152 -25.53 -21.03 14.11
CA VAL A 152 -24.49 -21.99 13.75
C VAL A 152 -24.74 -22.66 12.38
N LYS A 153 -26.01 -23.01 12.08
CA LYS A 153 -26.39 -23.62 10.81
C LYS A 153 -26.27 -22.65 9.64
N ALA A 154 -26.59 -21.36 9.87
CA ALA A 154 -26.51 -20.34 8.83
C ALA A 154 -25.08 -19.95 8.42
N LEU A 155 -24.12 -19.86 9.38
CA LEU A 155 -22.77 -19.37 9.06
C LEU A 155 -21.83 -20.34 8.36
N GLY A 156 -22.11 -21.63 8.45
CA GLY A 156 -21.20 -22.65 7.93
C GLY A 156 -20.23 -23.07 9.01
N ILE A 157 -19.73 -24.30 8.91
CA ILE A 157 -18.82 -24.85 9.91
C ILE A 157 -17.47 -25.27 9.35
N PRO A 158 -16.44 -24.39 9.50
CA PRO A 158 -15.09 -24.77 9.06
C PRO A 158 -14.61 -26.02 9.80
N VAL A 159 -14.05 -26.95 9.05
CA VAL A 159 -13.50 -28.15 9.62
C VAL A 159 -11.98 -28.14 9.36
N MET A 160 -11.20 -28.46 10.39
CA MET A 160 -9.75 -28.56 10.28
C MET A 160 -9.32 -29.94 10.75
N LEU A 161 -9.13 -30.87 9.82
CA LEU A 161 -8.63 -32.22 10.17
C LEU A 161 -7.11 -32.19 9.98
N CYS A 162 -6.34 -32.41 11.06
CA CYS A 162 -4.89 -32.48 10.93
C CYS A 162 -4.41 -33.82 11.44
N SER A 163 -3.55 -34.48 10.67
CA SER A 163 -2.91 -35.68 11.17
C SER A 163 -1.56 -35.33 11.80
N THR A 164 -1.27 -35.94 12.94
CA THR A 164 0.00 -35.74 13.64
C THR A 164 0.86 -37.00 13.36
N ALA A 165 1.25 -37.77 14.37
CA ALA A 165 2.07 -38.96 14.09
C ALA A 165 1.24 -40.16 13.63
N GLY A 166 1.92 -41.23 13.23
CA GLY A 166 1.29 -42.47 12.80
C GLY A 166 0.92 -42.55 11.34
N VAL A 167 1.17 -41.50 10.54
CA VAL A 167 0.84 -41.55 9.12
C VAL A 167 1.96 -40.96 8.22
N ARG A 168 3.05 -40.48 8.86
CA ARG A 168 4.18 -39.84 8.18
C ARG A 168 5.28 -40.71 7.57
N ASP A 169 5.16 -42.06 7.69
CA ASP A 169 6.19 -42.99 7.23
C ASP A 169 5.78 -44.08 6.19
N PHE A 170 4.64 -43.89 5.48
CA PHE A 170 4.19 -44.89 4.48
C PHE A 170 4.92 -44.69 3.14
N HIS A 171 5.36 -43.45 2.89
CA HIS A 171 6.00 -43.00 1.65
C HIS A 171 5.03 -43.19 0.46
N GLU A 172 5.52 -43.21 -0.78
CA GLU A 172 4.67 -43.34 -1.97
C GLU A 172 3.62 -42.23 -2.06
N TRP A 173 2.42 -42.55 -2.55
CA TRP A 173 1.36 -41.57 -2.77
C TRP A 173 0.18 -41.62 -1.81
N TYR A 174 0.12 -42.67 -0.96
CA TYR A 174 -0.99 -43.01 -0.05
C TYR A 174 -1.51 -41.94 0.87
N ARG A 175 -0.63 -41.30 1.69
CA ARG A 175 -1.07 -40.24 2.60
C ARG A 175 -1.70 -39.05 1.86
N ASP A 176 -1.05 -38.55 0.80
CA ASP A 176 -1.57 -37.43 0.02
C ASP A 176 -2.90 -37.77 -0.62
N ALA A 177 -3.04 -38.98 -1.19
CA ALA A 177 -4.32 -39.41 -1.77
C ALA A 177 -5.42 -39.47 -0.69
N LEU A 178 -5.10 -40.06 0.48
CA LEU A 178 -6.05 -40.18 1.60
C LEU A 178 -6.59 -38.82 2.01
N PHE A 179 -5.72 -37.79 2.13
CA PHE A 179 -6.13 -36.41 2.45
C PHE A 179 -7.02 -35.81 1.40
N VAL A 180 -6.72 -36.06 0.12
CA VAL A 180 -7.57 -35.58 -0.98
C VAL A 180 -8.97 -36.24 -0.81
N LEU A 181 -8.98 -37.54 -0.51
CA LEU A 181 -10.24 -38.26 -0.29
C LEU A 181 -10.99 -37.78 0.98
N LEU A 182 -10.27 -37.51 2.08
CA LEU A 182 -10.86 -36.99 3.33
C LEU A 182 -11.55 -35.64 3.15
N ARG A 183 -10.89 -34.72 2.43
CA ARG A 183 -11.42 -33.38 2.17
C ARG A 183 -12.72 -33.46 1.36
N HIS A 184 -12.77 -34.36 0.35
CA HIS A 184 -13.95 -34.56 -0.47
C HIS A 184 -15.14 -35.03 0.39
N LEU A 185 -14.88 -35.94 1.32
CA LEU A 185 -15.89 -36.46 2.25
C LEU A 185 -16.40 -35.37 3.20
N ILE A 186 -15.48 -34.56 3.78
CA ILE A 186 -15.82 -33.44 4.66
C ILE A 186 -16.69 -32.42 3.92
N ASN A 187 -16.34 -32.15 2.65
CA ASN A 187 -17.06 -31.22 1.77
C ASN A 187 -18.40 -31.73 1.22
N ASN A 188 -18.80 -32.97 1.57
CA ASN A 188 -20.08 -33.59 1.19
C ASN A 188 -20.83 -34.09 2.44
N PRO A 189 -21.20 -33.19 3.40
CA PRO A 189 -21.90 -33.66 4.60
C PRO A 189 -23.32 -34.09 4.27
N SER A 190 -23.96 -34.80 5.21
CA SER A 190 -25.34 -35.22 5.02
C SER A 190 -26.24 -33.97 5.03
N PRO A 191 -27.07 -33.75 4.00
CA PRO A 191 -27.97 -32.57 4.01
C PRO A 191 -29.00 -32.58 5.16
N ALA A 192 -29.46 -33.77 5.58
CA ALA A 192 -30.48 -34.02 6.61
C ALA A 192 -30.36 -33.24 7.93
N HIS A 193 -29.15 -33.19 8.52
CA HIS A 193 -28.90 -32.50 9.80
C HIS A 193 -28.85 -30.95 9.78
N GLY A 194 -28.57 -30.34 8.64
CA GLY A 194 -28.51 -28.89 8.51
C GLY A 194 -27.19 -28.20 8.82
N TYR A 195 -26.19 -28.94 9.34
CA TYR A 195 -24.87 -28.41 9.68
C TYR A 195 -23.98 -28.41 8.44
N LYS A 196 -23.53 -27.21 8.03
CA LYS A 196 -22.79 -27.01 6.77
C LYS A 196 -21.29 -27.08 6.94
N PHE A 197 -20.80 -28.30 7.16
CA PHE A 197 -19.37 -28.57 7.33
C PHE A 197 -18.68 -28.40 5.98
N PHE A 198 -17.48 -27.85 6.00
CA PHE A 198 -16.67 -27.66 4.80
C PHE A 198 -15.21 -27.50 5.19
N THR A 199 -14.32 -27.78 4.24
CA THR A 199 -12.88 -27.66 4.45
C THR A 199 -12.19 -27.29 3.16
N ASN A 200 -10.87 -27.07 3.25
CA ASN A 200 -10.04 -26.78 2.09
C ASN A 200 -8.61 -27.37 2.33
N PRO A 201 -7.71 -27.39 1.32
CA PRO A 201 -6.39 -27.98 1.56
C PRO A 201 -5.50 -27.19 2.53
N PHE A 202 -5.91 -25.96 2.91
CA PHE A 202 -5.17 -25.14 3.87
C PHE A 202 -5.55 -25.48 5.30
N TRP A 203 -6.80 -25.92 5.53
CA TRP A 203 -7.28 -26.27 6.86
C TRP A 203 -7.06 -27.72 7.21
N THR A 204 -7.24 -28.62 6.23
CA THR A 204 -7.11 -30.06 6.40
C THR A 204 -5.84 -30.54 5.75
N ARG A 205 -4.90 -30.98 6.59
CA ARG A 205 -3.59 -31.40 6.11
C ARG A 205 -2.80 -32.08 7.21
N PRO A 206 -1.75 -32.85 6.84
CA PRO A 206 -0.85 -33.38 7.88
C PRO A 206 0.02 -32.26 8.47
N ILE A 207 0.35 -32.37 9.77
CA ILE A 207 1.25 -31.43 10.44
C ILE A 207 2.44 -32.23 11.00
N THR A 208 3.65 -31.63 11.04
CA THR A 208 4.84 -32.31 11.57
C THR A 208 4.84 -32.19 13.09
N GLY A 209 5.76 -32.87 13.75
CA GLY A 209 5.93 -32.80 15.19
C GLY A 209 6.32 -31.38 15.64
N ALA A 210 7.23 -30.71 14.92
CA ALA A 210 7.64 -29.33 15.29
C ALA A 210 6.49 -28.31 15.05
N GLU A 211 5.67 -28.53 14.00
CA GLU A 211 4.51 -27.67 13.76
C GLU A 211 3.55 -27.84 14.93
N GLU A 212 3.39 -29.09 15.41
CA GLU A 212 2.53 -29.41 16.56
C GLU A 212 3.02 -28.68 17.83
N GLY A 213 4.33 -28.56 18.03
CA GLY A 213 4.89 -27.82 19.16
C GLY A 213 4.57 -26.34 19.09
N LEU A 214 4.73 -25.73 17.88
CA LEU A 214 4.42 -24.31 17.68
C LEU A 214 2.96 -24.04 17.97
N PHE A 215 2.04 -24.92 17.49
CA PHE A 215 0.61 -24.78 17.73
C PHE A 215 0.27 -24.91 19.23
N ALA A 216 0.91 -25.86 19.93
CA ALA A 216 0.73 -26.07 21.39
C ALA A 216 1.29 -24.85 22.16
N PHE A 217 2.40 -24.26 21.68
CA PHE A 217 2.98 -23.02 22.30
C PHE A 217 1.96 -21.86 22.18
N ILE A 218 1.33 -21.73 21.01
CA ILE A 218 0.29 -20.72 20.76
C ILE A 218 -0.92 -20.96 21.68
N THR A 219 -1.40 -22.23 21.78
CA THR A 219 -2.53 -22.56 22.66
C THR A 219 -2.25 -22.11 24.11
N LEU A 220 -1.10 -22.54 24.67
CA LEU A 220 -0.72 -22.21 26.04
C LEU A 220 -0.74 -20.69 26.28
N ASN A 221 -0.10 -19.93 25.38
CA ASN A 221 -0.01 -18.48 25.52
C ASN A 221 -1.32 -17.73 25.30
N HIS A 222 -2.24 -18.31 24.50
CA HIS A 222 -3.56 -17.71 24.28
C HIS A 222 -4.43 -17.91 25.53
N LEU A 223 -4.52 -19.17 26.00
CA LEU A 223 -5.33 -19.56 27.17
C LEU A 223 -4.91 -18.87 28.46
N SER A 224 -3.59 -18.61 28.64
CA SER A 224 -3.04 -17.95 29.82
C SER A 224 -3.05 -16.41 29.70
N ARG A 225 -3.55 -15.88 28.55
CA ARG A 225 -3.65 -14.46 28.22
C ARG A 225 -2.31 -13.72 28.15
N ARG A 226 -1.23 -14.44 27.77
CA ARG A 226 0.10 -13.85 27.60
C ARG A 226 0.25 -13.38 26.15
N LEU A 227 -0.41 -14.06 25.23
CA LEU A 227 -0.38 -13.72 23.82
C LEU A 227 -1.53 -12.75 23.55
N GLY A 228 -1.19 -11.56 23.09
CA GLY A 228 -2.17 -10.53 22.76
C GLY A 228 -1.56 -9.39 21.99
N GLU A 229 -2.39 -8.59 21.31
CA GLU A 229 -1.95 -7.44 20.51
C GLU A 229 -1.22 -6.41 21.36
N ASP A 230 -1.65 -6.25 22.62
CA ASP A 230 -1.02 -5.33 23.57
C ASP A 230 0.29 -5.95 24.07
N PRO A 231 1.46 -5.29 23.83
CA PRO A 231 2.72 -5.88 24.31
C PRO A 231 2.95 -5.72 25.82
N ALA A 232 3.76 -6.60 26.40
CA ALA A 232 4.10 -6.55 27.82
C ALA A 232 5.21 -5.53 28.09
N ARG A 233 6.13 -5.35 27.13
CA ARG A 233 7.26 -4.42 27.22
C ARG A 233 7.72 -3.93 25.86
N CYS A 234 8.21 -2.67 25.81
CA CYS A 234 8.70 -2.02 24.60
C CYS A 234 10.07 -1.37 24.85
N MET A 235 10.98 -1.54 23.89
CA MET A 235 12.31 -0.93 23.92
C MET A 235 12.60 -0.20 22.61
N ILE A 236 12.97 1.09 22.73
CA ILE A 236 13.31 1.93 21.59
C ILE A 236 14.69 1.48 21.11
N ASP A 237 14.79 1.02 19.84
CA ASP A 237 16.06 0.57 19.25
C ASP A 237 16.97 1.77 18.95
N GLU A 238 18.19 1.51 18.45
CA GLU A 238 19.16 2.57 18.10
C GLU A 238 18.73 3.50 16.94
N TYR A 239 17.66 3.12 16.19
CA TYR A 239 17.11 3.91 15.09
C TYR A 239 15.81 4.65 15.48
N GLY A 240 15.49 4.66 16.77
CA GLY A 240 14.30 5.32 17.31
C GLY A 240 12.99 4.57 17.15
N VAL A 241 13.05 3.33 16.63
CA VAL A 241 11.89 2.47 16.36
C VAL A 241 11.51 1.63 17.60
N LYS A 242 10.24 1.74 18.02
CA LYS A 242 9.69 1.02 19.15
C LYS A 242 9.50 -0.47 18.80
N GLN A 243 10.28 -1.34 19.47
CA GLN A 243 10.27 -2.80 19.30
C GLN A 243 9.42 -3.35 20.44
N CYS A 244 8.43 -4.22 20.13
CA CYS A 244 7.49 -4.76 21.10
C CYS A 244 7.68 -6.26 21.43
N ARG A 245 7.23 -6.67 22.64
CA ARG A 245 7.36 -8.04 23.12
C ARG A 245 6.24 -8.40 24.10
N ASN A 246 5.72 -9.64 23.98
CA ASN A 246 4.77 -10.18 24.96
C ASN A 246 5.69 -10.98 25.93
N ASP A 247 5.19 -11.30 27.13
CA ASP A 247 5.93 -12.12 28.10
C ASP A 247 5.35 -13.52 27.95
N LEU A 248 5.88 -14.30 27.00
CA LEU A 248 5.34 -15.62 26.70
C LEU A 248 5.95 -16.73 27.54
N ALA A 249 5.18 -17.81 27.77
CA ALA A 249 5.67 -18.98 28.52
C ALA A 249 6.04 -20.07 27.52
N GLY A 250 7.09 -20.80 27.85
CA GLY A 250 7.52 -21.93 27.05
C GLY A 250 6.74 -23.17 27.40
N VAL A 251 6.86 -24.20 26.57
CA VAL A 251 6.12 -25.44 26.80
C VAL A 251 7.01 -26.64 26.63
N VAL A 252 6.84 -27.63 27.52
CA VAL A 252 7.49 -28.94 27.42
C VAL A 252 6.28 -29.89 27.35
N GLU A 253 6.01 -30.43 26.15
CA GLU A 253 4.90 -31.36 25.95
C GLU A 253 5.45 -32.74 25.61
N VAL A 254 5.24 -33.73 26.50
CA VAL A 254 5.68 -35.11 26.27
C VAL A 254 4.41 -35.92 25.94
N GLY A 255 4.16 -36.13 24.65
CA GLY A 255 3.00 -36.87 24.19
C GLY A 255 3.32 -38.33 23.96
N GLY A 256 2.32 -39.08 23.50
CA GLY A 256 2.49 -40.50 23.19
C GLY A 256 3.50 -40.76 22.08
N ALA A 257 3.49 -39.93 21.01
CA ALA A 257 4.35 -40.15 19.84
C ALA A 257 5.63 -39.31 19.76
N SER A 258 5.66 -38.14 20.40
CA SER A 258 6.84 -37.29 20.36
C SER A 258 6.79 -36.30 21.50
N ALA A 259 7.93 -35.64 21.77
CA ALA A 259 7.99 -34.59 22.77
C ALA A 259 8.43 -33.30 22.08
N GLN A 260 7.74 -32.20 22.40
CA GLN A 260 8.02 -30.87 21.87
C GLN A 260 8.47 -29.95 23.00
N ILE A 261 9.46 -29.13 22.70
CA ILE A 261 9.95 -28.07 23.58
C ILE A 261 9.97 -26.83 22.70
N VAL A 262 9.20 -25.82 23.09
CA VAL A 262 9.13 -24.55 22.37
C VAL A 262 9.18 -23.47 23.42
N PHE A 263 10.10 -22.52 23.32
CA PHE A 263 10.12 -21.42 24.27
C PHE A 263 10.69 -20.12 23.68
N PRO A 264 10.36 -18.93 24.25
CA PRO A 264 10.89 -17.67 23.69
C PRO A 264 12.41 -17.59 23.72
N LEU A 265 13.02 -17.17 22.59
CA LEU A 265 14.48 -17.02 22.48
C LEU A 265 14.89 -15.93 23.49
N GLN A 266 15.99 -16.16 24.25
CA GLN A 266 16.46 -15.19 25.25
C GLN A 266 16.68 -13.84 24.55
N GLU A 267 16.08 -12.79 25.10
CA GLU A 267 16.12 -11.44 24.57
C GLU A 267 17.56 -10.96 24.39
N GLY A 268 17.81 -10.36 23.23
CA GLY A 268 19.11 -9.82 22.87
C GLY A 268 20.11 -10.84 22.36
N THR A 269 19.66 -12.09 22.10
CA THR A 269 20.56 -13.14 21.58
C THR A 269 20.27 -13.48 20.12
N VAL A 270 21.31 -13.97 19.41
CA VAL A 270 21.26 -14.39 18.00
C VAL A 270 21.94 -15.77 17.93
N LEU A 271 21.26 -16.76 17.34
CA LEU A 271 21.79 -18.12 17.20
C LEU A 271 22.81 -18.22 16.04
N PRO A 272 23.88 -19.05 16.18
CA PRO A 272 24.87 -19.18 15.10
C PRO A 272 24.28 -19.83 13.83
N SER A 273 24.99 -19.72 12.70
CA SER A 273 24.59 -20.23 11.37
C SER A 273 24.39 -21.77 11.31
N SER A 274 24.44 -22.46 12.48
CA SER A 274 24.27 -23.91 12.59
CA SER A 274 24.27 -23.92 12.61
C SER A 274 22.84 -24.29 13.01
N VAL A 275 22.16 -23.41 13.76
CA VAL A 275 20.80 -23.57 14.27
C VAL A 275 20.02 -22.26 13.99
N ARG A 276 18.68 -22.27 14.02
CA ARG A 276 17.79 -21.12 13.68
CA ARG A 276 17.96 -21.01 13.85
C ARG A 276 16.74 -20.87 14.75
N ALA A 277 16.40 -19.60 15.05
CA ALA A 277 15.24 -19.25 15.86
C ALA A 277 14.08 -19.23 14.84
N VAL A 278 12.89 -19.64 15.29
CA VAL A 278 11.70 -19.65 14.42
C VAL A 278 10.94 -18.36 14.75
N ASN A 279 10.63 -17.54 13.75
CA ASN A 279 9.87 -16.34 13.98
C ASN A 279 8.43 -16.65 13.56
N LEU A 280 7.46 -16.53 14.51
CA LEU A 280 6.05 -16.88 14.25
C LEU A 280 5.40 -16.03 13.16
N GLN A 281 5.78 -14.74 13.05
CA GLN A 281 5.26 -13.87 11.99
C GLN A 281 5.76 -14.31 10.60
N ARG A 282 7.06 -14.65 10.50
CA ARG A 282 7.63 -15.11 9.22
C ARG A 282 7.03 -16.43 8.75
N GLU A 283 6.67 -17.30 9.70
CA GLU A 283 6.04 -18.58 9.38
C GLU A 283 4.55 -18.45 9.14
N ARG A 284 4.01 -17.21 9.25
CA ARG A 284 2.59 -16.91 9.07
C ARG A 284 1.76 -17.67 10.10
N LEU A 285 2.29 -17.77 11.33
CA LEU A 285 1.57 -18.42 12.42
C LEU A 285 0.87 -17.34 13.22
N LEU A 286 1.49 -16.14 13.35
CA LEU A 286 0.83 -14.99 13.98
C LEU A 286 0.87 -13.82 13.02
N PRO A 287 -0.17 -12.94 13.03
CA PRO A 287 -0.12 -11.76 12.15
C PRO A 287 0.88 -10.70 12.64
N GLU A 288 1.20 -9.72 11.78
CA GLU A 288 2.14 -8.61 12.04
C GLU A 288 1.74 -7.71 13.19
N ARG A 289 0.42 -7.55 13.45
CA ARG A 289 -0.08 -6.69 14.54
C ARG A 289 0.29 -7.22 15.94
N TYR A 290 0.60 -8.52 16.04
CA TYR A 290 1.01 -9.12 17.31
C TYR A 290 2.51 -8.85 17.50
N PRO A 291 3.01 -8.60 18.73
CA PRO A 291 4.45 -8.41 18.91
C PRO A 291 5.24 -9.62 18.40
N SER A 292 6.41 -9.34 17.83
CA SER A 292 7.32 -10.33 17.27
C SER A 292 7.62 -11.44 18.29
N ALA A 293 7.52 -12.70 17.87
CA ALA A 293 7.79 -13.82 18.74
C ALA A 293 8.84 -14.71 18.06
N ASP A 294 10.05 -14.79 18.65
CA ASP A 294 11.17 -15.64 18.21
C ASP A 294 11.26 -16.77 19.22
N VAL A 295 11.29 -18.01 18.71
CA VAL A 295 11.30 -19.18 19.59
C VAL A 295 12.37 -20.18 19.22
N VAL A 296 12.75 -20.96 20.22
CA VAL A 296 13.62 -22.12 20.06
C VAL A 296 12.56 -23.23 19.93
N SER A 297 12.61 -24.03 18.87
CA SER A 297 11.60 -25.07 18.66
C SER A 297 12.22 -26.40 18.37
N VAL A 298 11.90 -27.42 19.17
CA VAL A 298 12.40 -28.78 18.93
C VAL A 298 11.27 -29.80 19.09
N SER A 299 11.36 -30.88 18.34
CA SER A 299 10.42 -32.01 18.41
C SER A 299 11.23 -33.29 18.27
N PHE A 300 11.16 -34.16 19.28
CA PHE A 300 11.87 -35.44 19.27
C PHE A 300 10.94 -36.65 19.37
N MET A 301 10.86 -37.46 18.29
CA MET A 301 10.07 -38.71 18.28
C MET A 301 10.54 -39.64 19.44
N GLN A 302 11.87 -39.70 19.70
CA GLN A 302 12.46 -40.58 20.72
C GLN A 302 12.14 -40.21 22.17
N LEU A 303 11.51 -39.04 22.40
CA LEU A 303 11.14 -38.62 23.75
C LEU A 303 9.66 -38.73 24.00
N GLY A 304 8.91 -39.13 22.98
CA GLY A 304 7.49 -39.46 23.11
C GLY A 304 7.37 -40.69 24.00
N MET A 305 6.24 -40.84 24.71
CA MET A 305 6.05 -41.95 25.67
C MET A 305 6.38 -43.35 25.11
N ALA A 306 5.81 -43.72 23.96
CA ALA A 306 6.03 -45.04 23.38
C ALA A 306 7.48 -45.25 22.87
N SER A 307 7.99 -44.35 22.00
CA SER A 307 9.37 -44.49 21.48
C SER A 307 10.47 -44.43 22.54
N SER A 308 10.31 -43.59 23.60
CA SER A 308 11.33 -43.53 24.66
C SER A 308 11.39 -44.86 25.39
N ALA A 309 10.21 -45.50 25.61
CA ALA A 309 10.18 -46.82 26.26
C ALA A 309 10.95 -47.87 25.46
N GLY A 310 10.72 -47.90 24.14
CA GLY A 310 11.37 -48.81 23.22
C GLY A 310 12.85 -48.55 23.06
N LEU A 311 13.23 -47.28 22.80
CA LEU A 311 14.65 -46.96 22.64
C LEU A 311 15.43 -47.21 23.92
N PHE A 312 14.84 -46.87 25.08
CA PHE A 312 15.51 -47.11 26.37
C PHE A 312 15.93 -48.58 26.54
N LEU A 313 15.01 -49.52 26.27
CA LEU A 313 15.31 -50.96 26.35
C LEU A 313 16.38 -51.39 25.35
N LYS A 314 16.25 -50.91 24.10
CA LYS A 314 17.16 -51.23 22.99
C LYS A 314 18.60 -50.88 23.32
N GLU A 315 18.84 -49.66 23.86
CA GLU A 315 20.19 -49.23 24.21
C GLU A 315 20.67 -49.79 25.53
N LEU A 316 19.84 -49.75 26.59
CA LEU A 316 20.20 -50.29 27.91
C LEU A 316 20.59 -51.78 27.80
N CYS A 317 19.75 -52.56 27.13
CA CYS A 317 19.90 -53.99 27.04
C CYS A 317 20.92 -54.48 26.03
N SER A 318 21.72 -53.54 25.48
CA SER A 318 22.84 -53.83 24.59
C SER A 318 24.16 -53.32 25.23
N ASN A 319 24.07 -52.83 26.47
CA ASN A 319 25.18 -52.30 27.26
C ASN A 319 25.59 -53.43 28.23
N ASP A 320 26.86 -53.89 28.14
CA ASP A 320 27.36 -54.99 28.98
C ASP A 320 27.31 -54.76 30.49
N GLU A 321 27.17 -53.48 30.96
CA GLU A 321 27.00 -53.22 32.39
C GLU A 321 25.64 -53.79 32.86
N PHE A 322 24.62 -53.76 31.98
CA PHE A 322 23.25 -54.17 32.28
C PHE A 322 22.85 -55.57 31.76
N LEU A 323 23.40 -56.00 30.61
CA LEU A 323 23.13 -57.32 30.06
C LEU A 323 24.27 -58.27 30.39
N GLN A 324 23.92 -59.40 31.03
CA GLN A 324 24.85 -60.46 31.43
C GLN A 324 24.05 -61.76 31.45
N GLY A 325 24.58 -62.81 30.80
CA GLY A 325 24.01 -64.15 30.77
C GLY A 325 22.53 -64.25 30.43
N GLY A 326 22.12 -63.45 29.44
CA GLY A 326 20.74 -63.41 28.96
C GLY A 326 19.79 -62.56 29.76
N ILE A 327 20.26 -61.91 30.86
CA ILE A 327 19.43 -61.09 31.74
C ILE A 327 19.82 -59.64 31.64
N CYS A 328 18.85 -58.77 31.26
CA CYS A 328 19.06 -57.34 31.23
C CYS A 328 18.53 -56.79 32.55
N SER A 329 19.42 -56.26 33.42
CA SER A 329 19.00 -55.64 34.68
C SER A 329 18.56 -54.19 34.41
N ASN A 330 17.28 -53.87 34.62
CA ASN A 330 16.74 -52.54 34.34
C ASN A 330 16.50 -51.73 35.60
N PRO A 331 17.33 -50.68 35.87
CA PRO A 331 17.16 -49.90 37.09
C PRO A 331 15.91 -49.05 37.13
N CYS A 332 15.21 -48.88 35.98
CA CYS A 332 13.97 -48.10 35.88
C CYS A 332 12.73 -48.94 36.17
N LEU A 333 12.90 -50.28 36.32
CA LEU A 333 11.76 -51.14 36.65
C LEU A 333 11.84 -51.58 38.11
N PHE A 334 10.69 -51.82 38.77
CA PHE A 334 10.67 -52.21 40.19
C PHE A 334 11.32 -53.56 40.46
N LYS A 335 11.88 -53.70 41.66
CA LYS A 335 12.39 -54.98 42.16
C LYS A 335 11.13 -55.90 42.25
N GLY A 336 11.25 -57.11 41.75
CA GLY A 336 10.14 -58.06 41.77
C GLY A 336 9.38 -58.13 40.46
N PHE A 337 9.68 -57.19 39.52
CA PHE A 337 9.05 -57.17 38.20
C PHE A 337 10.01 -57.74 37.18
N GLN A 338 9.48 -58.54 36.25
CA GLN A 338 10.24 -59.04 35.11
C GLN A 338 9.37 -59.25 33.87
N GLN A 339 10.00 -59.26 32.69
CA GLN A 339 9.29 -59.46 31.44
C GLN A 339 10.21 -60.08 30.42
N SER A 340 9.64 -60.62 29.33
CA SER A 340 10.38 -61.13 28.18
C SER A 340 11.14 -59.96 27.55
N CYS A 341 12.34 -60.24 27.05
CA CYS A 341 13.22 -59.22 26.50
C CYS A 341 12.90 -58.81 25.08
N SER A 342 12.15 -57.71 24.93
CA SER A 342 11.80 -57.14 23.63
C SER A 342 11.14 -55.80 23.89
N ALA A 343 10.93 -54.96 22.84
CA ALA A 343 10.24 -53.68 23.01
C ALA A 343 8.76 -53.79 22.68
N GLY A 344 8.26 -55.02 22.63
CA GLY A 344 6.85 -55.26 22.40
C GLY A 344 6.00 -54.65 23.50
N GLU A 345 4.79 -54.24 23.13
CA GLU A 345 3.83 -53.68 24.08
C GLU A 345 3.59 -54.64 25.26
N VAL A 346 3.64 -54.09 26.46
CA VAL A 346 3.50 -54.86 27.71
C VAL A 346 2.10 -54.76 28.31
N GLU A 347 1.53 -55.93 28.66
CA GLU A 347 0.30 -56.01 29.41
C GLU A 347 0.63 -56.68 30.74
N VAL A 348 0.31 -56.00 31.86
CA VAL A 348 0.48 -56.60 33.19
C VAL A 348 -0.80 -57.43 33.40
N ARG A 349 -0.65 -58.75 33.49
CA ARG A 349 -1.74 -59.71 33.66
C ARG A 349 -2.33 -59.64 35.08
N PRO A 350 -3.61 -60.08 35.30
CA PRO A 350 -4.16 -60.06 36.67
C PRO A 350 -3.33 -60.75 37.74
N ASP A 351 -2.46 -61.70 37.37
CA ASP A 351 -1.61 -62.44 38.31
C ASP A 351 -0.24 -61.81 38.60
N GLY A 352 0.11 -60.74 37.89
CA GLY A 352 1.37 -60.04 38.09
C GLY A 352 2.43 -60.30 37.06
N SER A 353 2.21 -61.33 36.22
CA SER A 353 3.17 -61.69 35.17
C SER A 353 2.97 -60.68 34.04
N ALA A 354 3.94 -60.57 33.13
CA ALA A 354 3.87 -59.62 32.03
C ALA A 354 3.71 -60.31 30.67
N SER A 355 2.73 -59.86 29.88
CA SER A 355 2.49 -60.40 28.54
C SER A 355 3.13 -59.39 27.56
N VAL A 356 4.13 -59.82 26.80
CA VAL A 356 4.83 -58.97 25.85
C VAL A 356 4.40 -59.37 24.43
N ASN A 357 3.69 -58.44 23.75
CA ASN A 357 3.17 -58.67 22.41
C ASN A 357 4.30 -58.72 21.39
N GLU A 358 4.36 -59.76 20.55
CA GLU A 358 5.42 -59.86 19.55
C GLU A 358 5.01 -59.28 18.18
N ASP A 359 3.72 -58.88 18.00
CA ASP A 359 3.19 -58.26 16.76
C ASP A 359 4.08 -57.06 16.42
N VAL A 360 4.66 -57.05 15.21
CA VAL A 360 5.53 -55.96 14.73
C VAL A 360 4.89 -54.59 14.84
N ARG A 361 3.55 -54.51 14.67
CA ARG A 361 2.80 -53.24 14.75
C ARG A 361 2.61 -52.77 16.18
N LYS A 362 2.77 -53.64 17.18
CA LYS A 362 2.63 -53.24 18.58
C LYS A 362 4.00 -52.98 19.23
N ASN A 363 5.10 -53.21 18.49
CA ASN A 363 6.44 -52.99 19.02
C ASN A 363 6.67 -51.49 19.21
N ARG A 364 7.08 -51.06 20.44
CA ARG A 364 7.33 -49.66 20.74
CA ARG A 364 7.35 -49.66 20.75
C ARG A 364 8.46 -49.06 19.88
N LEU A 365 9.33 -49.93 19.29
CA LEU A 365 10.42 -49.49 18.41
C LEU A 365 9.97 -49.33 16.95
N LYS A 366 8.74 -49.78 16.60
CA LYS A 366 8.25 -49.68 15.21
C LYS A 366 8.35 -48.27 14.55
N PRO A 367 7.90 -47.17 15.18
CA PRO A 367 8.09 -45.85 14.54
C PRO A 367 9.57 -45.47 14.33
N LEU A 368 10.46 -45.72 15.32
CA LEU A 368 11.89 -45.38 15.15
C LEU A 368 12.57 -46.26 14.10
N ALA A 369 12.21 -47.56 14.04
CA ALA A 369 12.76 -48.51 13.05
C ALA A 369 12.32 -48.13 11.61
N THR A 370 11.07 -47.68 11.44
CA THR A 370 10.54 -47.26 10.13
C THR A 370 11.24 -45.97 9.71
N TYR A 371 11.49 -45.09 10.67
CA TYR A 371 12.22 -43.84 10.43
C TYR A 371 13.69 -44.16 10.03
N CYS A 372 14.38 -45.01 10.81
CA CYS A 372 15.79 -45.39 10.60
C CYS A 372 15.90 -46.53 9.58
N SER A 373 15.58 -46.21 8.32
CA SER A 373 15.52 -47.17 7.22
C SER A 373 16.02 -46.57 5.92
N VAL A 374 16.55 -47.43 5.00
CA VAL A 374 16.98 -47.05 3.65
C VAL A 374 15.76 -46.60 2.79
N ASN A 375 14.53 -47.11 3.12
CA ASN A 375 13.28 -46.75 2.45
C ASN A 375 12.80 -45.33 2.83
N ASN A 376 13.44 -44.72 3.83
CA ASN A 376 13.10 -43.37 4.25
C ASN A 376 14.03 -42.39 3.55
N PRO A 377 13.49 -41.51 2.65
CA PRO A 377 14.34 -40.52 1.98
C PRO A 377 15.06 -39.59 2.95
N GLU A 378 14.44 -39.32 4.11
CA GLU A 378 14.98 -38.45 5.16
C GLU A 378 16.37 -38.85 5.65
N ILE A 379 16.66 -40.16 5.65
CA ILE A 379 17.97 -40.67 6.09
C ILE A 379 19.09 -40.26 5.12
N SER A 380 18.80 -40.26 3.83
CA SER A 380 19.76 -39.82 2.82
C SER A 380 19.87 -38.26 2.71
N PHE A 381 19.03 -37.49 3.43
CA PHE A 381 19.04 -36.00 3.42
C PHE A 381 20.30 -35.36 4.02
N LYS A 382 21.08 -36.12 4.83
CA LYS A 382 22.28 -35.68 5.56
C LYS A 382 23.18 -36.91 5.74
N VAL A 383 24.47 -36.77 5.42
CA VAL A 383 25.44 -37.88 5.48
C VAL A 383 25.48 -38.61 6.84
N THR A 384 25.53 -37.88 7.96
CA THR A 384 25.59 -38.49 9.30
C THR A 384 24.36 -39.24 9.76
N ASN A 385 23.20 -39.02 9.12
CA ASN A 385 21.94 -39.66 9.54
C ASN A 385 21.99 -41.16 9.73
N GLU A 386 22.53 -41.88 8.74
CA GLU A 386 22.60 -43.37 8.84
C GLU A 386 23.44 -43.83 10.06
N MET A 387 24.57 -43.14 10.29
CA MET A 387 25.46 -43.39 11.41
C MET A 387 24.74 -43.04 12.73
N GLN A 388 23.97 -41.96 12.75
CA GLN A 388 23.24 -41.55 13.97
C GLN A 388 22.19 -42.57 14.38
N CYS A 389 21.59 -43.23 13.40
CA CYS A 389 20.62 -44.31 13.63
C CYS A 389 21.37 -45.54 14.19
N ARG A 390 22.36 -46.07 13.43
CA ARG A 390 23.13 -47.27 13.82
CA ARG A 390 23.14 -47.27 13.82
C ARG A 390 23.76 -47.20 15.21
N GLU A 391 24.38 -46.06 15.54
CA GLU A 391 25.03 -45.86 16.85
C GLU A 391 24.05 -45.75 18.02
N ASN A 392 22.76 -45.57 17.72
CA ASN A 392 21.69 -45.58 18.71
C ASN A 392 20.93 -46.93 18.71
N SER A 393 21.58 -47.96 18.16
CA SER A 393 21.09 -49.34 18.10
C SER A 393 19.84 -49.56 17.22
N ILE A 394 19.67 -48.72 16.19
CA ILE A 394 18.57 -48.88 15.22
C ILE A 394 19.26 -48.85 13.86
N ASP A 395 19.71 -50.01 13.42
CA ASP A 395 20.52 -50.19 12.23
C ASP A 395 19.75 -50.21 10.90
N PRO A 396 19.89 -49.17 10.04
CA PRO A 396 19.17 -49.18 8.75
C PRO A 396 19.52 -50.33 7.83
N THR A 397 20.70 -50.96 8.01
CA THR A 397 21.16 -52.08 7.18
C THR A 397 20.43 -53.40 7.55
N LYS A 398 19.89 -53.49 8.79
CA LYS A 398 19.19 -54.69 9.24
C LYS A 398 17.74 -54.75 8.76
N PRO A 399 17.22 -55.95 8.34
CA PRO A 399 15.79 -56.05 8.02
C PRO A 399 14.96 -55.70 9.27
N LEU A 400 13.72 -55.20 9.08
CA LEU A 400 12.84 -54.72 10.15
C LEU A 400 12.82 -55.51 11.48
N ALA A 401 12.48 -56.81 11.45
CA ALA A 401 12.43 -57.67 12.64
C ALA A 401 13.79 -57.68 13.37
N GLU A 402 14.88 -57.89 12.62
CA GLU A 402 16.26 -57.89 13.14
C GLU A 402 16.66 -56.53 13.70
N ARG A 403 16.19 -55.43 13.07
CA ARG A 403 16.48 -54.05 13.48
C ARG A 403 15.94 -53.76 14.88
N MET A 404 14.78 -54.33 15.22
CA MET A 404 14.12 -54.14 16.52
C MET A 404 14.47 -55.19 17.56
N LYS A 405 15.15 -56.26 17.16
CA LYS A 405 15.51 -57.34 18.08
C LYS A 405 16.57 -56.95 19.13
N ILE A 406 16.32 -57.29 20.41
CA ILE A 406 17.33 -57.08 21.45
C ILE A 406 18.04 -58.42 21.49
N GLU A 407 19.27 -58.47 20.98
CA GLU A 407 20.08 -59.69 20.85
C GLU A 407 20.60 -60.24 22.17
N ASN A 408 20.78 -61.57 22.23
CA ASN A 408 21.37 -62.30 23.38
C ASN A 408 20.74 -61.91 24.72
N CYS A 409 19.41 -61.71 24.71
CA CYS A 409 18.68 -61.27 25.86
C CYS A 409 17.35 -62.03 25.92
N SER A 410 17.09 -62.68 27.05
CA SER A 410 15.87 -63.46 27.27
C SER A 410 14.88 -62.75 28.19
N ILE A 411 15.38 -62.19 29.31
CA ILE A 411 14.55 -61.53 30.32
C ILE A 411 15.07 -60.16 30.73
N ILE A 412 14.14 -59.22 30.98
CA ILE A 412 14.42 -57.90 31.51
C ILE A 412 13.92 -57.96 32.94
N LYS A 413 14.79 -57.67 33.89
CA LYS A 413 14.48 -57.74 35.31
C LYS A 413 14.67 -56.39 35.96
N GLY A 414 13.69 -55.96 36.75
CA GLY A 414 13.79 -54.69 37.46
C GLY A 414 14.75 -54.69 38.63
N THR A 415 15.53 -53.60 38.80
CA THR A 415 16.43 -53.50 39.95
C THR A 415 16.10 -52.29 40.84
N GLY A 416 15.09 -51.49 40.43
CA GLY A 416 14.61 -50.31 41.16
C GLY A 416 15.70 -49.42 41.74
N ASN A 417 16.64 -48.99 40.90
CA ASN A 417 17.76 -48.14 41.37
C ASN A 417 17.61 -46.78 40.71
N PHE A 418 16.90 -45.85 41.37
CA PHE A 418 16.59 -44.55 40.78
C PHE A 418 17.79 -43.75 40.24
N ASP A 419 18.89 -43.69 41.00
CA ASP A 419 20.07 -42.96 40.51
C ASP A 419 20.68 -43.56 39.24
N LYS A 420 20.66 -44.90 39.11
CA LYS A 420 21.17 -45.56 37.90
C LYS A 420 20.18 -45.35 36.77
N CYS A 421 18.87 -45.35 37.08
CA CYS A 421 17.83 -45.06 36.09
C CYS A 421 18.09 -43.65 35.52
N VAL A 422 18.33 -42.65 36.39
CA VAL A 422 18.62 -41.26 35.94
C VAL A 422 19.87 -41.22 35.05
N SER A 423 20.96 -41.91 35.45
CA SER A 423 22.21 -41.88 34.67
C SER A 423 22.01 -42.49 33.27
N GLN A 424 21.17 -43.54 33.14
CA GLN A 424 20.86 -44.16 31.86
C GLN A 424 19.95 -43.30 31.01
N VAL A 425 19.00 -42.60 31.65
CA VAL A 425 18.13 -41.65 30.94
C VAL A 425 19.00 -40.52 30.37
N GLU A 426 19.99 -40.06 31.13
CA GLU A 426 20.98 -39.07 30.66
C GLU A 426 21.74 -39.61 29.42
N SER A 427 22.30 -40.83 29.51
CA SER A 427 23.07 -41.46 28.42
C SER A 427 22.28 -41.77 27.16
N ILE A 428 21.03 -42.23 27.30
CA ILE A 428 20.26 -42.66 26.15
C ILE A 428 19.33 -41.59 25.61
N LEU A 429 18.60 -40.92 26.49
CA LEU A 429 17.57 -39.99 26.07
C LEU A 429 17.88 -38.51 26.07
N VAL A 430 18.48 -38.02 27.17
CA VAL A 430 18.63 -36.57 27.36
C VAL A 430 19.94 -35.98 26.81
N ALA A 431 21.06 -36.62 27.14
CA ALA A 431 22.39 -36.14 26.73
C ALA A 431 23.18 -37.28 26.10
N PRO A 432 22.61 -37.94 25.04
CA PRO A 432 23.36 -39.03 24.38
C PRO A 432 24.64 -38.49 23.76
N LYS A 433 25.71 -39.32 23.72
CA LYS A 433 27.00 -38.96 23.12
C LYS A 433 26.75 -38.60 21.64
N LEU A 434 25.90 -39.38 20.97
CA LEU A 434 25.51 -39.10 19.59
C LEU A 434 23.99 -39.25 19.46
N PRO A 435 23.25 -38.14 19.30
CA PRO A 435 21.79 -38.25 19.22
C PRO A 435 21.29 -38.87 17.91
N LEU A 436 20.04 -39.35 17.93
CA LEU A 436 19.34 -39.83 16.75
C LEU A 436 19.20 -38.62 15.78
N PRO A 437 19.07 -38.83 14.47
CA PRO A 437 19.02 -37.68 13.58
C PRO A 437 17.68 -36.97 13.57
N ALA A 438 17.72 -35.64 13.39
CA ALA A 438 16.51 -34.85 13.23
C ALA A 438 16.85 -33.78 12.21
N ASN A 439 16.36 -33.93 10.98
CA ASN A 439 16.61 -32.93 9.95
C ASN A 439 15.84 -31.66 10.28
N ILE A 440 16.48 -30.51 10.11
CA ILE A 440 15.81 -29.22 10.33
C ILE A 440 14.62 -29.06 9.36
N GLU A 441 13.64 -28.29 9.76
CA GLU A 441 12.47 -27.94 8.94
C GLU A 441 12.11 -26.49 9.27
N ALA A 442 11.25 -25.84 8.46
CA ALA A 442 10.84 -24.45 8.68
C ALA A 442 10.35 -24.19 10.14
N ALA A 443 9.68 -25.17 10.75
CA ALA A 443 9.11 -25.07 12.10
C ALA A 443 10.08 -25.45 13.23
N SER A 444 11.33 -25.84 12.91
CA SER A 444 12.26 -26.27 13.95
C SER A 444 13.59 -25.50 13.95
N SER A 445 14.31 -25.54 15.07
CA SER A 445 15.61 -24.87 15.28
C SER A 445 16.87 -25.61 14.79
N GLY A 446 16.80 -26.94 14.65
CA GLY A 446 17.93 -27.74 14.17
C GLY A 446 18.70 -28.49 15.24
N PHE A 447 18.33 -28.30 16.51
CA PHE A 447 18.97 -29.05 17.62
C PHE A 447 18.52 -30.53 17.54
N GLU A 448 19.39 -31.47 17.92
CA GLU A 448 19.02 -32.88 17.88
C GLU A 448 19.01 -33.49 19.28
N SER A 449 19.37 -32.68 20.29
CA SER A 449 19.46 -33.11 21.67
C SER A 449 18.95 -32.06 22.65
N VAL A 450 18.25 -32.52 23.70
CA VAL A 450 17.77 -31.65 24.79
C VAL A 450 18.98 -30.99 25.48
N ASP A 451 20.07 -31.76 25.72
CA ASP A 451 21.31 -31.27 26.35
C ASP A 451 21.80 -29.99 25.65
N GLN A 452 21.80 -29.99 24.31
CA GLN A 452 22.27 -28.87 23.50
C GLN A 452 21.36 -27.63 23.65
N VAL A 453 20.05 -27.86 23.76
CA VAL A 453 19.06 -26.78 23.90
C VAL A 453 19.34 -25.93 25.14
N PHE A 454 19.46 -26.56 26.31
CA PHE A 454 19.68 -25.80 27.53
C PHE A 454 21.11 -25.33 27.76
N ARG A 455 22.11 -26.02 27.16
CA ARG A 455 23.50 -25.58 27.28
C ARG A 455 23.77 -24.35 26.44
N PHE A 456 23.10 -24.23 25.28
CA PHE A 456 23.45 -23.15 24.35
C PHE A 456 22.36 -22.15 24.06
N ALA A 457 21.10 -22.46 24.43
CA ALA A 457 20.00 -21.55 24.11
C ALA A 457 19.00 -21.43 25.26
N SER A 458 19.47 -21.50 26.53
CA SER A 458 18.63 -21.35 27.73
C SER A 458 17.94 -19.96 27.75
N SER A 459 16.76 -19.88 28.37
CA SER A 459 15.96 -18.65 28.46
C SER A 459 15.40 -18.46 29.88
N THR A 460 15.05 -17.19 30.25
CA THR A 460 14.43 -16.85 31.55
C THR A 460 12.90 -17.00 31.48
N ALA A 461 12.35 -17.27 30.28
CA ALA A 461 10.90 -17.45 30.10
C ALA A 461 10.39 -18.56 31.02
N PRO A 462 9.22 -18.39 31.68
CA PRO A 462 8.71 -19.49 32.52
C PRO A 462 8.38 -20.71 31.66
N MET A 463 8.37 -21.91 32.27
CA MET A 463 8.09 -23.14 31.52
C MET A 463 6.93 -23.94 32.09
N ILE A 464 6.09 -24.44 31.18
CA ILE A 464 4.94 -25.27 31.53
C ILE A 464 5.17 -26.67 31.01
N VAL A 465 5.11 -27.65 31.93
CA VAL A 465 5.24 -29.08 31.62
C VAL A 465 3.83 -29.65 31.42
N THR A 466 3.62 -30.35 30.31
CA THR A 466 2.33 -30.96 29.97
C THR A 466 2.55 -32.37 29.46
N GLY A 467 1.49 -33.16 29.47
CA GLY A 467 1.52 -34.54 29.01
C GLY A 467 1.11 -35.47 30.14
N GLY A 468 0.22 -36.42 29.81
CA GLY A 468 -0.32 -37.40 30.75
C GLY A 468 0.69 -38.14 31.61
N GLY A 469 1.74 -38.67 31.00
CA GLY A 469 2.80 -39.38 31.72
C GLY A 469 3.61 -38.47 32.65
N MET A 470 3.92 -37.24 32.20
CA MET A 470 4.68 -36.26 33.01
C MET A 470 3.86 -35.89 34.26
N LEU A 471 2.56 -35.69 34.07
CA LEU A 471 1.64 -35.35 35.17
C LEU A 471 1.40 -36.56 36.10
N ALA A 472 1.30 -37.79 35.55
CA ALA A 472 1.12 -38.99 36.38
C ALA A 472 2.35 -39.24 37.27
N ALA A 473 3.58 -38.92 36.77
CA ALA A 473 4.82 -39.06 37.54
C ALA A 473 4.78 -38.15 38.80
N ILE A 474 4.36 -36.88 38.64
CA ILE A 474 4.25 -35.95 39.78
C ILE A 474 3.09 -36.32 40.71
N ASN A 475 1.89 -36.57 40.14
CA ASN A 475 0.68 -36.93 40.91
C ASN A 475 0.82 -38.18 41.74
N THR A 476 1.56 -39.18 41.24
CA THR A 476 1.81 -40.42 41.97
C THR A 476 2.56 -40.14 43.29
N LEU A 477 3.61 -39.31 43.21
CA LEU A 477 4.45 -38.94 44.34
C LEU A 477 3.68 -38.07 45.34
N LYS A 478 2.85 -37.14 44.84
CA LYS A 478 1.99 -36.33 45.72
C LYS A 478 0.97 -37.21 46.45
N ASP A 479 0.34 -38.16 45.73
CA ASP A 479 -0.67 -39.07 46.30
C ASP A 479 -0.13 -39.95 47.44
N HIS A 480 1.16 -40.31 47.38
CA HIS A 480 1.80 -41.05 48.46
C HIS A 480 2.38 -40.12 49.54
N ARG A 481 2.17 -38.78 49.42
CA ARG A 481 2.70 -37.74 50.33
C ARG A 481 4.26 -37.74 50.37
N LEU A 482 4.90 -38.08 49.25
CA LEU A 482 6.37 -38.10 49.10
C LEU A 482 6.84 -36.74 48.58
N LEU A 483 5.92 -35.98 47.96
CA LEU A 483 6.13 -34.61 47.47
C LEU A 483 4.96 -33.80 48.03
N ARG A 484 5.19 -32.53 48.30
CA ARG A 484 4.15 -31.63 48.75
C ARG A 484 3.26 -31.28 47.58
N SER A 485 1.99 -30.97 47.89
CA SER A 485 0.98 -30.60 46.91
C SER A 485 1.40 -29.31 46.16
N ASP A 486 2.16 -28.44 46.82
CA ASP A 486 2.63 -27.18 46.25
C ASP A 486 4.02 -27.26 45.60
N PHE A 487 4.51 -28.50 45.33
CA PHE A 487 5.78 -28.75 44.64
C PHE A 487 5.92 -27.80 43.45
N SER A 488 7.06 -27.08 43.38
CA SER A 488 7.30 -26.09 42.33
C SER A 488 8.52 -26.35 41.47
N GLY A 489 9.06 -27.56 41.48
CA GLY A 489 10.18 -27.89 40.61
C GLY A 489 11.54 -28.18 41.20
N ASP A 490 11.71 -28.09 42.55
CA ASP A 490 13.00 -28.38 43.21
C ASP A 490 13.49 -29.79 42.83
N VAL A 491 14.64 -29.86 42.15
CA VAL A 491 15.22 -31.11 41.63
C VAL A 491 15.43 -32.14 42.74
N GLU A 492 16.04 -31.70 43.86
CA GLU A 492 16.35 -32.58 44.97
C GLU A 492 15.15 -33.10 45.75
N GLU A 493 14.07 -32.28 45.88
CA GLU A 493 12.85 -32.76 46.52
C GLU A 493 12.26 -33.87 45.60
N LEU A 494 12.25 -33.64 44.28
CA LEU A 494 11.73 -34.64 43.33
C LEU A 494 12.55 -35.96 43.35
N ALA A 495 13.88 -35.84 43.25
CA ALA A 495 14.78 -37.01 43.19
C ALA A 495 14.65 -37.86 44.46
N GLU A 496 14.55 -37.20 45.65
CA GLU A 496 14.40 -37.90 46.94
C GLU A 496 13.06 -38.67 47.00
N ALA A 497 11.96 -38.06 46.50
CA ALA A 497 10.64 -38.69 46.47
C ALA A 497 10.64 -39.90 45.54
N ALA A 498 11.17 -39.72 44.32
CA ALA A 498 11.21 -40.76 43.29
C ALA A 498 12.15 -41.90 43.72
N ARG A 499 13.29 -41.58 44.36
CA ARG A 499 14.22 -42.62 44.86
C ARG A 499 13.47 -43.61 45.79
N GLU A 500 12.67 -43.06 46.71
CA GLU A 500 11.88 -43.84 47.67
C GLU A 500 10.81 -44.65 46.95
N PHE A 501 9.99 -43.99 46.09
CA PHE A 501 8.94 -44.68 45.33
C PHE A 501 9.50 -45.77 44.43
N CYS A 502 10.59 -45.43 43.74
CA CYS A 502 11.20 -46.35 42.79
C CYS A 502 11.94 -47.54 43.38
N SER A 503 12.16 -47.49 44.73
CA SER A 503 12.77 -48.58 45.48
C SER A 503 11.71 -49.57 45.98
N SER A 504 10.42 -49.36 45.61
CA SER A 504 9.30 -50.26 45.97
C SER A 504 9.46 -51.69 45.43
N GLU A 505 8.90 -52.65 46.15
CA GLU A 505 8.87 -54.05 45.73
C GLU A 505 7.53 -54.33 45.12
N VAL A 506 7.49 -55.14 44.04
CA VAL A 506 6.25 -55.61 43.47
C VAL A 506 5.88 -56.87 44.29
N ILE A 507 4.68 -56.87 44.89
CA ILE A 507 4.19 -57.97 45.72
C ILE A 507 2.90 -58.52 45.09
N ILE A 508 2.80 -59.85 45.00
CA ILE A 508 1.58 -60.46 44.48
C ILE A 508 0.59 -60.78 45.60
N ARG A 509 -0.47 -59.97 45.68
CA ARG A 509 -1.52 -60.12 46.67
C ARG A 509 -2.68 -60.91 46.04
N THR A 510 -3.68 -61.27 46.86
CA THR A 510 -4.88 -62.04 46.45
C THR A 510 -5.59 -61.39 45.26
N ASP A 511 -5.75 -60.06 45.28
CA ASP A 511 -6.45 -59.32 44.22
C ASP A 511 -5.57 -58.86 43.06
N GLY A 512 -4.29 -59.25 43.07
CA GLY A 512 -3.36 -58.88 42.03
C GLY A 512 -2.06 -58.23 42.49
N PRO A 513 -1.21 -57.80 41.51
CA PRO A 513 0.11 -57.24 41.86
C PRO A 513 0.01 -55.83 42.41
N VAL A 514 0.86 -55.54 43.40
CA VAL A 514 0.88 -54.27 44.11
C VAL A 514 2.31 -53.74 44.15
N ILE A 515 2.45 -52.42 44.07
CA ILE A 515 3.73 -51.69 44.23
C ILE A 515 3.71 -51.39 45.76
N GLN A 516 4.59 -52.03 46.53
CA GLN A 516 4.68 -51.84 47.98
C GLN A 516 5.83 -50.90 48.32
N LEU A 517 5.50 -49.70 48.76
CA LEU A 517 6.51 -48.70 49.11
C LEU A 517 7.33 -49.17 50.31
N PRO A 518 8.63 -48.83 50.41
CA PRO A 518 9.42 -49.31 51.57
C PRO A 518 9.01 -48.60 52.87
N ASN A 519 9.50 -49.12 54.02
CA ASN A 519 9.27 -48.59 55.37
C ASN A 519 7.76 -48.45 55.70
N ALA A 520 6.93 -49.40 55.20
CA ALA A 520 5.47 -49.45 55.36
C ALA A 520 4.71 -48.14 54.98
N ARG A 521 5.24 -47.40 53.98
CA ARG A 521 4.71 -46.13 53.49
C ARG A 521 3.38 -46.21 52.76
N GLY A 522 2.97 -47.41 52.36
CA GLY A 522 1.72 -47.60 51.65
C GLY A 522 1.89 -48.40 50.37
N GLU A 523 0.81 -48.52 49.61
CA GLU A 523 0.82 -49.31 48.39
C GLU A 523 -0.13 -48.82 47.32
N GLN A 524 0.06 -49.34 46.10
CA GLN A 524 -0.83 -49.07 44.97
C GLN A 524 -0.80 -50.24 44.01
N LYS A 525 -1.87 -50.40 43.23
CA LYS A 525 -1.94 -51.49 42.26
C LYS A 525 -0.94 -51.28 41.12
N LEU A 526 -0.26 -52.35 40.71
CA LEU A 526 0.65 -52.36 39.55
C LEU A 526 -0.24 -52.59 38.31
N ASN A 527 -0.01 -51.83 37.23
CA ASN A 527 -0.80 -52.07 36.02
C ASN A 527 0.04 -51.77 34.77
N SER A 528 -0.52 -52.03 33.58
CA SER A 528 0.14 -51.80 32.30
C SER A 528 0.51 -50.33 32.04
N LEU A 529 -0.14 -49.38 32.74
CA LEU A 529 0.15 -47.96 32.54
C LEU A 529 1.15 -47.36 33.54
N ASN A 530 1.41 -48.03 34.69
CA ASN A 530 2.30 -47.48 35.70
C ASN A 530 3.57 -48.30 35.99
N PHE A 531 3.67 -49.58 35.51
CA PHE A 531 4.82 -50.45 35.80
C PHE A 531 6.20 -49.82 35.47
N ASP A 532 6.24 -48.93 34.47
CA ASP A 532 7.49 -48.32 34.03
C ASP A 532 7.52 -46.81 34.28
N LEU A 533 6.66 -46.32 35.19
CA LEU A 533 6.57 -44.89 35.51
C LEU A 533 7.90 -44.27 36.03
N CYS A 534 8.78 -45.05 36.68
CA CYS A 534 10.06 -44.51 37.13
C CYS A 534 10.94 -43.90 36.05
N LYS A 535 10.88 -44.41 34.83
CA LYS A 535 11.63 -43.85 33.70
C LYS A 535 11.16 -42.40 33.40
N THR A 536 9.85 -42.15 33.53
CA THR A 536 9.29 -40.79 33.36
C THR A 536 9.71 -39.89 34.52
N MET A 537 9.74 -40.44 35.76
CA MET A 537 10.24 -39.66 36.91
C MET A 537 11.70 -39.27 36.65
N ALA A 538 12.51 -40.23 36.13
CA ALA A 538 13.94 -40.00 35.84
C ALA A 538 14.14 -38.97 34.74
N LEU A 539 13.26 -39.01 33.72
CA LEU A 539 13.27 -38.01 32.62
C LEU A 539 12.99 -36.60 33.20
N THR A 540 12.04 -36.50 34.14
CA THR A 540 11.69 -35.22 34.76
C THR A 540 12.88 -34.66 35.56
N VAL A 541 13.55 -35.52 36.39
CA VAL A 541 14.73 -35.11 37.16
C VAL A 541 15.81 -34.60 36.20
N SER A 542 16.08 -35.36 35.15
CA SER A 542 17.09 -35.01 34.14
C SER A 542 16.76 -33.69 33.45
N LEU A 543 15.51 -33.52 32.97
CA LEU A 543 15.14 -32.26 32.31
C LEU A 543 15.30 -31.06 33.25
N LEU A 544 14.88 -31.22 34.51
CA LEU A 544 15.01 -30.15 35.53
C LEU A 544 16.46 -29.81 35.85
N ARG A 545 17.36 -30.82 35.88
CA ARG A 545 18.79 -30.59 36.10
C ARG A 545 19.39 -29.79 34.96
N HIS A 546 19.07 -30.19 33.71
CA HIS A 546 19.55 -29.47 32.51
C HIS A 546 19.05 -28.04 32.47
N MET A 547 17.77 -27.83 32.79
CA MET A 547 17.23 -26.46 32.84
C MET A 547 17.89 -25.59 33.94
N ALA A 548 18.12 -26.19 35.14
CA ALA A 548 18.72 -25.50 36.29
C ALA A 548 20.18 -25.12 36.03
N ALA A 549 20.91 -25.88 35.18
CA ALA A 549 22.31 -25.62 34.86
C ALA A 549 22.47 -24.65 33.67
N GLY A 550 21.35 -24.26 33.04
CA GLY A 550 21.38 -23.28 31.95
C GLY A 550 21.87 -21.92 32.42
N GLU A 551 22.54 -21.16 31.52
CA GLU A 551 23.05 -19.82 31.84
C GLU A 551 21.88 -18.94 32.32
N ASN A 552 20.70 -19.10 31.69
CA ASN A 552 19.45 -18.46 32.08
C ASN A 552 18.53 -19.55 32.59
N GLN A 553 17.82 -19.27 33.69
CA GLN A 553 16.90 -20.25 34.27
CA GLN A 553 16.90 -20.28 34.23
C GLN A 553 15.45 -19.79 34.10
N PRO A 554 14.49 -20.71 33.79
CA PRO A 554 13.08 -20.26 33.68
C PRO A 554 12.65 -19.56 34.96
N SER A 555 11.86 -18.45 34.85
CA SER A 555 11.41 -17.69 36.02
C SER A 555 10.62 -18.58 36.99
N PHE A 556 9.91 -19.57 36.45
CA PHE A 556 9.22 -20.60 37.22
C PHE A 556 8.93 -21.79 36.31
N ILE A 557 8.59 -22.93 36.93
CA ILE A 557 8.25 -24.18 36.22
C ILE A 557 7.01 -24.70 36.88
N LYS A 558 6.00 -25.07 36.07
CA LYS A 558 4.70 -25.56 36.55
C LYS A 558 4.22 -26.71 35.70
N TRP A 559 3.52 -27.67 36.34
CA TRP A 559 2.93 -28.84 35.70
C TRP A 559 1.43 -28.55 35.54
N GLU A 560 0.93 -28.59 34.31
CA GLU A 560 -0.47 -28.24 34.09
C GLU A 560 -1.19 -29.23 33.21
N LYS A 561 -2.43 -29.55 33.58
CA LYS A 561 -3.35 -30.41 32.82
C LYS A 561 -4.29 -29.47 32.05
N SER A 562 -4.60 -28.29 32.64
CA SER A 562 -5.50 -27.28 32.05
C SER A 562 -5.19 -25.85 32.55
N ILE A 563 -5.77 -24.83 31.88
CA ILE A 563 -5.64 -23.40 32.21
C ILE A 563 -7.05 -22.84 32.34
N ALA A 564 -7.38 -22.23 33.49
CA ALA A 564 -8.70 -21.63 33.77
C ALA A 564 -8.96 -20.42 32.90
N GLY A 565 -10.19 -20.33 32.38
CA GLY A 565 -10.64 -19.24 31.53
C GLY A 565 -10.76 -17.89 32.25
N PRO A 566 -11.02 -16.78 31.50
CA PRO A 566 -11.14 -15.46 32.15
C PRO A 566 -12.29 -15.37 33.15
N ASP A 567 -13.38 -16.12 32.88
CA ASP A 567 -14.57 -16.19 33.70
C ASP A 567 -14.79 -17.62 34.26
N GLY A 568 -13.81 -18.08 35.04
CA GLY A 568 -13.84 -19.38 35.71
C GLY A 568 -13.32 -20.52 34.89
N LYS A 569 -14.23 -21.45 34.51
CA LYS A 569 -13.97 -22.69 33.77
C LYS A 569 -13.02 -22.56 32.56
N PRO A 570 -12.12 -23.57 32.31
CA PRO A 570 -11.23 -23.48 31.15
C PRO A 570 -12.03 -23.41 29.86
N LEU A 571 -11.70 -22.46 28.99
CA LEU A 571 -12.40 -22.30 27.73
C LEU A 571 -12.13 -23.46 26.78
N ALA A 572 -10.88 -23.95 26.77
CA ALA A 572 -10.46 -25.05 25.90
C ALA A 572 -9.28 -25.82 26.53
N ASP A 573 -8.86 -26.94 25.89
CA ASP A 573 -7.76 -27.77 26.39
C ASP A 573 -6.37 -27.34 25.88
N LEU A 574 -5.32 -27.75 26.63
CA LEU A 574 -3.93 -27.57 26.22
C LEU A 574 -3.68 -28.57 25.07
N GLY A 575 -2.73 -28.26 24.19
CA GLY A 575 -2.45 -29.09 23.02
C GLY A 575 -2.46 -28.22 21.78
N TRP A 576 -2.42 -28.81 20.61
CA TRP A 576 -2.30 -28.07 19.34
C TRP A 576 -3.57 -27.46 18.74
N GLN A 577 -4.77 -27.95 19.13
CA GLN A 577 -6.06 -27.59 18.53
C GLN A 577 -6.40 -26.11 18.48
N VAL A 578 -6.32 -25.42 19.61
CA VAL A 578 -6.58 -23.98 19.68
C VAL A 578 -5.60 -23.18 18.78
N GLY A 579 -4.33 -23.54 18.81
CA GLY A 579 -3.28 -22.88 18.01
C GLY A 579 -3.54 -23.00 16.52
N VAL A 580 -4.06 -24.17 16.08
CA VAL A 580 -4.44 -24.41 14.67
C VAL A 580 -5.58 -23.46 14.30
N ILE A 581 -6.61 -23.36 15.16
CA ILE A 581 -7.71 -22.40 14.91
C ILE A 581 -7.13 -20.98 14.82
N LEU A 582 -6.36 -20.56 15.81
CA LEU A 582 -5.81 -19.21 15.85
C LEU A 582 -5.03 -18.81 14.64
N HIS A 583 -4.14 -19.70 14.15
CA HIS A 583 -3.31 -19.40 12.99
C HIS A 583 -4.09 -19.11 11.72
N HIS A 584 -5.35 -19.58 11.61
CA HIS A 584 -6.21 -19.24 10.48
C HIS A 584 -7.06 -17.98 10.83
N VAL A 585 -7.74 -18.03 11.94
CA VAL A 585 -8.70 -17.04 12.43
C VAL A 585 -8.14 -15.61 12.69
N LEU A 586 -6.86 -15.51 13.09
CA LEU A 586 -6.19 -14.22 13.36
C LEU A 586 -5.84 -13.43 12.10
N PHE A 587 -5.78 -14.10 10.93
CA PHE A 587 -5.44 -13.44 9.66
C PHE A 587 -6.80 -13.02 9.10
N THR A 588 -7.32 -11.90 9.62
CA THR A 588 -8.67 -11.36 9.36
C THR A 588 -9.13 -11.42 7.90
N GLU A 589 -8.32 -10.85 7.02
CA GLU A 589 -8.66 -10.75 5.58
C GLU A 589 -8.74 -12.12 4.95
N GLU A 590 -7.69 -12.96 5.17
CA GLU A 590 -7.63 -14.33 4.65
C GLU A 590 -8.79 -15.16 5.20
N TRP A 591 -9.03 -15.10 6.54
CA TRP A 591 -10.12 -15.84 7.17
C TRP A 591 -11.50 -15.41 6.62
N GLY A 592 -11.70 -14.10 6.47
CA GLY A 592 -12.95 -13.56 5.90
C GLY A 592 -13.23 -14.10 4.51
N ARG A 593 -12.18 -14.17 3.68
CA ARG A 593 -12.26 -14.67 2.31
C ARG A 593 -12.59 -16.16 2.26
N ASN A 594 -11.83 -16.99 3.02
CA ASN A 594 -12.03 -18.44 3.03
C ASN A 594 -13.24 -18.96 3.75
N ALA A 595 -13.50 -18.45 4.98
CA ALA A 595 -14.61 -18.95 5.80
C ALA A 595 -15.97 -18.38 5.43
N TYR A 596 -15.99 -17.12 4.99
CA TYR A 596 -17.27 -16.47 4.69
C TYR A 596 -17.55 -16.23 3.20
N GLU A 597 -16.60 -15.67 2.47
CA GLU A 597 -16.81 -15.37 1.05
C GLU A 597 -16.93 -16.65 0.22
N ALA A 598 -15.90 -17.54 0.28
CA ALA A 598 -15.93 -18.83 -0.41
C ALA A 598 -16.95 -19.69 0.35
N GLY A 599 -16.66 -19.97 1.63
CA GLY A 599 -17.56 -20.69 2.52
C GLY A 599 -17.98 -22.06 2.05
N TYR A 600 -19.08 -22.58 2.63
CA TYR A 600 -19.65 -23.88 2.24
C TYR A 600 -20.20 -23.79 0.81
N SER A 601 -20.63 -22.57 0.38
CA SER A 601 -21.18 -22.32 -0.96
C SER A 601 -20.18 -22.63 -2.08
N HIS A 602 -18.87 -22.59 -1.81
CA HIS A 602 -17.83 -22.99 -2.77
C HIS A 602 -18.13 -24.44 -3.29
N ASN A 603 -18.74 -25.28 -2.43
CA ASN A 603 -19.07 -26.69 -2.72
C ASN A 603 -20.31 -26.90 -3.61
N LEU A 604 -21.07 -25.83 -3.92
CA LEU A 604 -22.24 -25.89 -4.81
C LEU A 604 -21.78 -26.37 -6.19
N GLU A 605 -22.46 -27.38 -6.75
CA GLU A 605 -22.15 -27.97 -8.06
C GLU A 605 -22.35 -26.95 -9.19
N ALA B 12 6.21 37.83 -45.93
CA ALA B 12 6.41 36.49 -46.49
C ALA B 12 7.32 35.63 -45.60
N ASP B 13 8.46 36.20 -45.16
CA ASP B 13 9.42 35.55 -44.27
C ASP B 13 9.13 35.86 -42.77
N THR B 14 7.95 36.47 -42.51
CA THR B 14 7.43 36.77 -41.18
C THR B 14 7.05 35.44 -40.50
N GLU B 15 6.47 34.49 -41.27
CA GLU B 15 6.06 33.16 -40.79
C GLU B 15 7.26 32.36 -40.31
N LYS B 16 8.42 32.53 -40.98
CA LYS B 16 9.70 31.90 -40.64
C LYS B 16 10.15 32.37 -39.24
N ARG B 17 10.04 33.69 -38.97
CA ARG B 17 10.40 34.31 -37.69
C ARG B 17 9.41 33.94 -36.56
N ILE B 18 8.14 33.70 -36.90
CA ILE B 18 7.06 33.31 -35.99
C ILE B 18 7.33 31.88 -35.51
N ASN B 19 7.52 30.92 -36.45
CA ASN B 19 7.82 29.52 -36.20
C ASN B 19 9.11 29.29 -35.43
N VAL B 20 10.13 30.19 -35.59
CA VAL B 20 11.38 30.12 -34.85
C VAL B 20 11.11 30.48 -33.37
N GLY B 21 10.28 31.51 -33.16
CA GLY B 21 9.86 31.96 -31.85
C GLY B 21 9.09 30.89 -31.09
N LYS B 22 8.11 30.28 -31.79
CA LYS B 22 7.28 29.17 -31.30
C LYS B 22 8.15 27.96 -30.96
N LYS B 23 9.09 27.60 -31.87
CA LYS B 23 9.97 26.45 -31.65
C LYS B 23 10.90 26.68 -30.45
N HIS B 24 11.43 27.91 -30.30
CA HIS B 24 12.32 28.29 -29.19
C HIS B 24 11.60 28.06 -27.84
N LEU B 25 10.32 28.47 -27.74
CA LEU B 25 9.50 28.28 -26.55
C LEU B 25 9.18 26.81 -26.28
N GLN B 26 8.95 26.03 -27.36
CA GLN B 26 8.73 24.59 -27.25
C GLN B 26 9.99 23.87 -26.79
N THR B 27 11.16 24.35 -27.24
CA THR B 27 12.48 23.82 -26.85
C THR B 27 12.68 24.02 -25.33
N LEU B 28 12.38 25.23 -24.83
CA LEU B 28 12.50 25.55 -23.41
C LEU B 28 11.51 24.78 -22.57
N ARG B 29 10.25 24.66 -23.04
CA ARG B 29 9.21 23.90 -22.33
C ARG B 29 9.60 22.41 -22.22
N ASN B 30 10.13 21.81 -23.30
CA ASN B 30 10.58 20.41 -23.30
C ASN B 30 11.69 20.19 -22.28
N LEU B 31 12.64 21.13 -22.24
CA LEU B 31 13.78 21.13 -21.34
C LEU B 31 13.37 21.11 -19.86
N GLU B 32 12.24 21.74 -19.50
CA GLU B 32 11.74 21.75 -18.12
C GLU B 32 10.72 20.64 -17.77
N THR B 33 10.33 19.78 -18.75
CA THR B 33 9.38 18.67 -18.53
C THR B 33 10.00 17.27 -18.68
N ARG B 34 11.12 17.18 -19.38
CA ARG B 34 11.81 15.94 -19.66
C ARG B 34 12.88 15.57 -18.63
N CYS B 35 13.27 14.28 -18.61
CA CYS B 35 14.32 13.77 -17.72
C CYS B 35 15.65 14.37 -18.15
N HIS B 36 16.53 14.66 -17.17
CA HIS B 36 17.88 15.16 -17.41
C HIS B 36 18.87 14.12 -16.89
N ASP B 37 19.89 13.82 -17.71
CA ASP B 37 20.91 12.85 -17.34
C ASP B 37 22.13 13.51 -16.74
N SER B 38 22.82 12.78 -15.83
CA SER B 38 24.03 13.26 -15.17
C SER B 38 24.87 12.09 -14.70
N LEU B 39 26.19 12.20 -14.86
CA LEU B 39 27.13 11.16 -14.48
C LEU B 39 27.39 11.10 -12.97
N GLN B 40 27.52 9.88 -12.43
CA GLN B 40 27.86 9.68 -11.03
C GLN B 40 28.95 8.63 -10.90
N ALA B 41 29.89 8.85 -9.96
CA ALA B 41 30.88 7.84 -9.62
C ALA B 41 30.37 7.08 -8.39
N LEU B 42 30.69 5.79 -8.35
CA LEU B 42 30.39 4.86 -7.26
C LEU B 42 31.69 4.12 -6.95
N VAL B 43 31.98 3.92 -5.66
CA VAL B 43 33.20 3.21 -5.25
C VAL B 43 32.86 1.95 -4.46
N VAL B 44 33.49 0.81 -4.82
CA VAL B 44 33.35 -0.44 -4.10
C VAL B 44 34.73 -0.81 -3.62
N ILE B 45 34.95 -0.80 -2.30
CA ILE B 45 36.25 -1.18 -1.71
C ILE B 45 36.16 -2.65 -1.36
N ASP B 46 37.02 -3.45 -1.97
CA ASP B 46 37.03 -4.88 -1.82
C ASP B 46 38.06 -5.28 -0.73
N ALA B 47 37.57 -5.46 0.50
CA ALA B 47 38.40 -5.84 1.62
C ALA B 47 38.39 -7.38 1.78
N GLY B 48 39.29 -8.02 1.04
CA GLY B 48 39.43 -9.47 1.01
C GLY B 48 40.36 -10.01 2.08
N SER B 49 40.70 -11.30 1.98
CA SER B 49 41.53 -11.99 2.96
C SER B 49 42.97 -11.44 3.04
N SER B 50 43.64 -11.26 1.88
CA SER B 50 45.02 -10.82 1.83
C SER B 50 45.23 -9.40 1.33
N SER B 51 44.17 -8.74 0.86
CA SER B 51 44.29 -7.37 0.37
C SER B 51 42.99 -6.57 0.47
N THR B 52 43.16 -5.25 0.44
CA THR B 52 42.10 -4.25 0.40
C THR B 52 42.39 -3.46 -0.87
N ARG B 53 41.39 -3.37 -1.78
CA ARG B 53 41.53 -2.73 -3.08
C ARG B 53 40.30 -1.90 -3.41
N THR B 54 40.51 -0.73 -4.02
CA THR B 54 39.39 0.13 -4.44
C THR B 54 38.96 -0.27 -5.86
N ASN B 55 37.67 -0.06 -6.18
CA ASN B 55 37.09 -0.27 -7.51
C ASN B 55 36.21 0.93 -7.80
N VAL B 56 36.53 1.66 -8.85
CA VAL B 56 35.84 2.87 -9.27
C VAL B 56 34.89 2.59 -10.43
N PHE B 57 33.62 2.97 -10.26
CA PHE B 57 32.57 2.79 -11.26
C PHE B 57 31.97 4.13 -11.65
N LEU B 58 31.41 4.19 -12.87
CA LEU B 58 30.62 5.31 -13.38
C LEU B 58 29.24 4.77 -13.68
N ALA B 59 28.21 5.58 -13.45
CA ALA B 59 26.83 5.22 -13.76
C ALA B 59 26.12 6.47 -14.26
N LYS B 60 25.08 6.27 -15.06
CA LYS B 60 24.29 7.39 -15.56
C LYS B 60 23.08 7.58 -14.65
N THR B 61 22.91 8.80 -14.10
CA THR B 61 21.72 9.09 -13.29
C THR B 61 20.70 9.80 -14.16
N ARG B 62 19.42 9.62 -13.86
CA ARG B 62 18.30 10.24 -14.55
C ARG B 62 17.45 11.00 -13.52
N SER B 63 17.27 12.29 -13.74
CA SER B 63 16.48 13.16 -12.85
C SER B 63 15.20 13.53 -13.61
N CYS B 64 14.02 13.09 -13.10
CA CYS B 64 12.71 13.28 -13.78
C CYS B 64 11.71 14.11 -12.95
N PRO B 65 11.04 15.14 -13.54
CA PRO B 65 10.05 15.94 -12.77
C PRO B 65 9.09 15.11 -11.93
N ASN B 66 9.00 15.44 -10.63
CA ASN B 66 8.15 14.76 -9.64
C ASN B 66 8.49 13.30 -9.37
N LYS B 67 9.61 12.80 -9.92
CA LYS B 67 10.01 11.40 -9.76
C LYS B 67 11.35 11.19 -9.05
N GLY B 68 12.08 12.25 -8.78
CA GLY B 68 13.37 12.12 -8.09
C GLY B 68 14.49 11.72 -9.03
N ARG B 69 15.53 11.10 -8.50
CA ARG B 69 16.69 10.72 -9.29
C ARG B 69 17.00 9.23 -9.08
N SER B 70 17.38 8.52 -10.17
CA SER B 70 17.70 7.08 -10.14
C SER B 70 18.87 6.76 -11.07
N ILE B 71 19.45 5.57 -10.91
CA ILE B 71 20.54 5.10 -11.76
C ILE B 71 19.98 4.18 -12.85
N ASP B 72 20.52 4.28 -14.09
CA ASP B 72 20.18 3.37 -15.19
C ASP B 72 21.13 2.16 -14.91
N PRO B 73 20.59 0.98 -14.49
CA PRO B 73 21.48 -0.14 -14.11
C PRO B 73 22.36 -0.67 -15.24
N ASP B 74 21.93 -0.54 -16.50
CA ASP B 74 22.73 -1.00 -17.63
C ASP B 74 23.93 -0.08 -17.95
N SER B 75 23.95 1.15 -17.40
CA SER B 75 25.05 2.11 -17.59
C SER B 75 26.27 1.84 -16.69
N ILE B 76 26.14 0.96 -15.68
CA ILE B 76 27.22 0.70 -14.72
C ILE B 76 28.46 0.16 -15.39
N GLN B 77 29.60 0.86 -15.20
CA GLN B 77 30.88 0.44 -15.77
C GLN B 77 32.06 0.66 -14.85
N LEU B 78 32.96 -0.32 -14.80
CA LEU B 78 34.19 -0.21 -14.02
C LEU B 78 35.16 0.71 -14.79
N ILE B 79 35.67 1.77 -14.14
CA ILE B 79 36.64 2.64 -14.80
C ILE B 79 38.06 2.38 -14.29
N GLY B 80 38.17 1.79 -13.11
CA GLY B 80 39.47 1.45 -12.55
C GLY B 80 39.46 0.69 -11.25
N ALA B 81 40.39 -0.27 -11.13
CA ALA B 81 40.69 -1.09 -9.95
C ALA B 81 42.06 -0.60 -9.45
N GLY B 82 42.19 -0.43 -8.13
CA GLY B 82 43.40 0.12 -7.55
C GLY B 82 44.49 -0.86 -7.19
N LYS B 83 45.47 -0.36 -6.42
CA LYS B 83 46.59 -1.16 -5.92
C LYS B 83 46.10 -2.06 -4.77
N ARG B 84 46.80 -3.16 -4.52
CA ARG B 84 46.43 -4.07 -3.44
C ARG B 84 47.13 -3.60 -2.17
N PHE B 85 46.37 -3.00 -1.25
CA PHE B 85 46.88 -2.53 0.04
C PHE B 85 46.70 -3.65 1.07
N ALA B 86 47.06 -3.43 2.35
CA ALA B 86 46.97 -4.47 3.38
C ALA B 86 45.52 -4.85 3.71
N GLY B 87 45.31 -6.11 4.06
CA GLY B 87 43.99 -6.62 4.44
C GLY B 87 43.57 -6.10 5.80
N LEU B 88 42.26 -6.05 6.07
CA LEU B 88 41.73 -5.58 7.37
C LEU B 88 42.22 -6.42 8.53
N ARG B 89 42.47 -7.72 8.27
CA ARG B 89 43.00 -8.63 9.28
C ARG B 89 44.38 -8.11 9.74
N VAL B 90 45.19 -7.54 8.80
CA VAL B 90 46.52 -7.00 9.08
C VAL B 90 46.45 -5.78 10.04
N VAL B 91 45.42 -4.94 9.89
CA VAL B 91 45.16 -3.79 10.75
C VAL B 91 44.85 -4.30 12.17
N LEU B 92 43.93 -5.29 12.31
CA LEU B 92 43.57 -5.84 13.62
C LEU B 92 44.69 -6.60 14.32
N GLU B 93 45.47 -7.41 13.58
CA GLU B 93 46.58 -8.17 14.13
C GLU B 93 47.70 -7.28 14.66
N GLU B 94 48.01 -6.17 13.94
CA GLU B 94 49.05 -5.22 14.35
C GLU B 94 48.65 -4.48 15.63
N TRP B 95 47.34 -4.20 15.77
CA TRP B 95 46.75 -3.55 16.94
C TRP B 95 46.75 -4.52 18.13
N LEU B 96 46.37 -5.80 17.90
CA LEU B 96 46.36 -6.86 18.92
C LEU B 96 47.79 -7.28 19.31
N ASP B 97 48.77 -7.14 18.38
CA ASP B 97 50.18 -7.47 18.66
C ASP B 97 50.83 -6.40 19.54
N THR B 98 50.34 -5.16 19.48
CA THR B 98 50.87 -4.04 20.24
C THR B 98 50.22 -3.87 21.63
N TYR B 99 48.88 -4.07 21.72
CA TYR B 99 48.13 -3.82 22.96
C TYR B 99 47.62 -5.03 23.75
N ALA B 100 47.46 -6.18 23.10
CA ALA B 100 47.05 -7.42 23.78
C ALA B 100 48.32 -8.25 24.07
N GLY B 101 49.48 -7.61 23.85
CA GLY B 101 50.81 -8.17 24.02
C GLY B 101 51.10 -9.21 22.95
N LYS B 102 51.86 -10.24 23.33
CA LYS B 102 52.19 -11.35 22.44
C LYS B 102 51.42 -12.59 22.94
N ASP B 103 51.20 -13.56 22.03
CA ASP B 103 50.46 -14.80 22.31
C ASP B 103 48.97 -14.55 22.60
N TRP B 104 48.39 -13.50 21.97
CA TRP B 104 46.97 -13.14 22.13
C TRP B 104 46.06 -14.23 21.53
N GLU B 105 46.56 -14.92 20.49
CA GLU B 105 45.85 -16.02 19.81
C GLU B 105 46.24 -17.40 20.39
N SER B 106 47.07 -17.40 21.46
CA SER B 106 47.54 -18.60 22.17
C SER B 106 46.85 -18.69 23.54
N ARG B 107 47.05 -17.65 24.39
CA ARG B 107 46.49 -17.52 25.73
C ARG B 107 45.15 -16.77 25.67
N PRO B 108 44.08 -17.16 26.43
CA PRO B 108 42.81 -16.41 26.37
C PRO B 108 42.98 -14.99 26.90
N VAL B 109 42.55 -14.00 26.10
CA VAL B 109 42.68 -12.57 26.40
C VAL B 109 41.39 -11.93 26.93
N ASP B 110 41.54 -10.99 27.87
CA ASP B 110 40.42 -10.24 28.45
C ASP B 110 40.13 -9.09 27.49
N ALA B 111 39.20 -9.32 26.54
CA ALA B 111 38.79 -8.37 25.50
C ALA B 111 38.34 -7.02 26.04
N ARG B 112 37.70 -7.03 27.24
CA ARG B 112 37.21 -5.85 27.97
C ARG B 112 38.31 -4.80 28.21
N LEU B 113 39.56 -5.26 28.41
CA LEU B 113 40.72 -4.39 28.66
C LEU B 113 41.18 -3.67 27.38
N LEU B 114 40.90 -4.24 26.19
CA LEU B 114 41.30 -3.66 24.91
C LEU B 114 40.56 -2.35 24.56
N PHE B 115 39.47 -2.04 25.31
CA PHE B 115 38.68 -0.81 25.14
C PHE B 115 39.48 0.46 25.45
N GLN B 116 40.61 0.32 26.16
CA GLN B 116 41.50 1.44 26.48
C GLN B 116 42.26 1.91 25.23
N TYR B 117 42.33 1.06 24.19
CA TYR B 117 43.12 1.30 22.98
C TYR B 117 42.34 1.56 21.68
N VAL B 118 41.12 2.13 21.79
CA VAL B 118 40.26 2.48 20.65
C VAL B 118 40.92 3.57 19.75
N PRO B 119 41.56 4.65 20.27
CA PRO B 119 42.18 5.64 19.35
C PRO B 119 43.35 5.06 18.53
N GLN B 120 44.02 4.03 19.07
CA GLN B 120 45.13 3.35 18.39
C GLN B 120 44.59 2.47 17.25
N MET B 121 43.36 1.90 17.42
CA MET B 121 42.71 1.12 16.37
C MET B 121 42.37 2.08 15.24
N HIS B 122 41.83 3.27 15.59
CA HIS B 122 41.48 4.34 14.67
C HIS B 122 42.70 4.74 13.82
N GLU B 123 43.86 4.97 14.46
CA GLU B 123 45.11 5.33 13.77
C GLU B 123 45.55 4.24 12.77
N GLY B 124 45.44 2.97 13.18
CA GLY B 124 45.71 1.82 12.32
C GLY B 124 44.82 1.86 11.07
N ALA B 125 43.50 2.02 11.28
CA ALA B 125 42.51 2.11 10.21
C ALA B 125 42.68 3.37 9.37
N LYS B 126 43.12 4.50 9.99
CA LYS B 126 43.32 5.78 9.29
C LYS B 126 44.39 5.64 8.20
N LYS B 127 45.51 4.93 8.52
CA LYS B 127 46.65 4.70 7.62
C LYS B 127 46.20 4.00 6.33
N LEU B 128 45.40 2.92 6.46
CA LEU B 128 44.87 2.16 5.32
C LEU B 128 43.85 3.02 4.51
N MET B 129 42.88 3.67 5.20
CA MET B 129 41.85 4.48 4.53
C MET B 129 42.42 5.66 3.73
N GLN B 130 43.48 6.33 4.25
CA GLN B 130 44.19 7.42 3.57
C GLN B 130 44.80 6.91 2.25
N LEU B 131 45.39 5.70 2.26
CA LEU B 131 45.99 5.05 1.09
C LEU B 131 44.96 4.75 0.02
N LEU B 132 43.78 4.25 0.44
CA LEU B 132 42.65 3.92 -0.44
C LEU B 132 42.01 5.17 -1.01
N GLU B 133 41.84 6.22 -0.15
CA GLU B 133 41.25 7.49 -0.59
C GLU B 133 42.17 8.11 -1.67
N GLU B 134 43.50 8.15 -1.42
CA GLU B 134 44.48 8.71 -2.37
C GLU B 134 44.42 7.99 -3.73
N ASP B 135 44.33 6.67 -3.68
CA ASP B 135 44.27 5.77 -4.84
C ASP B 135 42.98 5.93 -5.66
N THR B 136 41.83 6.05 -4.97
CA THR B 136 40.52 6.28 -5.59
C THR B 136 40.55 7.62 -6.35
N VAL B 137 41.08 8.68 -5.68
CA VAL B 137 41.23 10.02 -6.26
C VAL B 137 42.16 9.99 -7.49
N ALA B 138 43.24 9.19 -7.43
CA ALA B 138 44.18 9.04 -8.56
C ALA B 138 43.48 8.46 -9.81
N ILE B 139 42.63 7.40 -9.62
CA ILE B 139 41.85 6.76 -10.68
C ILE B 139 40.82 7.74 -11.27
N LEU B 140 40.09 8.46 -10.40
CA LEU B 140 39.11 9.47 -10.83
C LEU B 140 39.76 10.57 -11.67
N ASP B 141 40.93 11.06 -11.22
CA ASP B 141 41.67 12.11 -11.91
C ASP B 141 42.22 11.68 -13.25
N SER B 142 42.68 10.42 -13.37
CA SER B 142 43.22 9.91 -14.63
C SER B 142 42.15 9.54 -15.67
N GLN B 143 40.97 9.11 -15.23
CA GLN B 143 39.92 8.63 -16.13
C GLN B 143 38.88 9.64 -16.58
N LEU B 144 38.61 10.68 -15.77
CA LEU B 144 37.61 11.68 -16.12
C LEU B 144 38.16 12.94 -16.78
N ASN B 145 37.41 13.47 -17.77
CA ASN B 145 37.70 14.76 -18.38
C ASN B 145 37.07 15.83 -17.47
N GLU B 146 37.34 17.12 -17.72
CA GLU B 146 36.82 18.22 -16.89
C GLU B 146 35.30 18.31 -16.72
N LYS B 147 34.53 18.07 -17.81
CA LYS B 147 33.06 18.12 -17.81
C LYS B 147 32.47 17.01 -16.93
N GLN B 148 33.05 15.81 -17.03
CA GLN B 148 32.68 14.63 -16.26
C GLN B 148 32.93 14.88 -14.77
N LYS B 149 34.09 15.48 -14.42
CA LYS B 149 34.47 15.81 -13.03
C LYS B 149 33.45 16.71 -12.33
N VAL B 150 32.94 17.74 -13.04
CA VAL B 150 31.93 18.68 -12.49
C VAL B 150 30.69 17.91 -12.05
N GLN B 151 30.19 17.02 -12.93
CA GLN B 151 29.02 16.16 -12.65
C GLN B 151 29.31 15.22 -11.47
N VAL B 152 30.48 14.57 -11.49
CA VAL B 152 30.90 13.63 -10.47
C VAL B 152 31.06 14.31 -9.10
N LYS B 153 31.67 15.51 -9.07
CA LYS B 153 31.88 16.21 -7.81
C LYS B 153 30.60 16.75 -7.18
N ALA B 154 29.65 17.18 -8.00
CA ALA B 154 28.37 17.71 -7.51
C ALA B 154 27.41 16.68 -6.92
N LEU B 155 27.34 15.45 -7.50
CA LEU B 155 26.40 14.41 -7.08
CA LEU B 155 26.39 14.42 -7.08
C LEU B 155 26.72 13.67 -5.79
N GLY B 156 28.00 13.62 -5.44
CA GLY B 156 28.45 12.88 -4.28
C GLY B 156 28.89 11.48 -4.70
N ILE B 157 29.83 10.91 -3.92
CA ILE B 157 30.33 9.57 -4.27
C ILE B 157 30.00 8.49 -3.24
N PRO B 158 28.95 7.70 -3.47
CA PRO B 158 28.66 6.57 -2.56
C PRO B 158 29.81 5.57 -2.54
N VAL B 159 30.23 5.19 -1.32
CA VAL B 159 31.31 4.22 -1.11
C VAL B 159 30.70 3.00 -0.43
N MET B 160 30.96 1.81 -1.00
CA MET B 160 30.51 0.51 -0.45
C MET B 160 31.75 -0.32 -0.09
N LEU B 161 32.15 -0.29 1.18
CA LEU B 161 33.30 -1.11 1.60
C LEU B 161 32.73 -2.40 2.21
N CYS B 162 33.01 -3.55 1.60
CA CYS B 162 32.56 -4.86 2.08
C CYS B 162 33.76 -5.76 2.31
N SER B 163 33.83 -6.37 3.50
CA SER B 163 34.89 -7.32 3.77
C SER B 163 34.34 -8.71 3.59
N THR B 164 35.09 -9.54 2.89
CA THR B 164 34.73 -10.92 2.64
C THR B 164 35.45 -11.71 3.73
N ALA B 165 36.41 -12.56 3.36
CA ALA B 165 37.14 -13.36 4.34
C ALA B 165 38.22 -12.55 5.05
N GLY B 166 38.79 -13.12 6.10
CA GLY B 166 39.85 -12.49 6.88
C GLY B 166 39.50 -12.16 8.32
N VAL B 167 38.52 -11.26 8.52
CA VAL B 167 38.11 -10.71 9.82
C VAL B 167 36.94 -11.42 10.58
N ARG B 168 36.39 -12.50 9.99
CA ARG B 168 35.24 -13.27 10.53
C ARG B 168 35.43 -14.01 11.86
N ASP B 169 36.66 -14.46 12.17
CA ASP B 169 37.03 -15.37 13.25
C ASP B 169 37.56 -14.86 14.62
N PHE B 170 37.55 -13.54 14.90
CA PHE B 170 38.06 -13.00 16.17
C PHE B 170 37.19 -13.32 17.40
N HIS B 171 35.85 -13.43 17.22
CA HIS B 171 34.84 -13.72 18.25
C HIS B 171 34.79 -12.74 19.43
N GLU B 172 35.04 -11.44 19.13
CA GLU B 172 35.01 -10.37 20.12
C GLU B 172 34.33 -9.12 19.52
N TRP B 173 34.54 -7.94 20.12
CA TRP B 173 33.95 -6.67 19.69
C TRP B 173 34.77 -5.93 18.62
N TYR B 174 35.98 -6.45 18.28
CA TYR B 174 36.94 -5.84 17.36
C TYR B 174 36.42 -5.49 15.98
N ARG B 175 35.83 -6.48 15.27
CA ARG B 175 35.33 -6.30 13.91
C ARG B 175 34.27 -5.21 13.83
N ASP B 176 33.24 -5.26 14.73
CA ASP B 176 32.15 -4.26 14.76
C ASP B 176 32.70 -2.87 15.00
N ALA B 177 33.62 -2.74 15.98
CA ALA B 177 34.28 -1.47 16.33
C ALA B 177 35.08 -0.93 15.13
N LEU B 178 35.85 -1.82 14.45
CA LEU B 178 36.62 -1.46 13.26
C LEU B 178 35.73 -0.83 12.20
N PHE B 179 34.58 -1.47 11.89
CA PHE B 179 33.62 -0.99 10.90
C PHE B 179 33.04 0.38 11.23
N VAL B 180 32.77 0.65 12.51
CA VAL B 180 32.28 1.98 12.95
C VAL B 180 33.38 3.04 12.63
N LEU B 181 34.66 2.70 12.92
CA LEU B 181 35.81 3.59 12.67
C LEU B 181 36.04 3.81 11.16
N LEU B 182 35.92 2.74 10.34
CA LEU B 182 36.08 2.79 8.87
C LEU B 182 35.06 3.70 8.22
N ARG B 183 33.77 3.59 8.63
CA ARG B 183 32.72 4.45 8.05
C ARG B 183 32.97 5.90 8.44
N HIS B 184 33.43 6.13 9.70
CA HIS B 184 33.76 7.48 10.18
C HIS B 184 34.85 8.11 9.29
N LEU B 185 35.91 7.35 8.98
CA LEU B 185 37.02 7.79 8.12
C LEU B 185 36.56 8.09 6.69
N ILE B 186 35.71 7.21 6.11
CA ILE B 186 35.14 7.36 4.77
C ILE B 186 34.27 8.63 4.71
N ASN B 187 33.51 8.90 5.81
CA ASN B 187 32.62 10.05 5.91
C ASN B 187 33.31 11.37 6.18
N ASN B 188 34.64 11.32 6.35
CA ASN B 188 35.44 12.52 6.57
C ASN B 188 36.58 12.59 5.52
N PRO B 189 36.28 12.68 4.19
CA PRO B 189 37.38 12.73 3.22
C PRO B 189 38.03 14.12 3.21
N SER B 190 39.25 14.20 2.67
CA SER B 190 40.00 15.45 2.53
C SER B 190 39.20 16.40 1.60
N PRO B 191 38.93 17.65 2.03
CA PRO B 191 38.12 18.53 1.17
C PRO B 191 38.88 19.10 -0.02
N ALA B 192 40.22 19.01 -0.01
CA ALA B 192 41.10 19.57 -1.05
C ALA B 192 40.86 19.05 -2.47
N HIS B 193 40.54 17.76 -2.62
CA HIS B 193 40.31 17.14 -3.93
C HIS B 193 38.90 17.38 -4.53
N GLY B 194 37.94 17.75 -3.69
CA GLY B 194 36.58 18.05 -4.12
C GLY B 194 35.66 16.84 -4.32
N TYR B 195 36.17 15.61 -4.15
CA TYR B 195 35.36 14.40 -4.30
C TYR B 195 34.63 14.12 -2.98
N LYS B 196 33.29 14.13 -3.03
CA LYS B 196 32.45 13.96 -1.85
C LYS B 196 32.08 12.52 -1.53
N PHE B 197 33.06 11.72 -1.07
CA PHE B 197 32.82 10.34 -0.68
C PHE B 197 32.01 10.29 0.58
N PHE B 198 31.14 9.30 0.69
CA PHE B 198 30.31 9.10 1.87
C PHE B 198 29.80 7.66 1.88
N THR B 199 29.44 7.20 3.06
CA THR B 199 28.89 5.86 3.26
C THR B 199 27.93 5.87 4.42
N ASN B 200 27.36 4.70 4.69
CA ASN B 200 26.45 4.47 5.80
C ASN B 200 26.57 2.99 6.22
N PRO B 201 26.00 2.59 7.40
CA PRO B 201 26.10 1.19 7.83
C PRO B 201 25.42 0.16 6.92
N PHE B 202 24.60 0.59 5.92
CA PHE B 202 23.93 -0.32 4.98
C PHE B 202 24.79 -0.63 3.76
N TRP B 203 25.72 0.27 3.42
CA TRP B 203 26.63 0.10 2.28
C TRP B 203 27.97 -0.50 2.67
N THR B 204 28.48 -0.13 3.86
CA THR B 204 29.77 -0.57 4.37
C THR B 204 29.52 -1.52 5.53
N ARG B 205 29.83 -2.80 5.31
CA ARG B 205 29.62 -3.87 6.27
C ARG B 205 30.31 -5.15 5.81
N PRO B 206 30.58 -6.11 6.72
CA PRO B 206 31.11 -7.40 6.26
C PRO B 206 30.04 -8.20 5.51
N ILE B 207 30.45 -9.05 4.55
CA ILE B 207 29.53 -9.93 3.81
C ILE B 207 30.03 -11.36 3.97
N THR B 208 29.13 -12.35 3.98
CA THR B 208 29.51 -13.77 4.15
C THR B 208 29.82 -14.40 2.80
N GLY B 209 30.35 -15.63 2.80
CA GLY B 209 30.61 -16.38 1.58
C GLY B 209 29.36 -16.59 0.74
N ALA B 210 28.23 -17.00 1.40
CA ALA B 210 26.95 -17.24 0.70
C ALA B 210 26.39 -15.96 0.09
N GLU B 211 26.52 -14.83 0.81
CA GLU B 211 26.09 -13.53 0.28
C GLU B 211 26.97 -13.17 -0.90
N GLU B 212 28.28 -13.48 -0.83
CA GLU B 212 29.23 -13.24 -1.94
C GLU B 212 28.80 -13.98 -3.21
N GLY B 213 28.31 -15.21 -3.06
CA GLY B 213 27.79 -16.03 -4.15
C GLY B 213 26.56 -15.38 -4.76
N LEU B 214 25.62 -14.91 -3.93
CA LEU B 214 24.40 -14.28 -4.48
C LEU B 214 24.76 -13.02 -5.26
N PHE B 215 25.70 -12.20 -4.74
CA PHE B 215 26.15 -11.01 -5.43
C PHE B 215 26.86 -11.34 -6.75
N ALA B 216 27.73 -12.37 -6.77
CA ALA B 216 28.42 -12.85 -7.98
C ALA B 216 27.40 -13.40 -9.00
N PHE B 217 26.31 -14.03 -8.52
CA PHE B 217 25.25 -14.54 -9.40
C PHE B 217 24.53 -13.36 -10.08
N ILE B 218 24.26 -12.28 -9.31
CA ILE B 218 23.59 -11.09 -9.83
C ILE B 218 24.48 -10.42 -10.89
N THR B 219 25.78 -10.27 -10.60
CA THR B 219 26.79 -9.70 -11.50
C THR B 219 26.80 -10.42 -12.85
N LEU B 220 26.86 -11.76 -12.81
CA LEU B 220 26.89 -12.59 -14.02
C LEU B 220 25.67 -12.34 -14.89
N ASN B 221 24.49 -12.39 -14.27
CA ASN B 221 23.21 -12.26 -14.97
C ASN B 221 22.91 -10.84 -15.46
N HIS B 222 23.48 -9.83 -14.78
CA HIS B 222 23.38 -8.44 -15.19
C HIS B 222 24.24 -8.22 -16.42
N LEU B 223 25.55 -8.54 -16.34
CA LEU B 223 26.52 -8.37 -17.42
C LEU B 223 26.12 -9.13 -18.70
N SER B 224 25.55 -10.34 -18.57
CA SER B 224 25.14 -11.14 -19.72
C SER B 224 23.72 -10.82 -20.24
N ARG B 225 23.08 -9.78 -19.68
CA ARG B 225 21.75 -9.29 -20.07
C ARG B 225 20.61 -10.32 -19.88
N ARG B 226 20.78 -11.26 -18.95
CA ARG B 226 19.78 -12.29 -18.67
C ARG B 226 18.80 -11.79 -17.63
N LEU B 227 19.29 -10.93 -16.73
CA LEU B 227 18.50 -10.35 -15.66
C LEU B 227 17.94 -9.01 -16.12
N GLY B 228 16.62 -8.90 -16.05
CA GLY B 228 15.86 -7.71 -16.43
C GLY B 228 14.43 -7.78 -15.97
N GLU B 229 13.72 -6.63 -16.01
CA GLU B 229 12.32 -6.49 -15.60
C GLU B 229 11.36 -7.36 -16.38
N ASP B 230 11.60 -7.51 -17.69
CA ASP B 230 10.76 -8.31 -18.58
C ASP B 230 11.10 -9.81 -18.45
N PRO B 231 10.10 -10.69 -18.27
CA PRO B 231 10.42 -12.12 -18.13
C PRO B 231 10.74 -12.80 -19.45
N ALA B 232 11.51 -13.90 -19.39
CA ALA B 232 11.85 -14.67 -20.58
C ALA B 232 10.71 -15.63 -20.90
N ARG B 233 9.99 -16.08 -19.84
CA ARG B 233 8.90 -17.04 -19.94
C ARG B 233 7.94 -17.01 -18.74
N CYS B 234 6.68 -17.31 -19.01
CA CYS B 234 5.62 -17.39 -18.01
C CYS B 234 4.94 -18.75 -18.05
N MET B 235 4.42 -19.16 -16.89
CA MET B 235 3.75 -20.45 -16.67
C MET B 235 2.45 -20.18 -15.89
N ILE B 236 1.49 -21.13 -15.91
CA ILE B 236 0.24 -21.04 -15.15
C ILE B 236 0.23 -22.18 -14.14
N ASP B 237 0.24 -21.86 -12.82
CA ASP B 237 0.22 -22.86 -11.74
C ASP B 237 -1.14 -23.59 -11.60
N GLU B 238 -1.27 -24.43 -10.55
CA GLU B 238 -2.47 -25.22 -10.21
C GLU B 238 -3.71 -24.35 -9.90
N TYR B 239 -3.48 -23.12 -9.38
CA TYR B 239 -4.53 -22.16 -9.00
C TYR B 239 -5.02 -21.25 -10.13
N GLY B 240 -4.29 -21.20 -11.24
CA GLY B 240 -4.62 -20.38 -12.40
C GLY B 240 -3.87 -19.05 -12.42
N VAL B 241 -2.79 -18.95 -11.62
CA VAL B 241 -1.95 -17.76 -11.47
C VAL B 241 -0.71 -17.84 -12.38
N LYS B 242 -0.47 -16.75 -13.13
CA LYS B 242 0.69 -16.61 -14.02
C LYS B 242 1.97 -16.45 -13.19
N GLN B 243 2.92 -17.39 -13.38
CA GLN B 243 4.22 -17.43 -12.71
C GLN B 243 5.29 -17.11 -13.75
N CYS B 244 6.08 -16.03 -13.54
CA CYS B 244 7.09 -15.60 -14.50
C CYS B 244 8.54 -15.62 -13.98
N ARG B 245 9.52 -15.81 -14.91
CA ARG B 245 10.95 -15.89 -14.60
C ARG B 245 11.83 -15.44 -15.77
N ASN B 246 13.08 -15.06 -15.45
CA ASN B 246 14.11 -14.74 -16.44
C ASN B 246 14.80 -16.07 -16.76
N ASP B 247 15.61 -16.13 -17.84
CA ASP B 247 16.40 -17.34 -18.15
C ASP B 247 17.82 -17.08 -17.65
N LEU B 248 18.01 -17.30 -16.35
CA LEU B 248 19.27 -17.02 -15.67
C LEU B 248 20.27 -18.17 -15.74
N ALA B 249 21.55 -17.80 -15.75
CA ALA B 249 22.67 -18.75 -15.79
C ALA B 249 23.19 -18.91 -14.35
N GLY B 250 23.65 -20.11 -14.05
CA GLY B 250 24.25 -20.42 -12.77
C GLY B 250 25.72 -20.06 -12.81
N VAL B 251 26.35 -19.92 -11.63
CA VAL B 251 27.76 -19.57 -11.47
C VAL B 251 28.45 -20.51 -10.53
N VAL B 252 29.67 -20.92 -10.91
CA VAL B 252 30.58 -21.67 -10.05
C VAL B 252 31.75 -20.69 -9.93
N GLU B 253 31.98 -20.19 -8.71
CA GLU B 253 33.08 -19.24 -8.47
C GLU B 253 33.99 -19.83 -7.43
N VAL B 254 35.23 -20.15 -7.83
CA VAL B 254 36.20 -20.72 -6.92
C VAL B 254 37.15 -19.59 -6.58
N GLY B 255 36.97 -19.02 -5.39
CA GLY B 255 37.79 -17.90 -4.91
C GLY B 255 38.94 -18.40 -4.07
N GLY B 256 39.70 -17.47 -3.49
CA GLY B 256 40.85 -17.78 -2.65
C GLY B 256 40.45 -18.40 -1.33
N ALA B 257 39.35 -17.93 -0.73
CA ALA B 257 38.90 -18.42 0.58
C ALA B 257 37.73 -19.41 0.59
N SER B 258 36.88 -19.40 -0.45
CA SER B 258 35.75 -20.33 -0.54
C SER B 258 35.28 -20.49 -1.97
N ALA B 259 34.45 -21.52 -2.23
CA ALA B 259 33.83 -21.71 -3.54
C ALA B 259 32.33 -21.53 -3.39
N GLN B 260 31.73 -20.79 -4.31
CA GLN B 260 30.29 -20.58 -4.31
C GLN B 260 29.67 -21.24 -5.52
N ILE B 261 28.52 -21.85 -5.35
CA ILE B 261 27.71 -22.40 -6.45
C ILE B 261 26.30 -21.78 -6.25
N VAL B 262 25.84 -21.06 -7.25
CA VAL B 262 24.52 -20.42 -7.18
C VAL B 262 23.87 -20.62 -8.53
N PHE B 263 22.72 -21.26 -8.56
CA PHE B 263 22.01 -21.47 -9.82
C PHE B 263 20.50 -21.49 -9.62
N PRO B 264 19.71 -21.19 -10.68
CA PRO B 264 18.24 -21.18 -10.51
C PRO B 264 17.66 -22.56 -10.20
N LEU B 265 16.67 -22.57 -9.31
CA LEU B 265 15.95 -23.78 -8.91
C LEU B 265 15.18 -24.26 -10.14
N GLN B 266 15.30 -25.55 -10.45
CA GLN B 266 14.64 -26.19 -11.59
C GLN B 266 13.14 -26.13 -11.35
N GLU B 267 12.37 -25.70 -12.37
CA GLU B 267 10.90 -25.60 -12.34
C GLU B 267 10.27 -26.93 -11.83
N GLY B 268 9.41 -26.84 -10.81
CA GLY B 268 8.71 -27.97 -10.21
C GLY B 268 9.46 -28.80 -9.20
N THR B 269 10.69 -28.41 -8.84
CA THR B 269 11.50 -29.15 -7.86
C THR B 269 10.89 -29.13 -6.44
N VAL B 270 10.80 -30.33 -5.85
CA VAL B 270 10.37 -30.53 -4.47
C VAL B 270 11.64 -30.87 -3.67
N LEU B 271 12.11 -29.88 -2.91
CA LEU B 271 13.33 -29.96 -2.11
C LEU B 271 13.07 -30.67 -0.80
N PRO B 272 14.07 -31.39 -0.24
CA PRO B 272 13.92 -31.91 1.13
C PRO B 272 13.62 -30.75 2.11
N SER B 273 12.90 -31.05 3.24
CA SER B 273 12.46 -30.08 4.28
C SER B 273 13.63 -29.25 4.86
N SER B 274 14.81 -29.87 4.90
CA SER B 274 16.03 -29.39 5.52
C SER B 274 16.86 -28.40 4.70
N VAL B 275 16.53 -28.22 3.43
CA VAL B 275 17.21 -27.24 2.56
C VAL B 275 16.15 -26.30 1.97
N ARG B 276 16.55 -25.14 1.48
CA ARG B 276 15.56 -24.21 0.94
C ARG B 276 16.07 -23.44 -0.26
N ALA B 277 15.15 -23.02 -1.13
CA ALA B 277 15.55 -22.14 -2.22
C ALA B 277 15.70 -20.74 -1.60
N VAL B 278 16.67 -19.96 -2.04
CA VAL B 278 16.86 -18.59 -1.56
C VAL B 278 16.08 -17.73 -2.56
N ASN B 279 15.10 -16.96 -2.08
CA ASN B 279 14.32 -16.09 -2.96
C ASN B 279 14.92 -14.70 -2.88
N LEU B 280 15.47 -14.20 -4.00
CA LEU B 280 16.18 -12.91 -4.07
C LEU B 280 15.30 -11.71 -3.70
N GLN B 281 13.99 -11.79 -4.00
CA GLN B 281 13.01 -10.75 -3.67
C GLN B 281 12.78 -10.72 -2.13
N ARG B 282 12.50 -11.90 -1.52
CA ARG B 282 12.32 -12.04 -0.07
C ARG B 282 13.56 -11.57 0.71
N GLU B 283 14.76 -11.83 0.18
CA GLU B 283 16.04 -11.44 0.76
C GLU B 283 16.43 -9.99 0.47
N ARG B 284 15.56 -9.24 -0.25
CA ARG B 284 15.78 -7.82 -0.58
C ARG B 284 17.05 -7.59 -1.41
N LEU B 285 17.33 -8.53 -2.33
CA LEU B 285 18.48 -8.45 -3.22
C LEU B 285 18.03 -7.93 -4.58
N LEU B 286 16.80 -8.28 -5.00
CA LEU B 286 16.15 -7.78 -6.21
C LEU B 286 14.78 -7.19 -5.84
N PRO B 287 14.35 -6.08 -6.48
CA PRO B 287 13.00 -5.57 -6.18
C PRO B 287 11.91 -6.46 -6.80
N GLU B 288 10.66 -6.27 -6.34
CA GLU B 288 9.47 -7.01 -6.77
C GLU B 288 9.17 -6.86 -8.26
N ARG B 289 9.58 -5.74 -8.87
CA ARG B 289 9.34 -5.51 -10.30
C ARG B 289 10.17 -6.45 -11.18
N TYR B 290 11.18 -7.12 -10.60
CA TYR B 290 11.97 -8.09 -11.34
C TYR B 290 11.27 -9.47 -11.24
N PRO B 291 11.31 -10.32 -12.29
CA PRO B 291 10.66 -11.65 -12.16
C PRO B 291 11.27 -12.41 -10.99
N SER B 292 10.42 -13.18 -10.28
CA SER B 292 10.81 -13.96 -9.11
C SER B 292 12.03 -14.84 -9.40
N ALA B 293 13.04 -14.81 -8.51
CA ALA B 293 14.25 -15.62 -8.71
C ALA B 293 14.53 -16.47 -7.47
N ASP B 294 14.35 -17.79 -7.60
CA ASP B 294 14.57 -18.79 -6.54
C ASP B 294 15.82 -19.54 -6.90
N VAL B 295 16.79 -19.59 -5.99
CA VAL B 295 18.08 -20.20 -6.29
C VAL B 295 18.54 -21.20 -5.25
N VAL B 296 19.38 -22.10 -5.69
CA VAL B 296 20.12 -23.01 -4.84
C VAL B 296 21.39 -22.17 -4.57
N SER B 297 21.71 -21.90 -3.30
CA SER B 297 22.89 -21.10 -2.95
C SER B 297 23.78 -21.90 -2.01
N VAL B 298 25.02 -22.11 -2.40
CA VAL B 298 25.94 -22.87 -1.55
C VAL B 298 27.34 -22.23 -1.53
N SER B 299 27.92 -22.14 -0.34
CA SER B 299 29.28 -21.64 -0.16
C SER B 299 30.09 -22.72 0.60
N PHE B 300 31.14 -23.26 -0.04
CA PHE B 300 32.00 -24.33 0.52
C PHE B 300 33.34 -23.76 0.93
N MET B 301 33.53 -23.68 2.23
CA MET B 301 34.70 -23.16 2.91
C MET B 301 36.00 -23.88 2.48
N GLN B 302 35.95 -25.20 2.27
CA GLN B 302 37.07 -26.08 1.95
C GLN B 302 37.40 -26.17 0.49
N LEU B 303 36.61 -25.49 -0.35
CA LEU B 303 36.84 -25.53 -1.79
C LEU B 303 37.51 -24.28 -2.35
N GLY B 304 37.86 -23.34 -1.48
CA GLY B 304 38.63 -22.16 -1.85
C GLY B 304 40.05 -22.59 -2.21
N MET B 305 40.74 -21.83 -3.09
CA MET B 305 42.13 -22.12 -3.53
C MET B 305 43.05 -22.34 -2.31
N ALA B 306 43.02 -21.42 -1.32
CA ALA B 306 43.86 -21.49 -0.13
C ALA B 306 43.46 -22.60 0.85
N SER B 307 42.16 -22.65 1.24
CA SER B 307 41.64 -23.65 2.17
CA SER B 307 41.68 -23.66 2.18
C SER B 307 41.76 -25.07 1.64
N SER B 308 41.48 -25.28 0.32
CA SER B 308 41.56 -26.64 -0.24
C SER B 308 43.00 -27.12 -0.25
N ALA B 309 43.97 -26.22 -0.49
CA ALA B 309 45.41 -26.57 -0.52
C ALA B 309 45.85 -27.06 0.84
N GLY B 310 45.44 -26.35 1.90
CA GLY B 310 45.77 -26.68 3.28
C GLY B 310 45.17 -27.99 3.73
N LEU B 311 43.85 -28.16 3.52
CA LEU B 311 43.11 -29.36 3.92
C LEU B 311 43.60 -30.60 3.16
N PHE B 312 43.86 -30.45 1.85
CA PHE B 312 44.35 -31.55 1.02
C PHE B 312 45.63 -32.13 1.58
N LEU B 313 46.63 -31.26 1.94
CA LEU B 313 47.90 -31.74 2.50
C LEU B 313 47.71 -32.40 3.87
N LYS B 314 46.83 -31.81 4.71
CA LYS B 314 46.52 -32.31 6.05
C LYS B 314 45.98 -33.75 6.01
N GLU B 315 45.04 -34.02 5.10
CA GLU B 315 44.40 -35.32 4.93
C GLU B 315 45.27 -36.26 4.14
N LEU B 316 45.82 -35.83 2.99
CA LEU B 316 46.68 -36.72 2.17
C LEU B 316 47.90 -37.21 2.95
N CYS B 317 48.59 -36.29 3.63
CA CYS B 317 49.82 -36.60 4.36
C CYS B 317 49.66 -37.23 5.75
N SER B 318 48.43 -37.64 6.10
CA SER B 318 48.09 -38.40 7.31
C SER B 318 47.49 -39.78 6.89
N ASN B 319 47.52 -40.09 5.59
CA ASN B 319 47.05 -41.36 5.02
C ASN B 319 48.26 -42.27 4.81
N ASP B 320 48.21 -43.51 5.33
CA ASP B 320 49.25 -44.56 5.23
C ASP B 320 49.73 -44.86 3.79
N GLU B 321 48.82 -44.75 2.80
CA GLU B 321 49.13 -44.98 1.38
C GLU B 321 50.12 -43.95 0.82
N PHE B 322 50.13 -42.73 1.39
CA PHE B 322 50.94 -41.63 0.86
C PHE B 322 52.09 -41.19 1.76
N LEU B 323 51.99 -41.42 3.08
CA LEU B 323 53.04 -41.06 4.04
C LEU B 323 53.83 -42.30 4.42
N GLN B 324 55.14 -42.28 4.17
CA GLN B 324 56.06 -43.38 4.45
C GLN B 324 57.41 -42.83 4.89
N GLY B 325 57.81 -43.18 6.11
CA GLY B 325 59.08 -42.76 6.70
C GLY B 325 59.40 -41.29 6.60
N GLY B 326 58.41 -40.44 6.91
CA GLY B 326 58.55 -38.98 6.86
C GLY B 326 58.42 -38.36 5.48
N ILE B 327 58.12 -39.18 4.46
CA ILE B 327 57.97 -38.70 3.08
C ILE B 327 56.54 -38.85 2.61
N CYS B 328 55.89 -37.71 2.25
CA CYS B 328 54.53 -37.71 1.71
C CYS B 328 54.61 -37.69 0.19
N SER B 329 54.14 -38.75 -0.48
CA SER B 329 54.14 -38.79 -1.95
C SER B 329 52.83 -38.11 -2.43
N ASN B 330 52.92 -36.88 -2.96
CA ASN B 330 51.74 -36.13 -3.39
C ASN B 330 51.45 -36.33 -4.89
N PRO B 331 50.32 -37.00 -5.25
CA PRO B 331 50.00 -37.21 -6.68
C PRO B 331 49.62 -35.97 -7.48
N CYS B 332 49.26 -34.88 -6.78
CA CYS B 332 48.85 -33.60 -7.39
C CYS B 332 50.02 -32.66 -7.69
N LEU B 333 51.23 -33.06 -7.30
CA LEU B 333 52.44 -32.25 -7.55
C LEU B 333 53.33 -32.95 -8.56
N PHE B 334 54.14 -32.17 -9.28
CA PHE B 334 54.99 -32.71 -10.33
C PHE B 334 56.13 -33.57 -9.83
N LYS B 335 56.51 -34.58 -10.62
CA LYS B 335 57.69 -35.42 -10.36
C LYS B 335 58.88 -34.46 -10.44
N GLY B 336 59.76 -34.55 -9.46
CA GLY B 336 60.92 -33.68 -9.37
C GLY B 336 60.68 -32.48 -8.48
N PHE B 337 59.42 -32.26 -8.05
CA PHE B 337 59.08 -31.17 -7.12
C PHE B 337 59.07 -31.69 -5.67
N GLN B 338 59.61 -30.90 -4.74
CA GLN B 338 59.55 -31.21 -3.32
C GLN B 338 59.49 -29.97 -2.44
N GLN B 339 58.88 -30.11 -1.24
CA GLN B 339 58.75 -29.02 -0.29
C GLN B 339 58.69 -29.55 1.15
N SER B 340 58.93 -28.67 2.12
CA SER B 340 58.81 -28.98 3.54
C SER B 340 57.34 -29.41 3.82
N CYS B 341 57.15 -30.38 4.72
CA CYS B 341 55.81 -30.87 5.04
C CYS B 341 55.02 -29.99 5.99
N SER B 342 54.29 -29.03 5.44
CA SER B 342 53.39 -28.13 6.17
C SER B 342 52.42 -27.47 5.20
N ALA B 343 51.34 -26.89 5.74
CA ALA B 343 50.36 -26.18 4.91
C ALA B 343 50.71 -24.70 4.74
N GLY B 344 51.94 -24.32 5.06
CA GLY B 344 52.38 -22.95 4.89
C GLY B 344 52.41 -22.49 3.44
N GLU B 345 52.29 -21.17 3.22
CA GLU B 345 52.36 -20.56 1.89
C GLU B 345 53.66 -20.98 1.18
N VAL B 346 53.56 -21.38 -0.09
CA VAL B 346 54.73 -21.84 -0.84
C VAL B 346 55.25 -20.76 -1.78
N GLU B 347 56.58 -20.65 -1.85
CA GLU B 347 57.24 -19.76 -2.78
C GLU B 347 58.24 -20.59 -3.58
N VAL B 348 58.09 -20.60 -4.91
CA VAL B 348 59.04 -21.27 -5.80
C VAL B 348 60.20 -20.27 -6.04
N ARG B 349 61.43 -20.70 -5.81
CA ARG B 349 62.62 -19.85 -5.97
C ARG B 349 63.38 -20.14 -7.29
N PRO B 350 64.12 -19.14 -7.87
CA PRO B 350 64.83 -19.38 -9.16
C PRO B 350 65.68 -20.64 -9.36
N ASP B 351 66.20 -21.23 -8.27
CA ASP B 351 66.99 -22.46 -8.35
C ASP B 351 66.12 -23.73 -8.44
N GLY B 352 64.80 -23.55 -8.39
CA GLY B 352 63.83 -24.64 -8.46
C GLY B 352 63.33 -25.13 -7.13
N SER B 353 63.94 -24.67 -6.03
CA SER B 353 63.54 -25.05 -4.68
C SER B 353 62.24 -24.36 -4.26
N ALA B 354 61.57 -24.94 -3.26
CA ALA B 354 60.35 -24.42 -2.67
C ALA B 354 60.67 -23.87 -1.29
N SER B 355 60.18 -22.69 -1.00
CA SER B 355 60.36 -22.08 0.32
C SER B 355 58.99 -22.11 0.98
N VAL B 356 58.89 -22.77 2.14
CA VAL B 356 57.61 -22.85 2.84
C VAL B 356 57.63 -21.89 4.04
N ASN B 357 56.71 -20.92 4.05
CA ASN B 357 56.61 -19.96 5.13
C ASN B 357 55.95 -20.65 6.33
N GLU B 358 56.70 -20.81 7.42
CA GLU B 358 56.25 -21.49 8.64
C GLU B 358 55.45 -20.60 9.63
N ASP B 359 55.35 -19.29 9.36
CA ASP B 359 54.60 -18.32 10.17
C ASP B 359 53.15 -18.80 10.26
N VAL B 360 52.64 -18.86 11.50
CA VAL B 360 51.29 -19.29 11.86
C VAL B 360 50.22 -18.52 11.06
N ARG B 361 50.45 -17.21 10.83
CA ARG B 361 49.53 -16.35 10.07
C ARG B 361 49.55 -16.62 8.57
N LYS B 362 50.54 -17.36 8.08
CA LYS B 362 50.68 -17.68 6.66
C LYS B 362 50.34 -19.13 6.38
N ASN B 363 49.86 -19.85 7.41
CA ASN B 363 49.46 -21.25 7.23
C ASN B 363 48.08 -21.28 6.55
N ARG B 364 48.01 -21.94 5.37
CA ARG B 364 46.75 -22.08 4.62
C ARG B 364 45.64 -22.86 5.32
N LEU B 365 45.97 -23.53 6.41
CA LEU B 365 45.02 -24.26 7.22
C LEU B 365 44.41 -23.37 8.34
N LYS B 366 45.00 -22.16 8.59
CA LYS B 366 44.54 -21.28 9.65
C LYS B 366 43.03 -20.93 9.66
N PRO B 367 42.39 -20.47 8.56
CA PRO B 367 40.94 -20.19 8.62
C PRO B 367 40.10 -21.42 8.95
N LEU B 368 40.40 -22.62 8.35
CA LEU B 368 39.66 -23.86 8.66
C LEU B 368 39.92 -24.33 10.08
N ALA B 369 41.16 -24.20 10.57
CA ALA B 369 41.52 -24.60 11.94
C ALA B 369 40.87 -23.70 13.00
N THR B 370 40.71 -22.40 12.70
CA THR B 370 40.05 -21.49 13.65
C THR B 370 38.54 -21.71 13.58
N TYR B 371 38.01 -22.05 12.38
CA TYR B 371 36.60 -22.38 12.20
C TYR B 371 36.28 -23.66 13.00
N CYS B 372 37.15 -24.69 12.87
CA CYS B 372 37.02 -25.95 13.61
C CYS B 372 37.63 -25.85 15.03
N SER B 373 36.92 -25.08 15.87
CA SER B 373 37.29 -24.85 17.25
C SER B 373 36.06 -25.02 18.15
N VAL B 374 36.27 -25.54 19.39
CA VAL B 374 35.22 -25.70 20.40
C VAL B 374 34.66 -24.31 20.81
N ASN B 375 35.50 -23.27 20.68
CA ASN B 375 35.17 -21.87 20.96
C ASN B 375 34.27 -21.26 19.87
N ASN B 376 34.05 -22.01 18.76
CA ASN B 376 33.17 -21.55 17.67
C ASN B 376 31.70 -22.03 17.94
N PRO B 377 30.76 -21.08 18.23
CA PRO B 377 29.35 -21.47 18.45
C PRO B 377 28.77 -22.36 17.34
N GLU B 378 29.18 -22.11 16.07
CA GLU B 378 28.80 -22.88 14.88
C GLU B 378 29.09 -24.38 15.08
N ILE B 379 30.22 -24.69 15.74
CA ILE B 379 30.64 -26.05 16.05
C ILE B 379 30.01 -26.54 17.36
N SER B 380 30.08 -25.71 18.43
CA SER B 380 29.59 -26.03 19.77
C SER B 380 28.09 -26.43 19.84
N PHE B 381 27.22 -25.62 19.20
CA PHE B 381 25.75 -25.74 19.24
C PHE B 381 25.15 -27.06 18.74
N LYS B 382 25.88 -27.83 17.93
CA LYS B 382 25.41 -29.14 17.44
C LYS B 382 26.39 -30.27 17.82
N VAL B 383 25.88 -31.39 18.37
CA VAL B 383 26.71 -32.53 18.79
C VAL B 383 27.62 -33.03 17.66
N THR B 384 27.06 -33.28 16.44
CA THR B 384 27.80 -33.85 15.29
C THR B 384 28.96 -33.03 14.76
N ASN B 385 28.82 -31.69 14.79
CA ASN B 385 29.80 -30.71 14.27
C ASN B 385 31.28 -30.91 14.62
N GLU B 386 31.57 -31.15 15.91
CA GLU B 386 32.92 -31.40 16.44
C GLU B 386 33.55 -32.63 15.79
N MET B 387 32.76 -33.72 15.64
CA MET B 387 33.17 -34.97 15.01
C MET B 387 33.40 -34.76 13.49
N GLN B 388 32.48 -34.00 12.82
CA GLN B 388 32.66 -33.64 11.41
C GLN B 388 34.03 -32.97 11.12
N CYS B 389 34.48 -32.06 12.00
CA CYS B 389 35.81 -31.42 11.94
C CYS B 389 36.93 -32.50 12.11
N ARG B 390 36.91 -33.25 13.21
CA ARG B 390 37.89 -34.32 13.51
C ARG B 390 38.10 -35.32 12.34
N GLU B 391 36.98 -35.70 11.65
CA GLU B 391 37.02 -36.61 10.49
C GLU B 391 37.62 -35.94 9.26
N ASN B 392 37.70 -34.60 9.24
CA ASN B 392 38.36 -33.80 8.20
C ASN B 392 39.78 -33.40 8.69
N SER B 393 40.37 -34.20 9.61
CA SER B 393 41.73 -34.02 10.17
C SER B 393 42.01 -32.66 10.81
N ILE B 394 40.98 -32.00 11.39
CA ILE B 394 41.12 -30.73 12.12
C ILE B 394 40.40 -30.95 13.46
N ASP B 395 41.17 -31.33 14.49
CA ASP B 395 40.58 -31.65 15.79
C ASP B 395 40.33 -30.43 16.69
N PRO B 396 39.04 -30.11 16.96
CA PRO B 396 38.71 -28.92 17.75
C PRO B 396 39.29 -28.79 19.16
N THR B 397 39.55 -29.90 19.84
CA THR B 397 40.10 -29.86 21.22
C THR B 397 41.59 -29.55 21.24
N LYS B 398 42.25 -29.63 20.08
CA LYS B 398 43.68 -29.36 19.96
C LYS B 398 44.02 -27.88 19.97
N PRO B 399 45.21 -27.50 20.52
CA PRO B 399 45.64 -26.09 20.41
C PRO B 399 45.99 -25.78 18.95
N LEU B 400 45.86 -24.52 18.50
CA LEU B 400 46.08 -24.06 17.12
C LEU B 400 47.26 -24.61 16.30
N ALA B 401 48.52 -24.35 16.72
CA ALA B 401 49.74 -24.81 16.05
C ALA B 401 49.82 -26.33 15.89
N GLU B 402 49.34 -27.06 16.92
CA GLU B 402 49.28 -28.52 16.91
C GLU B 402 48.12 -28.97 16.01
N ARG B 403 47.00 -28.23 16.02
CA ARG B 403 45.81 -28.52 15.23
C ARG B 403 46.13 -28.51 13.71
N MET B 404 47.14 -27.70 13.27
CA MET B 404 47.55 -27.54 11.87
C MET B 404 48.77 -28.38 11.48
N LYS B 405 49.52 -28.86 12.47
CA LYS B 405 50.73 -29.65 12.22
C LYS B 405 50.44 -30.94 11.46
N ILE B 406 51.28 -31.26 10.48
CA ILE B 406 51.20 -32.54 9.77
C ILE B 406 52.19 -33.42 10.52
N GLU B 407 51.68 -34.35 11.32
CA GLU B 407 52.50 -35.22 12.17
C GLU B 407 53.33 -36.24 11.40
N ASN B 408 54.52 -36.56 11.94
CA ASN B 408 55.44 -37.59 11.40
C ASN B 408 55.79 -37.37 9.94
N CYS B 409 55.87 -36.11 9.51
CA CYS B 409 56.07 -35.75 8.12
C CYS B 409 57.12 -34.67 7.99
N SER B 410 58.10 -34.93 7.15
CA SER B 410 59.24 -34.03 6.96
C SER B 410 59.19 -33.36 5.58
N ILE B 411 59.01 -34.12 4.49
CA ILE B 411 58.96 -33.54 3.15
C ILE B 411 57.83 -34.12 2.31
N ILE B 412 57.38 -33.33 1.32
CA ILE B 412 56.36 -33.70 0.34
C ILE B 412 57.07 -33.78 -1.03
N LYS B 413 56.91 -34.90 -1.75
CA LYS B 413 57.53 -35.08 -3.07
C LYS B 413 56.41 -35.34 -4.05
N GLY B 414 56.45 -34.67 -5.21
CA GLY B 414 55.44 -34.89 -6.23
C GLY B 414 55.58 -36.23 -6.93
N THR B 415 54.45 -36.86 -7.27
CA THR B 415 54.49 -38.11 -8.01
C THR B 415 53.81 -37.95 -9.38
N GLY B 416 53.10 -36.84 -9.59
CA GLY B 416 52.41 -36.53 -10.84
C GLY B 416 51.57 -37.63 -11.43
N ASN B 417 50.62 -38.14 -10.63
CA ASN B 417 49.70 -39.21 -11.02
C ASN B 417 48.29 -38.62 -10.98
N PHE B 418 47.79 -38.11 -12.12
CA PHE B 418 46.48 -37.42 -12.17
C PHE B 418 45.29 -38.22 -11.64
N ASP B 419 45.20 -39.51 -12.00
CA ASP B 419 44.12 -40.40 -11.58
C ASP B 419 44.04 -40.53 -10.06
N LYS B 420 45.20 -40.68 -9.38
CA LYS B 420 45.27 -40.74 -7.91
C LYS B 420 44.93 -39.37 -7.33
N CYS B 421 45.41 -38.29 -7.96
CA CYS B 421 45.09 -36.90 -7.59
C CYS B 421 43.55 -36.71 -7.60
N VAL B 422 42.86 -37.16 -8.68
CA VAL B 422 41.37 -37.04 -8.75
C VAL B 422 40.70 -37.83 -7.59
N SER B 423 41.16 -39.06 -7.35
CA SER B 423 40.62 -39.95 -6.31
C SER B 423 40.74 -39.32 -4.90
N GLN B 424 41.86 -38.64 -4.63
CA GLN B 424 42.06 -37.97 -3.34
C GLN B 424 41.28 -36.68 -3.25
N VAL B 425 41.19 -35.93 -4.34
CA VAL B 425 40.40 -34.71 -4.32
C VAL B 425 38.95 -35.07 -4.03
N GLU B 426 38.47 -36.13 -4.68
CA GLU B 426 37.12 -36.64 -4.47
C GLU B 426 36.89 -37.03 -2.99
N SER B 427 37.77 -37.87 -2.41
CA SER B 427 37.56 -38.34 -1.03
C SER B 427 37.86 -37.34 0.09
N ILE B 428 38.77 -36.40 -0.13
CA ILE B 428 39.12 -35.38 0.87
C ILE B 428 38.24 -34.13 0.73
N LEU B 429 38.11 -33.60 -0.49
CA LEU B 429 37.47 -32.31 -0.69
C LEU B 429 36.03 -32.28 -1.12
N VAL B 430 35.69 -33.07 -2.14
CA VAL B 430 34.38 -33.00 -2.79
C VAL B 430 33.32 -33.85 -2.12
N ALA B 431 33.65 -35.10 -1.80
CA ALA B 431 32.70 -36.01 -1.16
C ALA B 431 33.37 -36.65 0.05
N PRO B 432 33.72 -35.87 1.10
CA PRO B 432 34.40 -36.50 2.25
C PRO B 432 33.48 -37.47 2.98
N LYS B 433 34.04 -38.45 3.70
CA LYS B 433 33.26 -39.41 4.48
C LYS B 433 32.26 -38.63 5.36
N LEU B 434 32.71 -37.55 6.00
CA LEU B 434 31.87 -36.64 6.78
C LEU B 434 32.06 -35.21 6.23
N PRO B 435 30.99 -34.59 5.70
CA PRO B 435 31.10 -33.19 5.27
C PRO B 435 31.28 -32.28 6.48
N LEU B 436 31.82 -31.07 6.26
CA LEU B 436 31.94 -30.04 7.29
C LEU B 436 30.48 -29.48 7.55
N PRO B 437 30.20 -28.86 8.73
CA PRO B 437 28.82 -28.44 9.04
C PRO B 437 28.10 -27.51 8.06
N ALA B 438 26.78 -27.79 7.86
CA ALA B 438 25.89 -27.01 6.98
C ALA B 438 25.73 -25.59 7.52
N ASN B 439 25.68 -24.62 6.59
CA ASN B 439 25.48 -23.25 6.98
C ASN B 439 24.02 -22.94 6.66
N ILE B 440 23.27 -22.47 7.65
CA ILE B 440 21.84 -22.16 7.46
C ILE B 440 21.48 -20.69 7.58
N GLU B 441 22.42 -19.78 7.28
CA GLU B 441 22.11 -18.35 7.24
C GLU B 441 21.12 -18.08 6.08
N ALA B 442 20.44 -16.94 6.10
CA ALA B 442 19.43 -16.56 5.11
C ALA B 442 19.89 -16.70 3.64
N ALA B 443 21.15 -16.30 3.34
CA ALA B 443 21.72 -16.37 1.99
C ALA B 443 22.12 -17.79 1.53
N SER B 444 22.04 -18.79 2.43
CA SER B 444 22.45 -20.15 2.15
C SER B 444 21.26 -21.10 2.12
N SER B 445 21.25 -21.98 1.15
CA SER B 445 20.24 -23.03 1.00
C SER B 445 20.34 -24.15 2.08
N GLY B 446 21.49 -24.27 2.73
CA GLY B 446 21.74 -25.23 3.80
C GLY B 446 22.25 -26.59 3.37
N PHE B 447 22.83 -26.68 2.15
CA PHE B 447 23.43 -27.90 1.64
C PHE B 447 24.79 -28.10 2.30
N GLU B 448 25.21 -29.35 2.46
CA GLU B 448 26.50 -29.66 3.10
C GLU B 448 27.57 -30.19 2.12
N SER B 449 27.16 -30.69 0.93
CA SER B 449 28.12 -31.26 -0.02
C SER B 449 27.69 -31.03 -1.49
N VAL B 450 28.65 -31.14 -2.43
CA VAL B 450 28.48 -31.03 -3.90
C VAL B 450 27.55 -32.17 -4.42
N ASP B 451 27.75 -33.41 -3.94
CA ASP B 451 26.93 -34.56 -4.37
C ASP B 451 25.46 -34.36 -3.96
N GLN B 452 25.23 -33.87 -2.73
CA GLN B 452 23.89 -33.59 -2.20
C GLN B 452 23.17 -32.51 -3.06
N VAL B 453 23.91 -31.48 -3.52
CA VAL B 453 23.39 -30.41 -4.40
C VAL B 453 22.89 -31.03 -5.70
N PHE B 454 23.73 -31.81 -6.39
CA PHE B 454 23.35 -32.40 -7.68
C PHE B 454 22.38 -33.61 -7.62
N ARG B 455 22.30 -34.27 -6.44
CA ARG B 455 21.37 -35.38 -6.21
C ARG B 455 19.93 -34.85 -5.99
N PHE B 456 19.77 -33.79 -5.19
CA PHE B 456 18.44 -33.26 -4.82
C PHE B 456 17.97 -32.00 -5.53
N ALA B 457 18.91 -31.24 -6.08
CA ALA B 457 18.54 -29.98 -6.69
C ALA B 457 19.17 -29.68 -8.04
N SER B 458 19.47 -30.71 -8.89
CA SER B 458 20.06 -30.46 -10.22
C SER B 458 19.09 -29.62 -11.09
N SER B 459 19.62 -28.79 -11.99
CA SER B 459 18.88 -27.88 -12.85
C SER B 459 19.40 -27.95 -14.30
N THR B 460 18.57 -27.50 -15.24
CA THR B 460 18.94 -27.44 -16.65
C THR B 460 19.53 -26.06 -17.02
N ALA B 461 19.54 -25.13 -16.06
CA ALA B 461 20.09 -23.78 -16.27
C ALA B 461 21.54 -23.88 -16.73
N PRO B 462 21.99 -23.03 -17.69
CA PRO B 462 23.41 -23.09 -18.08
C PRO B 462 24.33 -22.70 -16.91
N MET B 463 25.59 -23.19 -16.92
CA MET B 463 26.54 -22.91 -15.83
C MET B 463 27.80 -22.22 -16.30
N ILE B 464 28.18 -21.14 -15.60
CA ILE B 464 29.40 -20.38 -15.89
C ILE B 464 30.44 -20.62 -14.80
N VAL B 465 31.60 -21.17 -15.20
CA VAL B 465 32.70 -21.45 -14.29
C VAL B 465 33.63 -20.26 -14.31
N THR B 466 33.90 -19.70 -13.13
CA THR B 466 34.73 -18.49 -12.91
C THR B 466 35.76 -18.70 -11.79
N GLY B 467 36.77 -17.85 -11.76
CA GLY B 467 37.86 -17.92 -10.80
C GLY B 467 39.18 -18.14 -11.51
N GLY B 468 40.17 -17.31 -11.14
CA GLY B 468 41.51 -17.32 -11.72
C GLY B 468 42.18 -18.66 -11.90
N GLY B 469 42.15 -19.48 -10.86
CA GLY B 469 42.73 -20.84 -10.89
C GLY B 469 41.95 -21.78 -11.79
N MET B 470 40.60 -21.68 -11.78
CA MET B 470 39.77 -22.55 -12.64
C MET B 470 40.04 -22.26 -14.11
N LEU B 471 40.20 -20.97 -14.43
CA LEU B 471 40.49 -20.54 -15.80
C LEU B 471 41.91 -20.92 -16.23
N ALA B 472 42.91 -20.77 -15.33
CA ALA B 472 44.30 -21.16 -15.63
C ALA B 472 44.39 -22.67 -15.86
N ALA B 473 43.60 -23.49 -15.15
CA ALA B 473 43.61 -24.95 -15.33
C ALA B 473 43.22 -25.34 -16.77
N ILE B 474 42.19 -24.69 -17.35
CA ILE B 474 41.72 -24.93 -18.71
C ILE B 474 42.67 -24.30 -19.75
N ASN B 475 43.05 -23.02 -19.54
CA ASN B 475 43.94 -22.30 -20.47
C ASN B 475 45.36 -22.88 -20.56
N THR B 476 45.90 -23.46 -19.46
CA THR B 476 47.23 -24.08 -19.53
C THR B 476 47.19 -25.28 -20.49
N LEU B 477 46.11 -26.08 -20.44
CA LEU B 477 45.93 -27.25 -21.30
C LEU B 477 45.72 -26.88 -22.76
N LYS B 478 44.96 -25.82 -22.99
CA LYS B 478 44.72 -25.29 -24.34
C LYS B 478 46.03 -24.78 -24.93
N ASP B 479 46.85 -24.06 -24.12
CA ASP B 479 48.15 -23.50 -24.55
C ASP B 479 49.16 -24.54 -24.98
N HIS B 480 49.16 -25.72 -24.35
CA HIS B 480 50.08 -26.79 -24.72
C HIS B 480 49.47 -27.71 -25.79
N ARG B 481 48.29 -27.30 -26.34
CA ARG B 481 47.53 -28.01 -27.38
C ARG B 481 47.10 -29.43 -26.94
N LEU B 482 46.80 -29.59 -25.63
CA LEU B 482 46.32 -30.85 -25.06
C LEU B 482 44.80 -30.87 -25.06
N LEU B 483 44.21 -29.68 -25.03
CA LEU B 483 42.77 -29.47 -25.10
C LEU B 483 42.48 -28.66 -26.33
N ARG B 484 41.42 -28.99 -27.06
CA ARG B 484 41.03 -28.20 -28.23
C ARG B 484 40.47 -26.85 -27.75
N SER B 485 40.65 -25.80 -28.55
CA SER B 485 40.14 -24.46 -28.22
C SER B 485 38.61 -24.47 -28.04
N ASP B 486 37.92 -25.42 -28.72
CA ASP B 486 36.47 -25.60 -28.70
C ASP B 486 35.95 -26.50 -27.55
N PHE B 487 36.84 -26.84 -26.57
CA PHE B 487 36.47 -27.63 -25.39
C PHE B 487 35.18 -27.07 -24.76
N SER B 488 34.21 -27.94 -24.50
CA SER B 488 32.90 -27.53 -24.00
C SER B 488 32.49 -28.20 -22.66
N GLY B 489 33.44 -28.80 -21.97
CA GLY B 489 33.15 -29.42 -20.68
C GLY B 489 33.14 -30.92 -20.61
N ASP B 490 33.54 -31.64 -21.69
CA ASP B 490 33.58 -33.09 -21.62
C ASP B 490 34.63 -33.56 -20.60
N VAL B 491 34.16 -34.33 -19.60
CA VAL B 491 34.94 -34.90 -18.49
C VAL B 491 36.16 -35.70 -18.94
N GLU B 492 35.94 -36.69 -19.83
CA GLU B 492 37.01 -37.56 -20.31
C GLU B 492 38.06 -36.84 -21.14
N GLU B 493 37.62 -35.87 -21.95
CA GLU B 493 38.49 -35.02 -22.77
C GLU B 493 39.44 -34.24 -21.82
N LEU B 494 38.87 -33.65 -20.75
CA LEU B 494 39.63 -32.93 -19.72
C LEU B 494 40.64 -33.82 -18.98
N ALA B 495 40.18 -35.00 -18.47
CA ALA B 495 41.01 -35.96 -17.74
C ALA B 495 42.20 -36.46 -18.58
N GLU B 496 41.98 -36.75 -19.90
CA GLU B 496 43.07 -37.20 -20.80
C GLU B 496 44.14 -36.12 -20.94
N ALA B 497 43.70 -34.85 -21.17
CA ALA B 497 44.59 -33.68 -21.27
C ALA B 497 45.37 -33.45 -19.96
N ALA B 498 44.68 -33.47 -18.80
CA ALA B 498 45.34 -33.26 -17.52
C ALA B 498 46.29 -34.40 -17.13
N ARG B 499 45.96 -35.65 -17.51
CA ARG B 499 46.81 -36.81 -17.23
C ARG B 499 48.18 -36.62 -17.84
N GLU B 500 48.22 -36.09 -19.09
CA GLU B 500 49.44 -35.83 -19.84
C GLU B 500 50.24 -34.68 -19.20
N PHE B 501 49.60 -33.54 -18.97
CA PHE B 501 50.24 -32.35 -18.36
C PHE B 501 50.77 -32.65 -16.97
N CYS B 502 49.96 -33.36 -16.18
CA CYS B 502 50.28 -33.65 -14.80
C CYS B 502 51.40 -34.66 -14.57
N SER B 503 51.77 -35.37 -15.65
CA SER B 503 52.90 -36.32 -15.75
C SER B 503 54.26 -35.60 -16.02
N SER B 504 54.25 -34.27 -16.22
CA SER B 504 55.46 -33.48 -16.46
C SER B 504 56.49 -33.57 -15.33
N GLU B 505 57.75 -33.37 -15.71
CA GLU B 505 58.89 -33.40 -14.81
C GLU B 505 59.40 -31.98 -14.58
N VAL B 506 59.76 -31.64 -13.33
CA VAL B 506 60.36 -30.35 -13.03
C VAL B 506 61.86 -30.46 -13.43
N ILE B 507 62.31 -29.56 -14.32
CA ILE B 507 63.68 -29.49 -14.83
C ILE B 507 64.28 -28.12 -14.45
N ILE B 508 65.54 -28.12 -14.00
CA ILE B 508 66.23 -26.89 -13.61
C ILE B 508 67.15 -26.41 -14.73
N ARG B 509 66.82 -25.24 -15.30
CA ARG B 509 67.60 -24.60 -16.37
C ARG B 509 68.25 -23.31 -15.80
N THR B 510 69.15 -22.66 -16.60
CA THR B 510 69.85 -21.44 -16.18
C THR B 510 68.86 -20.31 -15.87
N ASP B 511 67.82 -20.17 -16.71
CA ASP B 511 66.75 -19.16 -16.58
C ASP B 511 65.81 -19.43 -15.39
N GLY B 512 65.83 -20.64 -14.84
CA GLY B 512 64.99 -21.05 -13.71
C GLY B 512 64.33 -22.41 -13.86
N PRO B 513 63.41 -22.79 -12.92
CA PRO B 513 62.75 -24.11 -13.05
C PRO B 513 61.65 -24.12 -14.10
N VAL B 514 61.52 -25.25 -14.83
CA VAL B 514 60.50 -25.41 -15.87
C VAL B 514 59.70 -26.69 -15.65
N ILE B 515 58.44 -26.68 -16.11
CA ILE B 515 57.56 -27.84 -16.12
C ILE B 515 57.78 -28.39 -17.52
N GLN B 516 58.46 -29.53 -17.64
CA GLN B 516 58.72 -30.13 -18.95
C GLN B 516 57.70 -31.24 -19.20
N LEU B 517 56.84 -31.06 -20.22
CA LEU B 517 55.79 -32.00 -20.61
C LEU B 517 56.37 -33.30 -21.17
N PRO B 518 55.67 -34.46 -21.07
CA PRO B 518 56.21 -35.70 -21.66
C PRO B 518 56.24 -35.65 -23.19
N ASN B 519 56.99 -36.58 -23.83
CA ASN B 519 57.10 -36.73 -25.31
C ASN B 519 57.56 -35.43 -26.02
N ALA B 520 58.40 -34.61 -25.34
CA ALA B 520 58.95 -33.34 -25.84
C ALA B 520 57.90 -32.37 -26.40
N ARG B 521 56.70 -32.36 -25.79
CA ARG B 521 55.58 -31.51 -26.21
C ARG B 521 55.85 -30.04 -25.95
N GLY B 522 56.72 -29.78 -24.98
CA GLY B 522 57.12 -28.42 -24.63
C GLY B 522 57.27 -28.21 -23.14
N GLU B 523 57.38 -26.94 -22.76
CA GLU B 523 57.58 -26.54 -21.37
C GLU B 523 57.07 -25.15 -21.05
N GLN B 524 57.02 -24.83 -19.77
CA GLN B 524 56.64 -23.51 -19.28
C GLN B 524 57.35 -23.31 -17.94
N LYS B 525 57.52 -22.06 -17.52
CA LYS B 525 58.16 -21.73 -16.23
C LYS B 525 57.34 -22.25 -15.05
N LEU B 526 58.02 -22.84 -14.07
CA LEU B 526 57.39 -23.31 -12.84
C LEU B 526 57.38 -22.11 -11.88
N ASN B 527 56.22 -21.79 -11.30
CA ASN B 527 56.15 -20.66 -10.38
C ASN B 527 55.21 -20.94 -9.20
N SER B 528 55.14 -19.99 -8.26
CA SER B 528 54.35 -20.05 -7.04
C SER B 528 52.84 -20.17 -7.25
N LEU B 529 52.33 -19.72 -8.41
CA LEU B 529 50.91 -19.80 -8.73
C LEU B 529 50.51 -21.07 -9.47
N ASN B 530 51.45 -21.73 -10.19
CA ASN B 530 51.14 -22.92 -10.99
C ASN B 530 51.72 -24.29 -10.52
N PHE B 531 52.59 -24.31 -9.47
CA PHE B 531 53.21 -25.56 -8.99
C PHE B 531 52.18 -26.64 -8.56
N ASP B 532 51.02 -26.20 -8.07
CA ASP B 532 49.97 -27.10 -7.60
C ASP B 532 48.67 -27.00 -8.43
N LEU B 533 48.76 -26.52 -9.69
CA LEU B 533 47.60 -26.40 -10.61
C LEU B 533 46.88 -27.73 -10.90
N CYS B 534 47.59 -28.88 -10.80
CA CYS B 534 46.98 -30.19 -11.09
C CYS B 534 45.84 -30.55 -10.15
N LYS B 535 45.89 -30.02 -8.91
CA LYS B 535 44.82 -30.22 -7.92
C LYS B 535 43.54 -29.47 -8.41
N THR B 536 43.70 -28.30 -9.02
CA THR B 536 42.57 -27.51 -9.57
C THR B 536 42.01 -28.23 -10.80
N MET B 537 42.87 -28.87 -11.61
CA MET B 537 42.42 -29.68 -12.76
C MET B 537 41.58 -30.86 -12.22
N ALA B 538 42.02 -31.51 -11.10
CA ALA B 538 41.31 -32.64 -10.46
C ALA B 538 39.98 -32.18 -9.85
N LEU B 539 39.96 -31.00 -9.23
CA LEU B 539 38.73 -30.44 -8.66
C LEU B 539 37.71 -30.21 -9.80
N THR B 540 38.20 -29.73 -10.95
CA THR B 540 37.35 -29.49 -12.12
C THR B 540 36.76 -30.81 -12.60
N VAL B 541 37.58 -31.86 -12.78
CA VAL B 541 37.08 -33.18 -13.21
C VAL B 541 35.99 -33.66 -12.24
N SER B 542 36.28 -33.60 -10.93
CA SER B 542 35.33 -34.01 -9.89
C SER B 542 33.98 -33.24 -9.97
N LEU B 543 34.04 -31.91 -10.03
CA LEU B 543 32.83 -31.06 -10.12
C LEU B 543 31.97 -31.40 -11.35
N LEU B 544 32.63 -31.59 -12.51
CA LEU B 544 31.94 -31.92 -13.77
C LEU B 544 31.29 -33.28 -13.69
N ARG B 545 31.94 -34.26 -13.02
CA ARG B 545 31.39 -35.61 -12.84
C ARG B 545 30.15 -35.58 -11.97
N HIS B 546 30.18 -34.79 -10.87
CA HIS B 546 29.01 -34.67 -10.00
C HIS B 546 27.83 -34.00 -10.76
N MET B 547 28.13 -32.96 -11.58
CA MET B 547 27.10 -32.29 -12.40
C MET B 547 26.53 -33.24 -13.46
N ALA B 548 27.39 -34.08 -14.08
CA ALA B 548 26.97 -35.03 -15.10
C ALA B 548 26.08 -36.15 -14.52
N ALA B 549 26.23 -36.47 -13.22
CA ALA B 549 25.43 -37.50 -12.55
C ALA B 549 24.06 -37.00 -12.06
N GLY B 550 23.79 -35.70 -12.19
CA GLY B 550 22.49 -35.13 -11.83
C GLY B 550 21.39 -35.53 -12.78
N GLU B 551 20.15 -35.65 -12.27
CA GLU B 551 18.93 -35.95 -13.06
C GLU B 551 18.75 -34.92 -14.21
N ASN B 552 18.98 -33.65 -13.90
CA ASN B 552 18.92 -32.55 -14.86
C ASN B 552 20.34 -32.14 -15.17
N GLN B 553 20.62 -31.85 -16.43
CA GLN B 553 21.96 -31.44 -16.86
C GLN B 553 21.96 -29.98 -17.26
N PRO B 554 23.00 -29.18 -16.91
CA PRO B 554 23.06 -27.80 -17.42
C PRO B 554 23.03 -27.83 -18.96
N SER B 555 22.30 -26.89 -19.60
CA SER B 555 22.16 -26.80 -21.06
C SER B 555 23.51 -26.59 -21.71
N PHE B 556 24.42 -25.89 -21.00
CA PHE B 556 25.80 -25.72 -21.40
C PHE B 556 26.65 -25.35 -20.20
N ILE B 557 27.95 -25.59 -20.32
CA ILE B 557 28.94 -25.22 -19.32
C ILE B 557 30.03 -24.43 -20.04
N LYS B 558 30.32 -23.23 -19.53
CA LYS B 558 31.38 -22.36 -20.08
C LYS B 558 32.29 -21.84 -18.99
N TRP B 559 33.55 -21.59 -19.35
CA TRP B 559 34.59 -21.02 -18.49
C TRP B 559 34.77 -19.59 -18.93
N GLU B 560 34.55 -18.63 -18.02
CA GLU B 560 34.65 -17.21 -18.41
C GLU B 560 35.52 -16.38 -17.49
N LYS B 561 36.39 -15.58 -18.10
CA LYS B 561 37.29 -14.63 -17.45
C LYS B 561 36.54 -13.29 -17.36
N SER B 562 35.73 -12.99 -18.40
CA SER B 562 34.91 -11.78 -18.54
C SER B 562 33.67 -12.01 -19.43
N ILE B 563 32.74 -11.04 -19.42
CA ILE B 563 31.51 -11.03 -20.19
C ILE B 563 31.58 -9.81 -21.10
N ALA B 564 31.41 -10.02 -22.42
CA ALA B 564 31.43 -8.97 -23.44
C ALA B 564 30.18 -8.10 -23.34
N GLY B 565 30.37 -6.79 -23.33
CA GLY B 565 29.28 -5.82 -23.27
C GLY B 565 28.59 -5.62 -24.62
N PRO B 566 27.67 -4.63 -24.74
CA PRO B 566 27.00 -4.40 -26.03
C PRO B 566 27.96 -4.01 -27.16
N ASP B 567 29.00 -3.20 -26.84
CA ASP B 567 30.03 -2.74 -27.79
C ASP B 567 31.15 -3.77 -28.02
N GLY B 568 31.13 -4.87 -27.27
CA GLY B 568 32.13 -5.93 -27.38
C GLY B 568 33.08 -6.01 -26.19
N LYS B 569 33.55 -4.85 -25.70
CA LYS B 569 34.46 -4.75 -24.56
C LYS B 569 33.70 -4.93 -23.23
N PRO B 570 34.26 -5.65 -22.22
CA PRO B 570 33.54 -5.80 -20.93
C PRO B 570 33.28 -4.46 -20.22
N LEU B 571 32.09 -4.31 -19.61
CA LEU B 571 31.74 -3.09 -18.91
C LEU B 571 32.26 -3.07 -17.47
N ALA B 572 32.34 -4.27 -16.86
CA ALA B 572 32.81 -4.46 -15.49
C ALA B 572 33.30 -5.90 -15.31
N ASP B 573 33.87 -6.20 -14.15
CA ASP B 573 34.42 -7.54 -13.92
C ASP B 573 33.41 -8.47 -13.32
N LEU B 574 33.66 -9.79 -13.50
CA LEU B 574 32.89 -10.83 -12.83
C LEU B 574 33.26 -10.73 -11.33
N GLY B 575 32.40 -11.26 -10.46
CA GLY B 575 32.63 -11.18 -9.03
C GLY B 575 31.50 -10.46 -8.33
N TRP B 576 31.59 -10.25 -7.01
CA TRP B 576 30.50 -9.67 -6.20
C TRP B 576 30.20 -8.17 -6.32
N GLN B 577 31.18 -7.37 -6.75
CA GLN B 577 31.14 -5.93 -6.84
C GLN B 577 29.94 -5.32 -7.57
N VAL B 578 29.64 -5.74 -8.81
CA VAL B 578 28.46 -5.24 -9.54
C VAL B 578 27.14 -5.59 -8.80
N GLY B 579 27.02 -6.85 -8.37
CA GLY B 579 25.87 -7.34 -7.61
C GLY B 579 25.56 -6.49 -6.38
N VAL B 580 26.61 -6.09 -5.64
CA VAL B 580 26.49 -5.21 -4.45
C VAL B 580 25.89 -3.85 -4.84
N ILE B 581 26.39 -3.24 -5.92
CA ILE B 581 25.87 -1.94 -6.41
C ILE B 581 24.38 -2.10 -6.74
N LEU B 582 24.06 -3.13 -7.55
CA LEU B 582 22.68 -3.40 -7.98
C LEU B 582 21.71 -3.61 -6.85
N HIS B 583 22.10 -4.37 -5.81
CA HIS B 583 21.14 -4.61 -4.72
C HIS B 583 20.77 -3.35 -3.94
N HIS B 584 21.58 -2.28 -4.08
CA HIS B 584 21.27 -0.97 -3.50
C HIS B 584 20.54 -0.10 -4.53
N VAL B 585 21.15 0.10 -5.73
CA VAL B 585 20.62 1.01 -6.78
C VAL B 585 19.26 0.65 -7.36
N LEU B 586 18.92 -0.66 -7.40
CA LEU B 586 17.63 -1.13 -7.98
C LEU B 586 16.42 -0.77 -7.13
N PHE B 587 16.61 -0.55 -5.82
CA PHE B 587 15.55 -0.17 -4.88
C PHE B 587 15.45 1.36 -4.94
N THR B 588 14.74 1.83 -5.98
CA THR B 588 14.58 3.22 -6.39
C THR B 588 14.33 4.21 -5.25
N GLU B 589 13.28 3.98 -4.48
CA GLU B 589 12.91 4.91 -3.40
C GLU B 589 13.95 4.96 -2.29
N GLU B 590 14.42 3.78 -1.83
CA GLU B 590 15.44 3.65 -0.79
C GLU B 590 16.75 4.30 -1.25
N TRP B 591 17.22 3.98 -2.48
CA TRP B 591 18.46 4.57 -3.03
C TRP B 591 18.34 6.10 -3.12
N GLY B 592 17.22 6.60 -3.66
CA GLY B 592 16.98 8.02 -3.79
C GLY B 592 17.13 8.75 -2.44
N ARG B 593 16.59 8.15 -1.36
CA ARG B 593 16.67 8.69 0.00
C ARG B 593 18.10 8.71 0.56
N ASN B 594 18.81 7.57 0.50
CA ASN B 594 20.15 7.43 1.03
C ASN B 594 21.23 8.15 0.26
N ALA B 595 21.20 8.02 -1.09
CA ALA B 595 22.24 8.58 -1.93
C ALA B 595 22.08 10.04 -2.27
N TYR B 596 20.81 10.52 -2.43
CA TYR B 596 20.56 11.90 -2.81
C TYR B 596 19.99 12.79 -1.71
N GLU B 597 18.94 12.33 -1.02
CA GLU B 597 18.30 13.14 0.04
C GLU B 597 19.24 13.34 1.23
N ALA B 598 19.71 12.23 1.84
CA ALA B 598 20.66 12.26 2.94
C ALA B 598 22.01 12.70 2.33
N GLY B 599 22.59 11.83 1.48
CA GLY B 599 23.81 12.15 0.73
C GLY B 599 25.03 12.50 1.57
N TYR B 600 26.00 13.18 0.95
CA TYR B 600 27.20 13.63 1.65
C TYR B 600 26.86 14.76 2.63
N SER B 601 25.76 15.52 2.36
CA SER B 601 25.31 16.62 3.23
C SER B 601 24.86 16.13 4.59
N HIS B 602 24.61 14.81 4.73
CA HIS B 602 24.29 14.20 6.03
C HIS B 602 25.50 14.35 6.97
N ASN B 603 26.72 14.45 6.39
CA ASN B 603 27.98 14.60 7.13
C ASN B 603 28.29 16.01 7.62
N LEU B 604 27.57 17.05 7.13
CA LEU B 604 27.77 18.43 7.59
C LEU B 604 27.69 18.51 9.13
N GLU B 605 28.67 19.18 9.76
CA GLU B 605 28.76 19.32 11.21
C GLU B 605 28.82 20.77 11.64
N GLU C 15 41.59 1.76 34.81
CA GLU C 15 40.36 1.01 34.54
C GLU C 15 39.27 1.92 33.96
N LYS C 16 39.14 3.17 34.47
CA LYS C 16 38.17 4.18 34.02
C LYS C 16 38.44 4.53 32.54
N ARG C 17 39.63 4.13 32.05
CA ARG C 17 40.15 4.26 30.69
C ARG C 17 39.33 3.42 29.70
N ILE C 18 38.78 2.27 30.18
CA ILE C 18 37.92 1.35 29.43
C ILE C 18 36.63 2.10 29.06
N ASN C 19 35.99 2.76 30.07
CA ASN C 19 34.77 3.54 29.89
C ASN C 19 34.87 4.65 28.85
N VAL C 20 36.06 5.33 28.74
CA VAL C 20 36.36 6.34 27.72
C VAL C 20 36.29 5.67 26.31
N GLY C 21 36.85 4.47 26.18
CA GLY C 21 36.86 3.68 24.95
C GLY C 21 35.46 3.25 24.55
N LYS C 22 34.73 2.59 25.50
CA LYS C 22 33.35 2.15 25.32
C LYS C 22 32.43 3.32 24.98
N LYS C 23 32.61 4.48 25.64
CA LYS C 23 31.81 5.68 25.40
C LYS C 23 32.12 6.27 24.01
N HIS C 24 33.42 6.31 23.62
CA HIS C 24 33.84 6.80 22.31
C HIS C 24 33.17 6.01 21.18
N LEU C 25 33.12 4.65 21.30
CA LEU C 25 32.48 3.79 20.30
C LEU C 25 30.99 3.99 20.22
N GLN C 26 30.33 4.18 21.39
CA GLN C 26 28.89 4.45 21.45
C GLN C 26 28.58 5.81 20.83
N THR C 27 29.43 6.83 21.08
CA THR C 27 29.26 8.18 20.53
C THR C 27 29.26 8.10 19.00
N LEU C 28 30.26 7.40 18.41
CA LEU C 28 30.38 7.23 16.97
C LEU C 28 29.23 6.41 16.39
N ARG C 29 28.78 5.38 17.14
CA ARG C 29 27.63 4.55 16.76
C ARG C 29 26.35 5.40 16.76
N ASN C 30 26.20 6.32 17.75
CA ASN C 30 25.06 7.23 17.83
C ASN C 30 25.05 8.18 16.63
N LEU C 31 26.25 8.65 16.20
CA LEU C 31 26.38 9.57 15.06
C LEU C 31 25.87 8.97 13.74
N GLU C 32 26.15 7.68 13.50
CA GLU C 32 25.76 7.01 12.25
C GLU C 32 24.36 6.37 12.24
N THR C 33 23.63 6.44 13.38
CA THR C 33 22.28 5.87 13.50
C THR C 33 21.17 6.93 13.70
N ARG C 34 21.51 8.09 14.27
CA ARG C 34 20.54 9.15 14.56
C ARG C 34 20.34 10.13 13.41
N CYS C 35 19.29 10.97 13.50
CA CYS C 35 18.98 11.98 12.51
C CYS C 35 19.97 13.13 12.65
N HIS C 36 20.33 13.78 11.53
CA HIS C 36 21.25 14.93 11.51
C HIS C 36 20.50 16.16 10.99
N ASP C 37 20.66 17.30 11.67
CA ASP C 37 20.02 18.53 11.23
C ASP C 37 20.95 19.43 10.47
N SER C 38 20.42 20.09 9.46
CA SER C 38 21.18 21.01 8.61
C SER C 38 20.24 22.13 8.14
N LEU C 39 20.77 23.35 8.08
CA LEU C 39 20.04 24.55 7.71
C LEU C 39 19.85 24.69 6.17
N GLN C 40 18.68 25.16 5.74
CA GLN C 40 18.40 25.38 4.32
C GLN C 40 17.77 26.73 4.14
N ALA C 41 18.11 27.42 3.04
CA ALA C 41 17.43 28.67 2.71
C ALA C 41 16.36 28.35 1.66
N LEU C 42 15.22 29.08 1.70
CA LEU C 42 14.14 28.95 0.73
C LEU C 42 13.74 30.38 0.34
N VAL C 43 13.45 30.59 -0.95
CA VAL C 43 13.14 31.92 -1.46
C VAL C 43 11.77 31.93 -2.10
N VAL C 44 10.96 32.91 -1.71
CA VAL C 44 9.65 33.17 -2.27
C VAL C 44 9.72 34.54 -2.91
N ILE C 45 9.54 34.59 -4.24
CA ILE C 45 9.54 35.88 -4.93
C ILE C 45 8.06 36.27 -5.10
N ASP C 46 7.70 37.41 -4.51
CA ASP C 46 6.31 37.88 -4.58
C ASP C 46 6.17 38.82 -5.79
N ALA C 47 5.63 38.29 -6.90
CA ALA C 47 5.46 39.08 -8.12
C ALA C 47 4.02 39.62 -8.14
N GLY C 48 3.86 40.74 -7.46
CA GLY C 48 2.58 41.44 -7.30
C GLY C 48 2.28 42.41 -8.41
N SER C 49 1.16 43.10 -8.28
CA SER C 49 0.66 44.06 -9.25
C SER C 49 1.60 45.21 -9.51
N SER C 50 2.13 45.84 -8.45
CA SER C 50 3.00 47.02 -8.62
C SER C 50 4.46 46.78 -8.34
N SER C 51 4.80 45.60 -7.80
CA SER C 51 6.17 45.31 -7.42
C SER C 51 6.48 43.84 -7.35
N THR C 52 7.77 43.51 -7.54
CA THR C 52 8.33 42.18 -7.41
C THR C 52 9.39 42.27 -6.29
N ARG C 53 9.21 41.44 -5.25
CA ARG C 53 10.06 41.47 -4.06
C ARG C 53 10.47 40.07 -3.63
N THR C 54 11.74 39.90 -3.32
CA THR C 54 12.25 38.63 -2.84
C THR C 54 11.94 38.52 -1.34
N ASN C 55 11.73 37.29 -0.86
CA ASN C 55 11.50 36.97 0.56
C ASN C 55 12.40 35.81 0.88
N VAL C 56 13.34 36.01 1.82
CA VAL C 56 14.30 34.98 2.19
C VAL C 56 13.94 34.33 3.53
N PHE C 57 13.85 32.99 3.52
CA PHE C 57 13.49 32.18 4.68
C PHE C 57 14.58 31.19 5.03
N LEU C 58 14.62 30.80 6.32
CA LEU C 58 15.46 29.71 6.77
C LEU C 58 14.55 28.61 7.34
N ALA C 59 15.01 27.37 7.22
CA ALA C 59 14.31 26.17 7.65
C ALA C 59 15.35 25.17 8.10
N LYS C 60 14.98 24.36 9.09
CA LYS C 60 15.84 23.30 9.60
C LYS C 60 15.42 22.03 8.85
N THR C 61 16.39 21.36 8.24
CA THR C 61 16.10 20.09 7.55
C THR C 61 16.59 18.98 8.46
N ARG C 62 16.00 17.78 8.34
CA ARG C 62 16.38 16.62 9.12
C ARG C 62 16.60 15.45 8.17
N SER C 63 17.81 14.90 8.20
CA SER C 63 18.23 13.74 7.41
C SER C 63 18.26 12.52 8.34
N CYS C 64 17.36 11.53 8.08
CA CYS C 64 17.18 10.35 8.94
C CYS C 64 17.56 9.05 8.21
N PRO C 65 18.44 8.20 8.78
CA PRO C 65 18.83 6.95 8.09
C PRO C 65 17.66 6.16 7.53
N ASN C 66 17.75 5.80 6.21
CA ASN C 66 16.74 5.08 5.42
C ASN C 66 15.43 5.85 5.24
N LYS C 67 15.36 7.10 5.75
CA LYS C 67 14.14 7.90 5.66
C LYS C 67 14.27 9.16 4.81
N GLY C 68 15.48 9.44 4.31
CA GLY C 68 15.70 10.64 3.50
C GLY C 68 15.79 11.91 4.31
N ARG C 69 15.42 13.04 3.67
CA ARG C 69 15.51 14.39 4.23
C ARG C 69 14.18 15.14 4.13
N SER C 70 13.78 15.78 5.23
CA SER C 70 12.54 16.56 5.35
C SER C 70 12.75 17.90 6.08
N ILE C 71 11.77 18.82 5.98
CA ILE C 71 11.83 20.10 6.68
C ILE C 71 10.95 20.04 7.92
N ASP C 72 11.42 20.66 9.01
CA ASP C 72 10.62 20.81 10.24
C ASP C 72 9.76 22.06 9.94
N PRO C 73 8.43 21.93 9.78
CA PRO C 73 7.63 23.11 9.41
C PRO C 73 7.62 24.22 10.45
N ASP C 74 7.69 23.86 11.74
CA ASP C 74 7.75 24.82 12.84
C ASP C 74 8.99 25.71 12.79
N SER C 75 10.06 25.26 12.09
CA SER C 75 11.32 26.02 11.98
C SER C 75 11.32 27.16 10.93
N ILE C 76 10.34 27.18 10.00
CA ILE C 76 10.27 28.22 8.94
C ILE C 76 10.27 29.65 9.52
N GLN C 77 11.27 30.41 9.12
CA GLN C 77 11.47 31.76 9.64
C GLN C 77 11.90 32.71 8.51
N LEU C 78 11.27 33.88 8.47
CA LEU C 78 11.65 34.93 7.51
C LEU C 78 12.94 35.61 8.03
N ILE C 79 13.97 35.68 7.20
CA ILE C 79 15.21 36.36 7.58
C ILE C 79 15.40 37.69 6.88
N GLY C 80 14.57 37.96 5.89
CA GLY C 80 14.63 39.22 5.17
C GLY C 80 13.78 39.30 3.95
N ALA C 81 13.13 40.45 3.78
CA ALA C 81 12.30 40.77 2.62
C ALA C 81 13.06 41.93 1.95
N GLY C 82 13.20 41.90 0.64
CA GLY C 82 14.02 42.89 -0.05
C GLY C 82 13.34 44.10 -0.64
N LYS C 83 14.05 44.72 -1.57
CA LYS C 83 13.63 45.89 -2.31
C LYS C 83 12.48 45.53 -3.23
N ARG C 84 11.58 46.49 -3.46
CA ARG C 84 10.45 46.33 -4.35
C ARG C 84 10.89 46.75 -5.75
N PHE C 85 11.14 45.77 -6.64
CA PHE C 85 11.52 46.07 -8.02
C PHE C 85 10.23 46.18 -8.88
N ALA C 86 10.34 46.52 -10.17
CA ALA C 86 9.16 46.68 -11.03
C ALA C 86 8.34 45.38 -11.15
N GLY C 87 7.03 45.54 -11.29
CA GLY C 87 6.09 44.44 -11.45
C GLY C 87 6.29 43.73 -12.78
N LEU C 88 5.90 42.43 -12.88
CA LEU C 88 6.00 41.67 -14.14
C LEU C 88 5.20 42.32 -15.25
N ARG C 89 4.06 42.98 -14.90
CA ARG C 89 3.18 43.69 -15.82
C ARG C 89 3.98 44.72 -16.64
N VAL C 90 4.97 45.41 -16.00
CA VAL C 90 5.86 46.40 -16.64
C VAL C 90 6.67 45.72 -17.75
N VAL C 91 7.26 44.54 -17.47
CA VAL C 91 8.03 43.81 -18.48
C VAL C 91 7.16 43.58 -19.73
N LEU C 92 5.95 43.02 -19.55
CA LEU C 92 5.03 42.74 -20.65
C LEU C 92 4.53 44.00 -21.35
N GLU C 93 4.17 45.04 -20.56
CA GLU C 93 3.64 46.31 -21.12
C GLU C 93 4.65 47.03 -22.01
N GLU C 94 5.93 47.02 -21.60
CA GLU C 94 7.01 47.66 -22.34
C GLU C 94 7.29 46.89 -23.62
N TRP C 95 7.25 45.55 -23.53
CA TRP C 95 7.41 44.64 -24.67
C TRP C 95 6.24 44.84 -25.67
N LEU C 96 5.00 44.94 -25.17
CA LEU C 96 3.84 45.19 -26.04
C LEU C 96 3.91 46.56 -26.68
N ASP C 97 4.32 47.60 -25.92
CA ASP C 97 4.46 48.97 -26.43
C ASP C 97 5.40 49.01 -27.65
N THR C 98 6.55 48.32 -27.55
CA THR C 98 7.57 48.27 -28.59
C THR C 98 7.18 47.45 -29.81
N TYR C 99 6.65 46.23 -29.61
CA TYR C 99 6.37 45.29 -30.69
C TYR C 99 4.94 45.14 -31.20
N ALA C 100 3.95 45.54 -30.40
CA ALA C 100 2.55 45.47 -30.83
C ALA C 100 2.01 46.86 -31.21
N GLY C 101 2.70 47.91 -30.76
CA GLY C 101 2.29 49.29 -31.01
C GLY C 101 1.75 49.92 -29.74
N LYS C 102 1.89 51.24 -29.61
CA LYS C 102 1.47 51.98 -28.41
C LYS C 102 -0.03 51.94 -28.01
N ASP C 103 -0.91 51.61 -28.96
CA ASP C 103 -2.37 51.56 -28.72
C ASP C 103 -2.94 50.14 -28.48
N TRP C 104 -2.10 49.16 -28.06
CA TRP C 104 -2.50 47.77 -27.81
C TRP C 104 -3.63 47.58 -26.77
N GLU C 105 -3.71 48.48 -25.77
CA GLU C 105 -4.74 48.40 -24.72
C GLU C 105 -6.13 48.77 -25.26
N SER C 106 -6.18 49.66 -26.27
CA SER C 106 -7.42 50.20 -26.83
C SER C 106 -7.79 49.69 -28.24
N ARG C 107 -6.96 48.82 -28.86
CA ARG C 107 -7.26 48.33 -30.21
C ARG C 107 -6.93 46.83 -30.43
N PRO C 108 -7.46 46.14 -31.49
CA PRO C 108 -7.13 44.71 -31.68
C PRO C 108 -5.64 44.45 -31.95
N VAL C 109 -5.11 43.35 -31.41
CA VAL C 109 -3.72 42.95 -31.57
C VAL C 109 -3.64 41.52 -32.11
N ASP C 110 -2.79 41.30 -33.13
CA ASP C 110 -2.57 39.96 -33.67
C ASP C 110 -1.41 39.37 -32.82
N ALA C 111 -1.77 38.55 -31.81
CA ALA C 111 -0.83 37.91 -30.87
C ALA C 111 0.21 36.99 -31.54
N ARG C 112 -0.15 36.35 -32.69
CA ARG C 112 0.70 35.46 -33.49
C ARG C 112 2.01 36.13 -33.93
N LEU C 113 1.92 37.39 -34.40
CA LEU C 113 3.04 38.21 -34.87
C LEU C 113 4.09 38.41 -33.79
N LEU C 114 3.66 38.44 -32.52
CA LEU C 114 4.55 38.61 -31.37
C LEU C 114 5.52 37.47 -31.07
N PHE C 115 5.37 36.31 -31.74
CA PHE C 115 6.30 35.18 -31.58
C PHE C 115 7.67 35.48 -32.19
N GLN C 116 7.77 36.57 -32.96
CA GLN C 116 9.00 37.04 -33.60
C GLN C 116 9.91 37.72 -32.56
N TYR C 117 9.33 38.13 -31.41
CA TYR C 117 10.04 38.92 -30.39
C TYR C 117 10.22 38.23 -29.00
N VAL C 118 10.38 36.91 -29.00
CA VAL C 118 10.60 36.10 -27.78
C VAL C 118 11.95 36.46 -27.10
N PRO C 119 13.11 36.64 -27.82
CA PRO C 119 14.35 37.02 -27.13
C PRO C 119 14.28 38.40 -26.48
N GLN C 120 13.46 39.32 -27.06
CA GLN C 120 13.28 40.65 -26.50
C GLN C 120 12.46 40.58 -25.21
N MET C 121 11.55 39.59 -25.10
CA MET C 121 10.77 39.37 -23.86
C MET C 121 11.71 38.82 -22.81
N HIS C 122 12.62 37.90 -23.22
CA HIS C 122 13.63 37.30 -22.34
C HIS C 122 14.56 38.41 -21.81
N GLU C 123 14.92 39.34 -22.68
CA GLU C 123 15.77 40.52 -22.45
C GLU C 123 15.19 41.36 -21.29
N GLY C 124 13.88 41.60 -21.31
CA GLY C 124 13.18 42.32 -20.24
C GLY C 124 13.14 41.56 -18.93
N ALA C 125 12.88 40.25 -18.99
CA ALA C 125 12.81 39.44 -17.78
C ALA C 125 14.20 39.28 -17.12
N LYS C 126 15.27 39.21 -17.94
CA LYS C 126 16.66 39.04 -17.49
C LYS C 126 17.11 40.17 -16.55
N LYS C 127 16.87 41.45 -16.94
CA LYS C 127 17.27 42.59 -16.11
C LYS C 127 16.58 42.56 -14.73
N LEU C 128 15.28 42.19 -14.69
CA LEU C 128 14.56 42.11 -13.43
C LEU C 128 15.08 40.94 -12.56
N MET C 129 15.29 39.75 -13.17
CA MET C 129 15.78 38.57 -12.45
C MET C 129 17.18 38.76 -11.89
N GLN C 130 18.02 39.49 -12.61
CA GLN C 130 19.38 39.80 -12.16
C GLN C 130 19.31 40.71 -10.89
N LEU C 131 18.38 41.69 -10.86
CA LEU C 131 18.19 42.57 -9.69
C LEU C 131 17.70 41.78 -8.47
N LEU C 132 16.77 40.84 -8.70
CA LEU C 132 16.22 40.00 -7.63
C LEU C 132 17.29 39.04 -7.08
N GLU C 133 18.12 38.48 -8.00
CA GLU C 133 19.15 37.52 -7.63
C GLU C 133 20.19 38.25 -6.76
N GLU C 134 20.65 39.45 -7.19
CA GLU C 134 21.61 40.24 -6.42
C GLU C 134 21.07 40.62 -5.04
N ASP C 135 19.78 41.02 -4.95
CA ASP C 135 19.11 41.39 -3.69
C ASP C 135 18.99 40.19 -2.72
N THR C 136 18.69 38.98 -3.24
CA THR C 136 18.55 37.75 -2.46
C THR C 136 19.90 37.38 -1.87
N VAL C 137 20.97 37.43 -2.70
CA VAL C 137 22.34 37.12 -2.30
C VAL C 137 22.81 38.10 -1.20
N ALA C 138 22.44 39.39 -1.34
CA ALA C 138 22.79 40.45 -0.38
C ALA C 138 22.21 40.16 1.01
N ILE C 139 20.94 39.70 1.03
CA ILE C 139 20.20 39.31 2.25
C ILE C 139 20.88 38.10 2.89
N LEU C 140 21.13 37.04 2.10
CA LEU C 140 21.81 35.84 2.60
C LEU C 140 23.17 36.17 3.24
N ASP C 141 23.99 36.96 2.54
CA ASP C 141 25.32 37.37 3.03
C ASP C 141 25.28 38.22 4.30
N SER C 142 24.27 39.07 4.47
CA SER C 142 24.20 39.92 5.66
C SER C 142 23.58 39.20 6.86
N GLN C 143 22.74 38.17 6.60
CA GLN C 143 22.06 37.47 7.68
C GLN C 143 22.71 36.17 8.16
N LEU C 144 23.60 35.56 7.35
CA LEU C 144 24.22 34.28 7.70
C LEU C 144 25.68 34.35 8.14
N ASN C 145 26.04 33.54 9.17
CA ASN C 145 27.45 33.44 9.60
C ASN C 145 28.13 32.42 8.68
N GLU C 146 29.46 32.30 8.75
CA GLU C 146 30.21 31.38 7.89
C GLU C 146 29.81 29.91 7.94
N LYS C 147 29.43 29.39 9.14
CA LYS C 147 29.00 28.01 9.35
C LYS C 147 27.62 27.79 8.71
N GLN C 148 26.70 28.74 8.92
CA GLN C 148 25.37 28.71 8.32
C GLN C 148 25.46 28.77 6.78
N LYS C 149 26.39 29.58 6.23
CA LYS C 149 26.60 29.69 4.77
C LYS C 149 27.01 28.37 4.14
N VAL C 150 27.90 27.60 4.82
CA VAL C 150 28.37 26.28 4.36
C VAL C 150 27.17 25.34 4.16
N GLN C 151 26.29 25.25 5.17
CA GLN C 151 25.08 24.40 5.09
C GLN C 151 24.14 24.87 3.98
N VAL C 152 23.84 26.17 3.96
CA VAL C 152 22.94 26.78 2.99
C VAL C 152 23.40 26.58 1.53
N LYS C 153 24.70 26.80 1.26
CA LYS C 153 25.27 26.63 -0.08
C LYS C 153 25.28 25.17 -0.55
N ALA C 154 25.50 24.22 0.38
CA ALA C 154 25.54 22.79 0.10
C ALA C 154 24.19 22.17 -0.29
N LEU C 155 23.09 22.53 0.44
CA LEU C 155 21.77 21.93 0.23
C LEU C 155 20.99 22.36 -1.01
N GLY C 156 21.29 23.54 -1.52
CA GLY C 156 20.56 24.08 -2.66
C GLY C 156 19.45 24.98 -2.15
N ILE C 157 19.06 25.98 -2.97
CA ILE C 157 18.06 26.96 -2.58
C ILE C 157 16.80 26.94 -3.49
N PRO C 158 15.75 26.21 -3.06
CA PRO C 158 14.48 26.25 -3.80
C PRO C 158 13.93 27.67 -3.91
N VAL C 159 13.49 28.05 -5.10
CA VAL C 159 12.90 29.36 -5.37
C VAL C 159 11.47 29.14 -5.79
N MET C 160 10.54 29.86 -5.15
CA MET C 160 9.13 29.86 -5.51
C MET C 160 8.71 31.28 -5.91
N LEU C 161 8.73 31.56 -7.22
CA LEU C 161 8.27 32.87 -7.71
C LEU C 161 6.82 32.68 -8.08
N CYS C 162 5.91 33.44 -7.43
CA CYS C 162 4.50 33.38 -7.77
C CYS C 162 4.01 34.75 -8.14
N SER C 163 3.31 34.85 -9.29
CA SER C 163 2.70 36.11 -9.68
C SER C 163 1.29 36.09 -9.13
N THR C 164 0.83 37.25 -8.67
CA THR C 164 -0.53 37.40 -8.17
C THR C 164 -1.27 38.32 -9.17
N ALA C 165 -1.79 39.46 -8.73
CA ALA C 165 -2.49 40.36 -9.67
C ALA C 165 -1.51 41.06 -10.64
N GLY C 166 -2.06 41.72 -11.66
CA GLY C 166 -1.30 42.50 -12.63
C GLY C 166 -0.92 41.75 -13.90
N VAL C 167 -0.92 40.41 -13.85
CA VAL C 167 -0.55 39.65 -15.04
C VAL C 167 -1.62 38.59 -15.48
N ARG C 168 -2.85 38.71 -14.92
CA ARG C 168 -3.98 37.80 -15.15
C ARG C 168 -4.87 38.13 -16.33
N ASP C 169 -4.86 39.40 -16.78
CA ASP C 169 -5.77 39.90 -17.80
C ASP C 169 -5.25 40.09 -19.25
N PHE C 170 -4.13 39.44 -19.65
CA PHE C 170 -3.62 39.56 -21.02
C PHE C 170 -4.32 38.65 -22.06
N HIS C 171 -4.85 37.49 -21.62
CA HIS C 171 -5.61 36.52 -22.42
C HIS C 171 -5.00 36.02 -23.73
N GLU C 172 -3.68 35.85 -23.74
CA GLU C 172 -2.98 35.33 -24.90
C GLU C 172 -1.96 34.27 -24.43
N TRP C 173 -0.82 34.15 -25.11
CA TRP C 173 0.23 33.19 -24.77
C TRP C 173 1.38 33.81 -23.93
N TYR C 174 1.35 35.14 -23.72
CA TYR C 174 2.41 35.96 -23.08
C TYR C 174 2.82 35.54 -21.68
N ARG C 175 1.85 35.43 -20.75
CA ARG C 175 2.18 35.08 -19.36
C ARG C 175 2.81 33.71 -19.21
N ASP C 176 2.24 32.68 -19.87
CA ASP C 176 2.79 31.33 -19.82
C ASP C 176 4.20 31.29 -20.41
N ALA C 177 4.45 32.02 -21.53
CA ALA C 177 5.77 32.13 -22.14
C ALA C 177 6.74 32.88 -21.22
N LEU C 178 6.26 33.97 -20.58
CA LEU C 178 7.06 34.72 -19.60
C LEU C 178 7.51 33.80 -18.45
N PHE C 179 6.62 32.94 -17.94
CA PHE C 179 6.96 32.01 -16.86
C PHE C 179 8.00 30.98 -17.26
N VAL C 180 7.94 30.49 -18.50
CA VAL C 180 8.95 29.57 -19.04
C VAL C 180 10.35 30.31 -18.98
N LEU C 181 10.40 31.55 -19.44
CA LEU C 181 11.63 32.36 -19.46
C LEU C 181 12.17 32.69 -18.04
N LEU C 182 11.28 32.98 -17.09
CA LEU C 182 11.66 33.28 -15.69
C LEU C 182 12.27 32.07 -15.03
N ARG C 183 11.67 30.85 -15.20
CA ARG C 183 12.22 29.63 -14.60
C ARG C 183 13.57 29.32 -15.22
N HIS C 184 13.74 29.57 -16.55
CA HIS C 184 15.02 29.37 -17.23
C HIS C 184 16.11 30.29 -16.63
N LEU C 185 15.74 31.54 -16.31
CA LEU C 185 16.64 32.51 -15.71
C LEU C 185 17.02 32.09 -14.28
N ILE C 186 16.03 31.66 -13.46
CA ILE C 186 16.24 31.21 -12.08
C ILE C 186 17.18 30.01 -12.04
N ASN C 187 17.04 29.10 -13.02
CA ASN C 187 17.81 27.86 -13.12
C ASN C 187 19.20 28.07 -13.65
N ASN C 188 19.58 29.34 -13.91
CA ASN C 188 20.92 29.67 -14.38
C ASN C 188 21.52 30.77 -13.47
N PRO C 189 21.70 30.53 -12.14
CA PRO C 189 22.25 31.60 -11.30
C PRO C 189 23.72 31.84 -11.60
N SER C 190 24.25 32.98 -11.15
CA SER C 190 25.68 33.28 -11.30
C SER C 190 26.50 32.29 -10.42
N PRO C 191 27.52 31.58 -10.97
CA PRO C 191 28.30 30.65 -10.13
C PRO C 191 29.20 31.31 -9.09
N ALA C 192 29.56 32.60 -9.28
CA ALA C 192 30.47 33.37 -8.42
C ALA C 192 30.10 33.43 -6.92
N HIS C 193 28.82 33.58 -6.60
CA HIS C 193 28.39 33.68 -5.21
C HIS C 193 28.18 32.34 -4.47
N GLY C 194 28.10 31.24 -5.21
CA GLY C 194 27.96 29.91 -4.62
C GLY C 194 26.58 29.52 -4.09
N TYR C 195 25.54 30.39 -4.22
CA TYR C 195 24.20 30.04 -3.78
C TYR C 195 23.54 29.31 -4.96
N LYS C 196 23.12 28.08 -4.73
CA LYS C 196 22.54 27.23 -5.78
C LYS C 196 21.03 27.35 -5.89
N PHE C 197 20.57 28.48 -6.44
CA PHE C 197 19.15 28.73 -6.66
C PHE C 197 18.64 27.80 -7.77
N PHE C 198 17.41 27.33 -7.64
CA PHE C 198 16.82 26.46 -8.67
C PHE C 198 15.30 26.43 -8.49
N THR C 199 14.59 26.12 -9.58
CA THR C 199 13.12 26.06 -9.53
C THR C 199 12.62 25.01 -10.49
N ASN C 200 11.30 24.85 -10.55
CA ASN C 200 10.63 23.92 -11.46
C ASN C 200 9.21 24.48 -11.72
N PRO C 201 8.45 23.95 -12.72
CA PRO C 201 7.11 24.52 -12.99
C PRO C 201 6.07 24.33 -11.89
N PHE C 202 6.36 23.51 -10.87
CA PHE C 202 5.43 23.29 -9.75
C PHE C 202 5.60 24.37 -8.70
N TRP C 203 6.84 24.88 -8.52
CA TRP C 203 7.15 25.95 -7.55
C TRP C 203 6.94 27.36 -8.08
N THR C 204 7.36 27.61 -9.36
CA THR C 204 7.27 28.94 -9.99
C THR C 204 6.13 28.88 -10.98
N ARG C 205 5.05 29.62 -10.66
N ARG C 205 5.05 29.61 -10.65
CA ARG C 205 3.81 29.64 -11.43
CA ARG C 205 3.82 29.65 -11.45
C ARG C 205 2.88 30.77 -10.99
C ARG C 205 2.88 30.77 -10.99
N PRO C 206 1.92 31.22 -11.83
CA PRO C 206 0.95 32.23 -11.38
C PRO C 206 -0.06 31.62 -10.39
N ILE C 207 -0.53 32.43 -9.42
CA ILE C 207 -1.56 31.99 -8.49
C ILE C 207 -2.76 32.96 -8.58
N THR C 208 -3.98 32.46 -8.34
CA THR C 208 -5.20 33.27 -8.42
C THR C 208 -5.44 34.03 -7.11
N GLY C 209 -6.40 34.96 -7.11
CA GLY C 209 -6.73 35.69 -5.90
C GLY C 209 -7.24 34.77 -4.78
N ALA C 210 -8.11 33.78 -5.12
CA ALA C 210 -8.66 32.85 -4.14
C ALA C 210 -7.56 31.92 -3.58
N GLU C 211 -6.59 31.55 -4.42
CA GLU C 211 -5.42 30.75 -3.98
C GLU C 211 -4.59 31.60 -2.99
N GLU C 212 -4.40 32.92 -3.26
CA GLU C 212 -3.68 33.79 -2.30
C GLU C 212 -4.39 33.75 -0.95
N GLY C 213 -5.74 33.73 -0.97
CA GLY C 213 -6.56 33.63 0.24
C GLY C 213 -6.26 32.37 1.03
N LEU C 214 -6.30 31.21 0.35
CA LEU C 214 -6.05 29.91 0.98
C LEU C 214 -4.64 29.84 1.56
N PHE C 215 -3.65 30.35 0.82
CA PHE C 215 -2.27 30.36 1.31
C PHE C 215 -2.09 31.29 2.52
N ALA C 216 -2.80 32.46 2.52
CA ALA C 216 -2.74 33.43 3.63
C ALA C 216 -3.39 32.79 4.87
N PHE C 217 -4.43 31.97 4.66
CA PHE C 217 -5.15 31.27 5.73
C PHE C 217 -4.22 30.21 6.37
N ILE C 218 -3.46 29.51 5.54
CA ILE C 218 -2.49 28.50 5.97
C ILE C 218 -1.35 29.20 6.72
N THR C 219 -0.87 30.35 6.22
CA THR C 219 0.20 31.12 6.90
C THR C 219 -0.24 31.49 8.33
N LEU C 220 -1.43 32.08 8.46
CA LEU C 220 -1.96 32.54 9.74
C LEU C 220 -2.05 31.42 10.80
N ASN C 221 -2.67 30.30 10.43
CA ASN C 221 -2.84 29.14 11.29
C ASN C 221 -1.55 28.37 11.61
N HIS C 222 -0.59 28.36 10.68
CA HIS C 222 0.70 27.73 10.96
C HIS C 222 1.47 28.58 11.99
N LEU C 223 1.67 29.86 11.69
CA LEU C 223 2.41 30.77 12.56
C LEU C 223 1.82 30.92 13.97
N SER C 224 0.47 30.92 14.09
CA SER C 224 -0.20 31.05 15.38
C SER C 224 -0.34 29.71 16.13
N ARG C 225 0.23 28.64 15.54
CA ARG C 225 0.25 27.28 16.07
C ARG C 225 -1.13 26.61 16.19
N ARG C 226 -2.12 27.04 15.35
CA ARG C 226 -3.46 26.45 15.38
C ARG C 226 -3.55 25.26 14.45
N LEU C 227 -2.75 25.29 13.37
CA LEU C 227 -2.70 24.21 12.39
C LEU C 227 -1.60 23.26 12.81
N GLY C 228 -1.99 22.03 13.08
CA GLY C 228 -1.08 20.97 13.51
C GLY C 228 -1.74 19.60 13.40
N GLU C 229 -0.91 18.55 13.34
CA GLU C 229 -1.35 17.16 13.22
C GLU C 229 -2.27 16.75 14.34
N ASP C 230 -2.01 17.27 15.55
CA ASP C 230 -2.80 16.96 16.74
C ASP C 230 -4.06 17.81 16.74
N PRO C 231 -5.25 17.16 16.67
CA PRO C 231 -6.50 17.94 16.60
C PRO C 231 -6.90 18.57 17.91
N ALA C 232 -7.65 19.67 17.83
CA ALA C 232 -8.16 20.38 19.00
C ALA C 232 -9.38 19.66 19.56
N ARG C 233 -10.23 19.08 18.69
CA ARG C 233 -11.45 18.37 19.08
C ARG C 233 -11.86 17.33 18.06
N CYS C 234 -12.51 16.26 18.53
CA CYS C 234 -13.02 15.18 17.69
C CYS C 234 -14.48 14.94 18.01
N MET C 235 -15.19 14.43 17.02
CA MET C 235 -16.59 14.03 17.11
C MET C 235 -16.55 12.56 16.69
N ILE C 236 -17.35 11.70 17.34
CA ILE C 236 -17.41 10.27 17.01
C ILE C 236 -18.64 10.10 16.11
N ASP C 237 -18.45 9.56 14.89
CA ASP C 237 -19.57 9.37 13.98
C ASP C 237 -20.43 8.16 14.37
N GLU C 238 -21.47 7.83 13.57
CA GLU C 238 -22.39 6.70 13.82
C GLU C 238 -21.74 5.30 13.74
N TYR C 239 -20.56 5.22 13.09
CA TYR C 239 -19.79 4.00 12.89
C TYR C 239 -18.58 3.91 13.87
N GLY C 240 -18.53 4.81 14.84
CA GLY C 240 -17.48 4.86 15.83
C GLY C 240 -16.16 5.44 15.35
N VAL C 241 -16.16 6.12 14.19
CA VAL C 241 -14.95 6.72 13.60
C VAL C 241 -14.80 8.18 14.07
N LYS C 242 -13.62 8.53 14.61
CA LYS C 242 -13.28 9.90 15.02
C LYS C 242 -13.20 10.83 13.79
N GLN C 243 -13.89 11.98 13.86
CA GLN C 243 -13.92 13.05 12.86
C GLN C 243 -13.31 14.24 13.59
N CYS C 244 -12.03 14.50 13.34
CA CYS C 244 -11.24 15.49 14.03
C CYS C 244 -11.02 16.80 13.29
N ARG C 245 -10.82 17.88 14.05
CA ARG C 245 -10.58 19.20 13.51
C ARG C 245 -9.63 20.02 14.40
N ASN C 246 -8.98 21.01 13.79
CA ASN C 246 -8.18 22.00 14.49
C ASN C 246 -9.11 23.16 14.82
N ASP C 247 -8.67 24.07 15.73
CA ASP C 247 -9.40 25.30 16.12
C ASP C 247 -8.76 26.44 15.36
N LEU C 248 -9.13 26.57 14.08
CA LEU C 248 -8.53 27.55 13.17
C LEU C 248 -9.11 28.95 13.20
N ALA C 249 -8.25 29.95 12.93
CA ALA C 249 -8.65 31.36 12.84
C ALA C 249 -8.89 31.72 11.38
N GLY C 250 -9.84 32.62 11.16
CA GLY C 250 -10.09 33.14 9.83
C GLY C 250 -9.24 34.36 9.49
N VAL C 251 -9.18 34.70 8.19
CA VAL C 251 -8.37 35.84 7.74
C VAL C 251 -9.20 36.76 6.82
N VAL C 252 -9.04 38.06 7.00
CA VAL C 252 -9.59 39.11 6.14
C VAL C 252 -8.34 39.84 5.65
N GLU C 253 -8.04 39.75 4.36
CA GLU C 253 -6.88 40.44 3.81
C GLU C 253 -7.34 41.42 2.72
N VAL C 254 -7.16 42.72 2.95
CA VAL C 254 -7.48 43.75 1.95
C VAL C 254 -6.15 44.23 1.36
N GLY C 255 -5.82 43.68 0.19
CA GLY C 255 -4.60 44.02 -0.52
C GLY C 255 -4.80 45.14 -1.51
N GLY C 256 -3.74 45.48 -2.25
CA GLY C 256 -3.79 46.55 -3.25
C GLY C 256 -4.61 46.19 -4.48
N ALA C 257 -4.62 44.90 -4.85
CA ALA C 257 -5.34 44.48 -6.06
C ALA C 257 -6.60 43.66 -5.82
N SER C 258 -6.75 43.03 -4.63
CA SER C 258 -7.98 42.28 -4.30
C SER C 258 -8.09 42.14 -2.79
N ALA C 259 -9.26 41.70 -2.30
CA ALA C 259 -9.52 41.40 -0.89
C ALA C 259 -9.93 39.94 -0.77
N GLN C 260 -9.37 39.21 0.20
CA GLN C 260 -9.71 37.81 0.42
C GLN C 260 -10.30 37.64 1.79
N ILE C 261 -11.27 36.74 1.92
CA ILE C 261 -11.86 36.37 3.20
C ILE C 261 -11.88 34.86 3.22
N VAL C 262 -11.17 34.24 4.18
CA VAL C 262 -11.13 32.79 4.30
C VAL C 262 -11.29 32.47 5.79
N PHE C 263 -12.30 31.65 6.13
CA PHE C 263 -12.52 31.22 7.52
C PHE C 263 -13.12 29.81 7.58
N PRO C 264 -12.90 29.05 8.70
CA PRO C 264 -13.45 27.68 8.78
C PRO C 264 -14.97 27.65 8.69
N LEU C 265 -15.52 26.65 7.99
CA LEU C 265 -16.96 26.48 7.86
C LEU C 265 -17.50 26.20 9.26
N GLN C 266 -18.59 26.87 9.67
CA GLN C 266 -19.22 26.64 10.97
C GLN C 266 -19.49 25.13 11.18
N GLU C 267 -18.96 24.56 12.29
CA GLU C 267 -19.11 23.15 12.63
C GLU C 267 -20.59 22.72 12.60
N GLY C 268 -20.86 21.60 11.95
CA GLY C 268 -22.22 21.07 11.86
C GLY C 268 -23.08 21.76 10.82
N THR C 269 -22.45 22.40 9.81
CA THR C 269 -23.20 23.02 8.71
C THR C 269 -22.76 22.44 7.36
N VAL C 270 -23.64 22.53 6.38
CA VAL C 270 -23.42 22.06 5.01
C VAL C 270 -23.94 23.16 4.08
N LEU C 271 -23.18 23.52 3.04
CA LEU C 271 -23.64 24.58 2.13
C LEU C 271 -24.54 24.01 1.01
N PRO C 272 -25.56 24.78 0.50
CA PRO C 272 -26.41 24.24 -0.59
C PRO C 272 -25.63 24.09 -1.91
N SER C 273 -26.25 23.45 -2.90
CA SER C 273 -25.66 23.15 -4.21
C SER C 273 -25.28 24.36 -5.10
N SER C 274 -25.45 25.61 -4.60
CA SER C 274 -25.12 26.83 -5.37
C SER C 274 -23.75 27.38 -5.01
N VAL C 275 -23.30 27.12 -3.78
CA VAL C 275 -22.00 27.51 -3.23
C VAL C 275 -21.29 26.24 -2.67
N ARG C 276 -19.99 26.29 -2.39
CA ARG C 276 -19.31 25.10 -1.86
C ARG C 276 -18.18 25.40 -0.90
N ALA C 277 -18.00 24.53 0.09
CA ALA C 277 -16.90 24.70 1.02
C ALA C 277 -15.64 24.18 0.30
N VAL C 278 -14.50 24.80 0.56
CA VAL C 278 -13.23 24.39 -0.02
C VAL C 278 -12.60 23.48 1.01
N ASN C 279 -12.20 22.26 0.59
CA ASN C 279 -11.53 21.35 1.50
C ASN C 279 -10.06 21.36 1.15
N LEU C 280 -9.21 21.78 2.11
CA LEU C 280 -7.76 21.94 1.90
C LEU C 280 -7.02 20.68 1.48
N GLN C 281 -7.43 19.51 2.01
CA GLN C 281 -6.85 18.20 1.68
C GLN C 281 -7.22 17.80 0.23
N ARG C 282 -8.51 17.94 -0.14
CA ARG C 282 -9.03 17.66 -1.48
C ARG C 282 -8.27 18.50 -2.53
N GLU C 283 -7.97 19.77 -2.18
CA GLU C 283 -7.23 20.70 -3.03
C GLU C 283 -5.73 20.46 -3.03
N ARG C 284 -5.25 19.52 -2.21
CA ARG C 284 -3.85 19.12 -2.09
C ARG C 284 -2.96 20.27 -1.61
N LEU C 285 -3.50 21.07 -0.68
CA LEU C 285 -2.78 22.15 -0.04
C LEU C 285 -2.23 21.67 1.30
N LEU C 286 -2.92 20.71 1.93
CA LEU C 286 -2.55 20.08 3.20
C LEU C 286 -2.59 18.57 3.07
N PRO C 287 -1.58 17.84 3.61
CA PRO C 287 -1.64 16.38 3.52
C PRO C 287 -2.72 15.81 4.45
N GLU C 288 -3.14 14.56 4.15
CA GLU C 288 -4.14 13.79 4.88
C GLU C 288 -3.87 13.59 6.38
N ARG C 289 -2.60 13.66 6.84
CA ARG C 289 -2.24 13.52 8.26
C ARG C 289 -2.67 14.75 9.12
N TYR C 290 -3.05 15.87 8.48
CA TYR C 290 -3.57 17.06 9.15
C TYR C 290 -5.09 16.90 9.26
N PRO C 291 -5.72 17.35 10.37
CA PRO C 291 -7.19 17.21 10.48
C PRO C 291 -7.88 17.93 9.32
N SER C 292 -9.01 17.39 8.86
CA SER C 292 -9.77 17.94 7.75
C SER C 292 -10.12 19.40 7.98
N ALA C 293 -9.87 20.25 6.95
CA ALA C 293 -10.15 21.68 7.04
C ALA C 293 -11.04 22.11 5.88
N ASP C 294 -12.29 22.46 6.20
CA ASP C 294 -13.28 22.98 5.26
C ASP C 294 -13.38 24.46 5.54
N VAL C 295 -13.32 25.29 4.47
CA VAL C 295 -13.37 26.74 4.61
C VAL C 295 -14.33 27.40 3.63
N VAL C 296 -14.80 28.60 4.02
CA VAL C 296 -15.55 29.52 3.17
C VAL C 296 -14.41 30.41 2.64
N SER C 297 -14.26 30.46 1.32
CA SER C 297 -13.21 31.23 0.64
C SER C 297 -13.77 32.13 -0.45
N VAL C 298 -13.49 33.42 -0.35
CA VAL C 298 -13.90 34.44 -1.35
C VAL C 298 -12.73 35.37 -1.64
N SER C 299 -12.63 35.85 -2.90
CA SER C 299 -11.61 36.82 -3.33
C SER C 299 -12.33 37.77 -4.27
N PHE C 300 -12.35 39.06 -3.92
CA PHE C 300 -13.02 40.09 -4.71
C PHE C 300 -12.04 41.17 -5.17
N MET C 301 -11.81 41.26 -6.49
CA MET C 301 -10.95 42.28 -7.11
C MET C 301 -11.47 43.69 -6.73
N GLN C 302 -12.81 43.86 -6.72
CA GLN C 302 -13.43 45.17 -6.42
C GLN C 302 -13.23 45.67 -4.99
N LEU C 303 -12.77 44.81 -4.07
CA LEU C 303 -12.51 45.22 -2.70
C LEU C 303 -11.04 45.49 -2.44
N GLY C 304 -10.20 45.34 -3.46
CA GLY C 304 -8.79 45.71 -3.35
C GLY C 304 -8.73 47.22 -3.26
N MET C 305 -7.68 47.77 -2.64
CA MET C 305 -7.50 49.22 -2.45
C MET C 305 -7.62 50.02 -3.77
N ALA C 306 -6.93 49.56 -4.82
CA ALA C 306 -6.96 50.29 -6.11
C ALA C 306 -8.31 50.22 -6.85
N SER C 307 -8.89 49.02 -7.02
CA SER C 307 -10.16 48.86 -7.70
C SER C 307 -11.34 49.44 -6.93
N SER C 308 -11.35 49.31 -5.58
CA SER C 308 -12.43 49.87 -4.76
C SER C 308 -12.45 51.39 -4.89
N ALA C 309 -11.27 52.05 -4.97
CA ALA C 309 -11.22 53.52 -5.14
C ALA C 309 -11.88 53.94 -6.48
N GLY C 310 -11.51 53.24 -7.57
CA GLY C 310 -12.06 53.51 -8.89
C GLY C 310 -13.56 53.26 -8.99
N LEU C 311 -14.01 52.11 -8.46
CA LEU C 311 -15.42 51.70 -8.52
C LEU C 311 -16.28 52.60 -7.64
N PHE C 312 -15.75 53.00 -6.48
CA PHE C 312 -16.49 53.89 -5.58
C PHE C 312 -16.82 55.22 -6.30
N LEU C 313 -15.80 55.84 -6.95
CA LEU C 313 -15.98 57.06 -7.74
C LEU C 313 -16.93 56.84 -8.91
N LYS C 314 -16.74 55.73 -9.67
CA LYS C 314 -17.58 55.43 -10.84
C LYS C 314 -19.08 55.36 -10.48
N GLU C 315 -19.44 54.72 -9.34
CA GLU C 315 -20.84 54.59 -8.93
C GLU C 315 -21.35 55.80 -8.13
N LEU C 316 -20.54 56.35 -7.22
CA LEU C 316 -20.94 57.53 -6.46
C LEU C 316 -21.17 58.73 -7.38
N CYS C 317 -20.24 58.98 -8.32
CA CYS C 317 -20.32 60.15 -9.20
C CYS C 317 -21.26 60.06 -10.39
N SER C 318 -22.06 58.98 -10.46
CA SER C 318 -23.17 58.80 -11.42
C SER C 318 -24.51 58.78 -10.63
N ASN C 319 -24.45 59.07 -9.32
CA ASN C 319 -25.62 59.13 -8.44
C ASN C 319 -26.04 60.60 -8.24
N ASP C 320 -27.32 60.92 -8.58
CA ASP C 320 -27.93 62.26 -8.51
C ASP C 320 -27.86 62.94 -7.14
N GLU C 321 -27.74 62.16 -6.05
CA GLU C 321 -27.57 62.73 -4.73
C GLU C 321 -26.20 63.42 -4.62
N PHE C 322 -25.16 62.83 -5.25
CA PHE C 322 -23.79 63.32 -5.15
C PHE C 322 -23.32 64.14 -6.32
N LEU C 323 -23.84 63.89 -7.53
CA LEU C 323 -23.47 64.64 -8.73
C LEU C 323 -24.51 65.70 -9.03
N GLN C 324 -24.09 66.98 -9.00
CA GLN C 324 -24.96 68.13 -9.29
C GLN C 324 -24.12 69.20 -9.97
N GLY C 325 -24.61 69.70 -11.10
CA GLY C 325 -23.95 70.75 -11.89
C GLY C 325 -22.47 70.56 -12.11
N GLY C 326 -22.07 69.34 -12.51
CA GLY C 326 -20.69 68.95 -12.77
C GLY C 326 -19.81 68.75 -11.56
N ILE C 327 -20.39 68.87 -10.34
CA ILE C 327 -19.65 68.71 -9.10
C ILE C 327 -20.08 67.44 -8.38
N CYS C 328 -19.10 66.56 -8.10
CA CYS C 328 -19.39 65.33 -7.37
C CYS C 328 -18.96 65.55 -5.92
N SER C 329 -19.92 65.60 -4.99
CA SER C 329 -19.65 65.76 -3.55
C SER C 329 -19.31 64.40 -2.95
N ASN C 330 -18.04 64.18 -2.61
CA ASN C 330 -17.61 62.86 -2.12
C ASN C 330 -17.49 62.86 -0.59
N PRO C 331 -18.33 62.08 0.13
CA PRO C 331 -18.29 62.11 1.61
C PRO C 331 -17.09 61.41 2.24
N CYS C 332 -16.37 60.57 1.48
CA CYS C 332 -15.16 59.86 1.95
C CYS C 332 -13.91 60.74 1.83
N LEU C 333 -14.00 61.90 1.15
CA LEU C 333 -12.83 62.80 1.04
C LEU C 333 -12.97 63.97 2.01
N PHE C 334 -11.83 64.52 2.50
CA PHE C 334 -11.85 65.63 3.45
C PHE C 334 -12.40 66.95 2.86
N LYS C 335 -13.05 67.75 3.74
CA LYS C 335 -13.51 69.11 3.42
C LYS C 335 -12.22 69.88 3.10
N GLY C 336 -12.23 70.66 2.02
CA GLY C 336 -11.06 71.41 1.55
C GLY C 336 -10.26 70.66 0.50
N PHE C 337 -10.59 69.39 0.24
CA PHE C 337 -9.90 68.65 -0.81
C PHE C 337 -10.73 68.65 -2.08
N GLN C 338 -10.05 68.84 -3.22
CA GLN C 338 -10.68 68.71 -4.53
C GLN C 338 -9.75 68.17 -5.61
N GLN C 339 -10.33 67.54 -6.64
CA GLN C 339 -9.57 66.97 -7.76
C GLN C 339 -10.41 66.95 -9.01
N SER C 340 -9.77 66.74 -10.19
CA SER C 340 -10.52 66.61 -11.44
C SER C 340 -11.26 65.26 -11.39
N CYS C 341 -12.43 65.20 -12.04
CA CYS C 341 -13.32 64.06 -12.02
C CYS C 341 -12.99 62.95 -13.03
N SER C 342 -12.32 61.91 -12.53
CA SER C 342 -11.92 60.71 -13.27
C SER C 342 -11.37 59.71 -12.25
N ALA C 343 -11.29 58.43 -12.63
CA ALA C 343 -10.75 57.41 -11.72
C ALA C 343 -9.23 57.29 -11.87
N GLY C 344 -8.62 58.29 -12.50
CA GLY C 344 -7.16 58.35 -12.68
C GLY C 344 -6.40 58.40 -11.37
N GLU C 345 -5.14 57.90 -11.38
CA GLU C 345 -4.26 57.92 -10.22
C GLU C 345 -3.99 59.38 -9.76
N VAL C 346 -4.25 59.63 -8.47
CA VAL C 346 -4.12 60.95 -7.85
C VAL C 346 -2.72 61.09 -7.24
N GLU C 347 -2.07 62.22 -7.54
CA GLU C 347 -0.80 62.61 -6.96
C GLU C 347 -1.03 63.91 -6.21
N VAL C 348 -0.84 63.89 -4.89
CA VAL C 348 -0.99 65.10 -4.07
C VAL C 348 0.32 65.89 -4.27
N ARG C 349 0.22 67.08 -4.87
CA ARG C 349 1.38 67.92 -5.19
C ARG C 349 1.92 68.79 -4.03
N PRO C 350 3.23 69.19 -4.07
CA PRO C 350 3.78 70.09 -3.01
C PRO C 350 2.96 71.34 -2.70
N ASP C 351 2.31 71.94 -3.71
CA ASP C 351 1.48 73.14 -3.55
C ASP C 351 0.15 72.87 -2.83
N GLY C 352 -0.25 71.60 -2.73
CA GLY C 352 -1.49 71.19 -2.07
C GLY C 352 -2.59 70.70 -3.00
N SER C 353 -2.43 70.92 -4.32
CA SER C 353 -3.40 70.51 -5.32
C SER C 353 -3.22 69.02 -5.65
N ALA C 354 -4.25 68.42 -6.23
CA ALA C 354 -4.23 67.02 -6.66
C ALA C 354 -3.99 66.99 -8.17
N SER C 355 -3.09 66.12 -8.60
CA SER C 355 -2.77 65.92 -10.02
C SER C 355 -3.32 64.56 -10.40
N VAL C 356 -4.22 64.51 -11.39
CA VAL C 356 -4.85 63.25 -11.82
C VAL C 356 -4.24 62.75 -13.13
N ASN C 357 -3.64 61.54 -13.12
CA ASN C 357 -3.06 60.97 -14.33
C ASN C 357 -4.19 60.39 -15.21
N GLU C 358 -4.36 60.92 -16.42
CA GLU C 358 -5.42 60.52 -17.36
C GLU C 358 -5.05 59.32 -18.27
N ASP C 359 -3.81 58.82 -18.14
CA ASP C 359 -3.32 57.64 -18.88
C ASP C 359 -4.23 56.45 -18.57
N VAL C 360 -4.69 55.73 -19.61
CA VAL C 360 -5.53 54.54 -19.52
C VAL C 360 -4.86 53.49 -18.58
N ARG C 361 -3.52 53.37 -18.68
CA ARG C 361 -2.71 52.44 -17.89
C ARG C 361 -2.72 52.76 -16.38
N LYS C 362 -2.90 54.04 -16.00
CA LYS C 362 -2.90 54.49 -14.61
C LYS C 362 -4.32 54.75 -14.05
N ASN C 363 -5.36 54.41 -14.82
CA ASN C 363 -6.74 54.55 -14.34
C ASN C 363 -7.02 53.44 -13.29
N ARG C 364 -7.54 53.82 -12.09
CA ARG C 364 -7.85 52.84 -11.03
C ARG C 364 -8.92 51.81 -11.48
N LEU C 365 -9.69 52.15 -12.52
CA LEU C 365 -10.72 51.28 -13.08
C LEU C 365 -10.18 50.32 -14.14
N LYS C 366 -8.90 50.49 -14.57
CA LYS C 366 -8.30 49.65 -15.62
C LYS C 366 -8.45 48.15 -15.38
N PRO C 367 -8.12 47.60 -14.18
CA PRO C 367 -8.32 46.14 -13.98
C PRO C 367 -9.78 45.68 -14.11
N LEU C 368 -10.74 46.43 -13.52
CA LEU C 368 -12.18 46.09 -13.61
C LEU C 368 -12.69 46.25 -15.05
N ALA C 369 -12.26 47.33 -15.76
CA ALA C 369 -12.65 47.54 -17.16
C ALA C 369 -12.08 46.47 -18.08
N THR C 370 -10.85 45.99 -17.83
CA THR C 370 -10.23 44.92 -18.64
C THR C 370 -10.95 43.57 -18.36
N TYR C 371 -11.37 43.39 -17.11
CA TYR C 371 -12.12 42.22 -16.68
C TYR C 371 -13.54 42.25 -17.27
N CYS C 372 -14.23 43.40 -17.19
CA CYS C 372 -15.61 43.61 -17.72
C CYS C 372 -15.52 44.00 -19.20
N SER C 373 -15.05 43.08 -20.04
CA SER C 373 -14.90 43.28 -21.47
C SER C 373 -15.32 42.05 -22.26
N VAL C 374 -15.76 42.28 -23.52
CA VAL C 374 -16.13 41.22 -24.47
C VAL C 374 -14.88 40.42 -24.91
N ASN C 375 -13.69 41.03 -24.77
CA ASN C 375 -12.37 40.42 -25.06
C ASN C 375 -11.98 39.41 -24.00
N ASN C 376 -12.55 39.51 -22.78
CA ASN C 376 -12.27 38.61 -21.67
C ASN C 376 -13.12 37.35 -21.81
N PRO C 377 -12.52 36.15 -21.99
CA PRO C 377 -13.34 34.92 -22.09
C PRO C 377 -14.16 34.63 -20.81
N GLU C 378 -13.68 35.10 -19.64
CA GLU C 378 -14.34 34.93 -18.33
C GLU C 378 -15.77 35.50 -18.26
N ILE C 379 -16.06 36.57 -19.03
CA ILE C 379 -17.39 37.20 -19.09
C ILE C 379 -18.40 36.26 -19.76
N SER C 380 -17.95 35.49 -20.76
CA SER C 380 -18.75 34.48 -21.49
C SER C 380 -18.95 33.17 -20.69
N PHE C 381 -18.21 32.98 -19.57
CA PHE C 381 -18.28 31.75 -18.77
C PHE C 381 -19.65 31.53 -18.09
N LYS C 382 -20.38 32.63 -17.81
CA LYS C 382 -21.67 32.62 -17.10
C LYS C 382 -22.53 33.73 -17.74
N VAL C 383 -23.78 33.42 -18.09
CA VAL C 383 -24.68 34.37 -18.78
C VAL C 383 -24.84 35.75 -18.14
N THR C 384 -25.16 35.81 -16.83
CA THR C 384 -25.39 37.10 -16.14
C THR C 384 -24.16 37.97 -15.99
N ASN C 385 -22.93 37.42 -16.20
CA ASN C 385 -21.69 38.19 -16.03
C ASN C 385 -21.70 39.59 -16.69
N GLU C 386 -22.04 39.65 -17.99
CA GLU C 386 -22.07 40.92 -18.73
C GLU C 386 -23.06 41.96 -18.12
N MET C 387 -24.23 41.48 -17.67
CA MET C 387 -25.24 42.33 -17.01
C MET C 387 -24.72 42.85 -15.67
N GLN C 388 -24.06 41.98 -14.89
CA GLN C 388 -23.53 42.38 -13.58
C GLN C 388 -22.45 43.43 -13.74
N CYS C 389 -21.71 43.39 -14.86
CA CYS C 389 -20.71 44.43 -15.18
C CYS C 389 -21.43 45.76 -15.50
N ARG C 390 -22.32 45.74 -16.51
CA ARG C 390 -23.09 46.91 -16.97
CA ARG C 390 -23.03 46.96 -16.95
C ARG C 390 -23.82 47.62 -15.83
N GLU C 391 -24.51 46.84 -14.98
CA GLU C 391 -25.29 47.39 -13.89
C GLU C 391 -24.47 48.00 -12.76
N ASN C 392 -23.15 47.72 -12.74
CA ASN C 392 -22.18 48.30 -11.84
C ASN C 392 -21.36 49.40 -12.52
N SER C 393 -21.88 49.94 -13.63
CA SER C 393 -21.30 51.06 -14.41
C SER C 393 -19.96 50.74 -15.06
N ILE C 394 -19.75 49.49 -15.46
CA ILE C 394 -18.56 49.05 -16.19
C ILE C 394 -19.12 48.28 -17.37
N ASP C 395 -19.55 49.01 -18.40
CA ASP C 395 -20.25 48.46 -19.56
C ASP C 395 -19.33 47.75 -20.57
N PRO C 396 -19.42 46.40 -20.72
CA PRO C 396 -18.52 45.68 -21.66
C PRO C 396 -18.69 46.08 -23.13
N THR C 397 -19.84 46.69 -23.49
CA THR C 397 -20.17 47.10 -24.87
C THR C 397 -19.46 48.41 -25.26
N LYS C 398 -19.15 49.25 -24.27
CA LYS C 398 -18.49 50.53 -24.52
C LYS C 398 -17.00 50.32 -24.77
N PRO C 399 -16.37 51.06 -25.72
CA PRO C 399 -14.90 50.96 -25.85
C PRO C 399 -14.24 51.37 -24.52
N LEU C 400 -13.03 50.85 -24.27
CA LEU C 400 -12.25 51.08 -23.05
C LEU C 400 -12.30 52.48 -22.42
N ALA C 401 -11.97 53.57 -23.19
CA ALA C 401 -11.96 54.92 -22.62
C ALA C 401 -13.34 55.39 -22.16
N GLU C 402 -14.39 55.08 -22.95
CA GLU C 402 -15.79 55.39 -22.63
C GLU C 402 -16.28 54.56 -21.43
N ARG C 403 -15.78 53.30 -21.33
CA ARG C 403 -16.14 52.37 -20.26
C ARG C 403 -15.73 52.89 -18.88
N MET C 404 -14.58 53.61 -18.79
CA MET C 404 -14.04 54.14 -17.54
C MET C 404 -14.41 55.58 -17.23
N LYS C 405 -14.94 56.30 -18.21
CA LYS C 405 -15.27 57.73 -18.08
C LYS C 405 -16.43 58.01 -17.11
N ILE C 406 -16.27 59.07 -16.30
CA ILE C 406 -17.31 59.55 -15.39
C ILE C 406 -17.93 60.73 -16.15
N GLU C 407 -19.15 60.55 -16.63
CA GLU C 407 -19.89 61.53 -17.45
C GLU C 407 -20.39 62.74 -16.66
N ASN C 408 -20.52 63.92 -17.35
CA ASN C 408 -21.09 65.17 -16.82
C ASN C 408 -20.51 65.59 -15.47
N CYS C 409 -19.20 65.37 -15.29
CA CYS C 409 -18.53 65.60 -14.04
C CYS C 409 -17.18 66.28 -14.30
N SER C 410 -16.99 67.47 -13.73
CA SER C 410 -15.72 68.17 -13.90
C SER C 410 -14.84 68.09 -12.64
N ILE C 411 -15.44 68.26 -11.44
CA ILE C 411 -14.69 68.27 -10.17
C ILE C 411 -15.31 67.35 -9.10
N ILE C 412 -14.42 66.73 -8.30
CA ILE C 412 -14.76 65.92 -7.14
C ILE C 412 -14.30 66.78 -5.94
N LYS C 413 -15.21 67.08 -5.02
CA LYS C 413 -14.98 67.89 -3.81
C LYS C 413 -15.29 67.03 -2.60
N GLY C 414 -14.42 67.08 -1.60
CA GLY C 414 -14.63 66.29 -0.38
C GLY C 414 -15.63 66.95 0.56
N THR C 415 -16.48 66.15 1.25
CA THR C 415 -17.44 66.71 2.21
C THR C 415 -17.22 66.22 3.62
N GLY C 416 -16.29 65.28 3.81
CA GLY C 416 -15.93 64.74 5.12
C GLY C 416 -17.10 64.29 6.00
N ASN C 417 -18.05 63.56 5.42
CA ASN C 417 -19.22 63.08 6.16
C ASN C 417 -19.09 61.57 6.31
N PHE C 418 -18.53 61.13 7.45
CA PHE C 418 -18.24 59.71 7.67
C PHE C 418 -19.42 58.77 7.54
N ASP C 419 -20.57 59.10 8.15
CA ASP C 419 -21.77 58.25 8.06
C ASP C 419 -22.27 58.10 6.63
N LYS C 420 -22.21 59.17 5.80
CA LYS C 420 -22.61 59.10 4.38
C LYS C 420 -21.58 58.25 3.61
N CYS C 421 -20.28 58.35 3.98
CA CYS C 421 -19.24 57.54 3.37
C CYS C 421 -19.54 56.06 3.63
N VAL C 422 -19.87 55.69 4.89
CA VAL C 422 -20.23 54.32 5.26
C VAL C 422 -21.44 53.82 4.46
N SER C 423 -22.54 54.61 4.42
CA SER C 423 -23.74 54.17 3.69
C SER C 423 -23.45 53.95 2.19
N GLN C 424 -22.50 54.67 1.62
CA GLN C 424 -22.13 54.50 0.21
C GLN C 424 -21.20 53.29 -0.01
N VAL C 425 -20.35 52.99 0.99
CA VAL C 425 -19.49 51.80 0.95
C VAL C 425 -20.43 50.56 1.02
N GLU C 426 -21.52 50.67 1.79
CA GLU C 426 -22.53 49.60 1.91
C GLU C 426 -23.18 49.34 0.56
N SER C 427 -23.70 50.39 -0.09
CA SER C 427 -24.43 50.23 -1.36
C SER C 427 -23.58 49.94 -2.61
N ILE C 428 -22.28 50.31 -2.62
CA ILE C 428 -21.40 50.11 -3.78
C ILE C 428 -20.51 48.89 -3.61
N LEU C 429 -19.90 48.72 -2.41
CA LEU C 429 -18.90 47.69 -2.18
C LEU C 429 -19.26 46.48 -1.36
N VAL C 430 -19.92 46.66 -0.22
CA VAL C 430 -20.17 45.55 0.71
C VAL C 430 -21.49 44.81 0.49
N ALA C 431 -22.62 45.55 0.39
CA ALA C 431 -23.95 44.95 0.18
C ALA C 431 -24.61 45.53 -1.11
N PRO C 432 -23.96 45.47 -2.31
CA PRO C 432 -24.60 46.04 -3.50
C PRO C 432 -25.84 45.24 -3.88
N LYS C 433 -26.85 45.91 -4.42
CA LYS C 433 -28.11 45.27 -4.85
C LYS C 433 -27.83 44.20 -5.90
N LEU C 434 -26.81 44.44 -6.77
CA LEU C 434 -26.39 43.45 -7.78
C LEU C 434 -24.86 43.49 -7.78
N PRO C 435 -24.18 42.44 -7.26
CA PRO C 435 -22.72 42.50 -7.22
C PRO C 435 -22.11 42.30 -8.59
N LEU C 436 -20.84 42.65 -8.70
CA LEU C 436 -20.01 42.40 -9.88
C LEU C 436 -19.87 40.87 -10.02
N PRO C 437 -19.56 40.33 -11.21
CA PRO C 437 -19.43 38.87 -11.31
C PRO C 437 -18.12 38.31 -10.74
N ALA C 438 -18.23 37.19 -10.04
CA ALA C 438 -17.08 36.45 -9.52
C ALA C 438 -17.35 34.98 -9.84
N ASN C 439 -16.71 34.46 -10.90
CA ASN C 439 -16.83 33.06 -11.32
C ASN C 439 -16.16 32.22 -10.24
N ILE C 440 -16.79 31.10 -9.88
CA ILE C 440 -16.26 30.16 -8.92
C ILE C 440 -14.99 29.53 -9.55
N GLU C 441 -14.13 29.01 -8.73
CA GLU C 441 -12.94 28.27 -9.15
C GLU C 441 -12.70 27.23 -8.05
N ALA C 442 -11.77 26.26 -8.24
CA ALA C 442 -11.48 25.23 -7.21
C ALA C 442 -11.18 25.83 -5.83
N ALA C 443 -10.43 26.97 -5.78
CA ALA C 443 -10.07 27.64 -4.53
C ALA C 443 -11.15 28.58 -3.87
N SER C 444 -12.31 28.76 -4.51
CA SER C 444 -13.33 29.67 -3.97
C SER C 444 -14.67 29.01 -3.67
N SER C 445 -15.51 29.64 -2.85
CA SER C 445 -16.83 29.12 -2.46
C SER C 445 -17.98 29.50 -3.42
N GLY C 446 -17.82 30.59 -4.18
CA GLY C 446 -18.84 30.98 -5.14
C GLY C 446 -19.71 32.16 -4.75
N PHE C 447 -19.51 32.73 -3.53
CA PHE C 447 -20.28 33.93 -3.16
C PHE C 447 -19.76 35.11 -3.99
N GLU C 448 -20.64 36.05 -4.37
CA GLU C 448 -20.24 37.22 -5.15
C GLU C 448 -20.28 38.54 -4.31
N SER C 449 -20.74 38.43 -3.05
CA SER C 449 -20.86 39.58 -2.15
C SER C 449 -20.53 39.24 -0.70
N VAL C 450 -19.86 40.17 -0.01
CA VAL C 450 -19.47 40.09 1.42
C VAL C 450 -20.75 39.94 2.27
N ASP C 451 -21.81 40.70 1.90
CA ASP C 451 -23.10 40.67 2.58
C ASP C 451 -23.66 39.22 2.65
N GLN C 452 -23.59 38.47 1.52
CA GLN C 452 -24.08 37.09 1.42
C GLN C 452 -23.26 36.17 2.33
N VAL C 453 -21.94 36.36 2.38
CA VAL C 453 -21.00 35.55 3.19
C VAL C 453 -21.43 35.50 4.67
N PHE C 454 -21.56 36.67 5.30
CA PHE C 454 -21.92 36.78 6.71
C PHE C 454 -23.39 36.54 7.04
N ARG C 455 -24.30 36.74 6.06
CA ARG C 455 -25.73 36.48 6.28
C ARG C 455 -26.03 34.98 6.24
N PHE C 456 -25.27 34.22 5.42
CA PHE C 456 -25.60 32.81 5.18
C PHE C 456 -24.58 31.78 5.62
N ALA C 457 -23.31 32.18 5.79
CA ALA C 457 -22.24 31.26 6.17
C ALA C 457 -21.33 31.81 7.30
N SER C 458 -21.91 32.59 8.26
CA SER C 458 -21.15 33.12 9.40
C SER C 458 -20.56 32.01 10.28
N SER C 459 -19.47 32.28 10.99
CA SER C 459 -18.79 31.30 11.84
C SER C 459 -18.35 31.93 13.17
N THR C 460 -18.14 31.09 14.21
CA THR C 460 -17.66 31.53 15.52
C THR C 460 -16.12 31.61 15.53
N ALA C 461 -15.45 31.18 14.42
CA ALA C 461 -13.99 31.21 14.37
C ALA C 461 -13.44 32.65 14.54
N PRO C 462 -12.36 32.83 15.34
CA PRO C 462 -11.78 34.19 15.47
C PRO C 462 -11.34 34.72 14.10
N MET C 463 -11.35 36.05 13.91
CA MET C 463 -10.97 36.67 12.65
C MET C 463 -9.79 37.62 12.79
N ILE C 464 -8.80 37.47 11.89
CA ILE C 464 -7.63 38.34 11.89
C ILE C 464 -7.70 39.25 10.65
N VAL C 465 -7.66 40.56 10.87
CA VAL C 465 -7.73 41.56 9.80
C VAL C 465 -6.29 41.94 9.46
N THR C 466 -5.95 41.82 8.17
CA THR C 466 -4.63 42.09 7.66
C THR C 466 -4.72 42.95 6.38
N GLY C 467 -3.56 43.47 5.97
CA GLY C 467 -3.43 44.31 4.79
C GLY C 467 -2.92 45.67 5.20
N GLY C 468 -1.96 46.18 4.44
CA GLY C 468 -1.31 47.47 4.69
C GLY C 468 -2.25 48.63 4.98
N GLY C 469 -3.24 48.83 4.13
CA GLY C 469 -4.23 49.90 4.27
C GLY C 469 -5.16 49.74 5.46
N MET C 470 -5.56 48.48 5.79
CA MET C 470 -6.45 48.18 6.95
C MET C 470 -5.75 48.57 8.25
N LEU C 471 -4.47 48.19 8.35
CA LEU C 471 -3.62 48.48 9.50
C LEU C 471 -3.29 49.95 9.61
N ALA C 472 -3.08 50.63 8.46
CA ALA C 472 -2.80 52.08 8.43
C ALA C 472 -4.00 52.87 8.93
N ALA C 473 -5.25 52.44 8.61
CA ALA C 473 -6.49 53.10 9.07
C ALA C 473 -6.60 53.04 10.59
N ILE C 474 -6.38 51.85 11.20
CA ILE C 474 -6.43 51.67 12.67
C ILE C 474 -5.27 52.46 13.36
N ASN C 475 -4.03 52.28 12.88
CA ASN C 475 -2.84 52.94 13.44
C ASN C 475 -2.92 54.46 13.37
N THR C 476 -3.53 55.01 12.30
CA THR C 476 -3.73 56.47 12.16
C THR C 476 -4.60 56.99 13.31
N LEU C 477 -5.72 56.32 13.60
CA LEU C 477 -6.63 56.68 14.69
C LEU C 477 -5.98 56.49 16.06
N LYS C 478 -5.11 55.47 16.21
CA LYS C 478 -4.40 55.24 17.47
C LYS C 478 -3.30 56.30 17.67
N ASP C 479 -2.56 56.67 16.59
CA ASP C 479 -1.51 57.70 16.65
C ASP C 479 -2.06 59.07 17.05
N HIS C 480 -3.28 59.40 16.60
CA HIS C 480 -3.95 60.65 16.95
C HIS C 480 -4.71 60.55 18.28
N ARG C 481 -4.55 59.43 19.01
CA ARG C 481 -5.19 59.16 20.31
C ARG C 481 -6.75 59.29 20.26
N LEU C 482 -7.34 58.92 19.11
CA LEU C 482 -8.80 58.91 18.91
C LEU C 482 -9.38 57.52 19.21
N LEU C 483 -8.53 56.49 19.15
CA LEU C 483 -8.85 55.10 19.43
C LEU C 483 -7.88 54.65 20.51
N ARG C 484 -8.36 53.88 21.50
CA ARG C 484 -7.49 53.33 22.55
C ARG C 484 -6.52 52.31 21.95
N SER C 485 -5.33 52.18 22.54
CA SER C 485 -4.31 51.21 22.11
C SER C 485 -4.83 49.76 22.20
N ASP C 486 -5.72 49.49 23.19
CA ASP C 486 -6.29 48.17 23.43
C ASP C 486 -7.64 47.96 22.72
N PHE C 487 -7.87 48.72 21.63
CA PHE C 487 -9.08 48.62 20.82
C PHE C 487 -9.18 47.16 20.35
N SER C 488 -10.37 46.56 20.50
CA SER C 488 -10.56 45.16 20.14
C SER C 488 -11.69 44.87 19.17
N GLY C 489 -12.09 45.85 18.37
CA GLY C 489 -13.11 45.63 17.37
C GLY C 489 -14.48 46.23 17.60
N ASP C 490 -14.70 46.94 18.73
CA ASP C 490 -16.02 47.55 18.96
C ASP C 490 -16.35 48.57 17.84
N VAL C 491 -17.43 48.30 17.10
CA VAL C 491 -17.94 49.07 15.94
C VAL C 491 -18.15 50.54 16.28
N GLU C 492 -18.92 50.81 17.35
CA GLU C 492 -19.24 52.18 17.73
C GLU C 492 -18.05 53.01 18.19
N GLU C 493 -17.07 52.38 18.85
CA GLU C 493 -15.82 53.01 19.27
C GLU C 493 -15.04 53.43 18.02
N LEU C 494 -14.98 52.53 17.01
CA LEU C 494 -14.29 52.80 15.75
C LEU C 494 -14.99 53.90 14.94
N ALA C 495 -16.32 53.78 14.77
CA ALA C 495 -17.15 54.76 14.03
C ALA C 495 -16.99 56.17 14.62
N GLU C 496 -16.93 56.27 15.96
CA GLU C 496 -16.72 57.49 16.74
C GLU C 496 -15.36 58.13 16.43
N ALA C 497 -14.28 57.33 16.45
CA ALA C 497 -12.91 57.79 16.16
C ALA C 497 -12.80 58.28 14.71
N ALA C 498 -13.30 57.47 13.78
CA ALA C 498 -13.26 57.74 12.34
C ALA C 498 -14.11 58.93 11.94
N ARG C 499 -15.26 59.13 12.59
CA ARG C 499 -16.13 60.28 12.34
C ARG C 499 -15.41 61.61 12.65
N GLU C 500 -14.72 61.66 13.81
CA GLU C 500 -13.93 62.82 14.23
C GLU C 500 -12.73 63.05 13.28
N PHE C 501 -11.96 62.00 12.96
CA PHE C 501 -10.79 62.14 12.04
C PHE C 501 -11.23 62.60 10.64
N CYS C 502 -12.28 61.96 10.11
CA CYS C 502 -12.78 62.25 8.78
C CYS C 502 -13.49 63.61 8.64
N SER C 503 -13.79 64.28 9.78
CA SER C 503 -14.34 65.65 9.81
C SER C 503 -13.20 66.69 9.72
N SER C 504 -11.93 66.22 9.60
CA SER C 504 -10.75 67.11 9.50
C SER C 504 -10.83 67.96 8.23
N GLU C 505 -10.23 69.15 8.25
CA GLU C 505 -10.16 70.06 7.12
C GLU C 505 -8.75 70.01 6.52
N VAL C 506 -8.65 70.04 5.19
CA VAL C 506 -7.37 70.10 4.50
C VAL C 506 -7.00 71.59 4.44
N ILE C 507 -5.84 71.96 5.05
CA ILE C 507 -5.29 73.32 5.11
C ILE C 507 -3.96 73.34 4.30
N ILE C 508 -3.84 74.28 3.36
CA ILE C 508 -2.60 74.40 2.58
C ILE C 508 -1.68 75.37 3.30
N ARG C 509 -0.47 74.90 3.65
CA ARG C 509 0.56 75.69 4.33
C ARG C 509 1.84 75.81 3.49
N THR C 510 2.85 76.55 4.00
CA THR C 510 4.13 76.78 3.30
C THR C 510 4.91 75.49 3.08
N ASP C 511 4.87 74.59 4.07
CA ASP C 511 5.53 73.27 4.04
C ASP C 511 4.66 72.18 3.31
N GLY C 512 3.50 72.56 2.80
CA GLY C 512 2.61 71.64 2.08
C GLY C 512 1.23 71.44 2.68
N PRO C 513 0.39 70.58 2.06
CA PRO C 513 -0.98 70.41 2.60
C PRO C 513 -1.04 69.55 3.87
N VAL C 514 -1.90 69.93 4.82
CA VAL C 514 -2.06 69.16 6.06
C VAL C 514 -3.52 68.79 6.26
N ILE C 515 -3.75 67.70 7.01
CA ILE C 515 -5.07 67.23 7.45
C ILE C 515 -5.10 67.79 8.89
N GLN C 516 -5.92 68.83 9.14
CA GLN C 516 -6.04 69.47 10.46
C GLN C 516 -7.22 68.87 11.22
N LEU C 517 -6.94 68.14 12.32
CA LEU C 517 -8.00 67.54 13.13
C LEU C 517 -8.84 68.60 13.84
N PRO C 518 -10.14 68.33 14.12
CA PRO C 518 -10.96 69.34 14.82
C PRO C 518 -10.46 69.61 16.24
N ASN C 519 -10.83 70.78 16.80
CA ASN C 519 -10.48 71.21 18.17
C ASN C 519 -8.96 71.28 18.45
N ALA C 520 -8.16 71.64 17.41
CA ALA C 520 -6.69 71.76 17.47
C ALA C 520 -6.03 70.50 18.10
N ARG C 521 -6.63 69.32 17.83
CA ARG C 521 -6.19 68.03 18.36
C ARG C 521 -5.16 67.29 17.49
N GLY C 522 -4.38 68.05 16.75
CA GLY C 522 -3.34 67.44 15.93
C GLY C 522 -3.52 67.66 14.46
N GLU C 523 -2.57 67.14 13.70
CA GLU C 523 -2.50 67.25 12.25
C GLU C 523 -1.55 66.19 11.73
N GLN C 524 -1.55 66.01 10.42
CA GLN C 524 -0.62 65.14 9.70
C GLN C 524 -0.58 65.65 8.27
N LYS C 525 0.51 65.34 7.57
CA LYS C 525 0.66 65.72 6.16
C LYS C 525 -0.34 64.95 5.29
N LEU C 526 -0.93 65.63 4.30
CA LEU C 526 -1.80 65.04 3.31
C LEU C 526 -0.89 64.57 2.18
N ASN C 527 -1.08 63.33 1.73
CA ASN C 527 -0.27 62.79 0.64
C ASN C 527 -1.09 61.87 -0.26
N SER C 528 -0.49 61.35 -1.33
CA SER C 528 -1.14 60.50 -2.32
C SER C 528 -1.65 59.18 -1.75
N LEU C 529 -1.05 58.75 -0.65
CA LEU C 529 -1.35 57.48 0.01
C LEU C 529 -2.42 57.55 1.11
N ASN C 530 -2.72 58.75 1.64
CA ASN C 530 -3.71 58.88 2.72
C ASN C 530 -4.91 59.80 2.45
N PHE C 531 -4.96 60.49 1.29
CA PHE C 531 -6.03 61.45 0.99
C PHE C 531 -7.45 60.84 1.04
N ASP C 532 -7.56 59.55 0.70
CA ASP C 532 -8.80 58.80 0.65
C ASP C 532 -8.90 57.68 1.69
N LEU C 533 -8.15 57.80 2.81
CA LEU C 533 -8.10 56.81 3.90
C LEU C 533 -9.44 56.59 4.61
N CYS C 534 -10.32 57.61 4.60
CA CYS C 534 -11.62 57.50 5.21
C CYS C 534 -12.52 56.42 4.59
N LYS C 535 -12.32 56.13 3.30
CA LYS C 535 -13.05 55.06 2.64
C LYS C 535 -12.66 53.70 3.27
N THR C 536 -11.36 53.51 3.62
CA THR C 536 -10.88 52.28 4.28
C THR C 536 -11.44 52.15 5.71
N MET C 537 -11.53 53.27 6.43
CA MET C 537 -12.11 53.31 7.76
C MET C 537 -13.60 52.93 7.63
N ALA C 538 -14.28 53.45 6.59
CA ALA C 538 -15.68 53.11 6.33
C ALA C 538 -15.85 51.62 5.96
N LEU C 539 -14.94 51.06 5.12
CA LEU C 539 -14.98 49.64 4.77
C LEU C 539 -14.80 48.80 6.04
N THR C 540 -13.90 49.21 6.96
CA THR C 540 -13.67 48.49 8.23
C THR C 540 -14.95 48.50 9.10
N VAL C 541 -15.58 49.67 9.29
CA VAL C 541 -16.82 49.81 10.05
C VAL C 541 -17.90 48.89 9.43
N SER C 542 -18.08 48.95 8.09
CA SER C 542 -19.07 48.13 7.38
C SER C 542 -18.82 46.63 7.56
N LEU C 543 -17.58 46.16 7.39
CA LEU C 543 -17.23 44.76 7.60
C LEU C 543 -17.52 44.27 9.02
N LEU C 544 -17.15 45.06 10.02
CA LEU C 544 -17.39 44.74 11.44
C LEU C 544 -18.89 44.64 11.75
N ARG C 545 -19.70 45.52 11.14
CA ARG C 545 -21.15 45.53 11.26
C ARG C 545 -21.73 44.27 10.69
N HIS C 546 -21.30 43.87 9.48
CA HIS C 546 -21.81 42.63 8.87
C HIS C 546 -21.42 41.38 9.71
N MET C 547 -20.18 41.36 10.20
CA MET C 547 -19.71 40.25 11.06
C MET C 547 -20.48 40.18 12.39
N ALA C 548 -20.80 41.35 13.00
CA ALA C 548 -21.57 41.41 14.26
C ALA C 548 -23.02 41.00 14.10
N ALA C 549 -23.61 41.19 12.90
CA ALA C 549 -25.02 40.86 12.62
C ALA C 549 -25.20 39.38 12.17
N GLY C 550 -24.10 38.64 12.08
CA GLY C 550 -24.15 37.24 11.69
C GLY C 550 -24.77 36.38 12.77
N GLU C 551 -25.41 35.26 12.39
CA GLU C 551 -25.99 34.33 13.37
C GLU C 551 -24.88 33.87 14.34
N ASN C 552 -23.67 33.65 13.80
CA ASN C 552 -22.49 33.29 14.58
C ASN C 552 -21.51 34.45 14.47
N GLN C 553 -20.99 34.92 15.61
CA GLN C 553 -20.03 36.03 15.60
C GLN C 553 -18.61 35.49 15.89
N PRO C 554 -17.54 36.08 15.31
CA PRO C 554 -16.17 35.61 15.62
C PRO C 554 -15.89 35.71 17.12
N SER C 555 -15.20 34.71 17.70
CA SER C 555 -14.92 34.72 19.16
C SER C 555 -14.16 35.98 19.57
N PHE C 556 -13.35 36.51 18.65
CA PHE C 556 -12.60 37.77 18.78
C PHE C 556 -12.14 38.22 17.39
N ILE C 557 -11.71 39.49 17.30
CA ILE C 557 -11.20 40.13 16.08
C ILE C 557 -9.95 40.89 16.46
N LYS C 558 -8.86 40.69 15.68
CA LYS C 558 -7.58 41.37 15.88
C LYS C 558 -7.04 41.87 14.54
N TRP C 559 -6.23 42.94 14.58
CA TRP C 559 -5.53 43.54 13.44
C TRP C 559 -4.06 43.19 13.62
N GLU C 560 -3.48 42.47 12.65
CA GLU C 560 -2.10 41.98 12.75
C GLU C 560 -1.34 42.04 11.42
N LYS C 561 0.00 42.15 11.49
CA LYS C 561 0.93 42.20 10.37
C LYS C 561 1.85 40.96 10.40
N SER C 562 2.17 40.48 11.60
CA SER C 562 3.07 39.35 11.80
C SER C 562 2.71 38.63 13.07
N ILE C 563 3.29 37.44 13.25
CA ILE C 563 3.05 36.59 14.41
C ILE C 563 4.39 36.40 15.12
N ALA C 564 4.36 36.48 16.46
CA ALA C 564 5.54 36.28 17.30
C ALA C 564 5.79 34.77 17.46
N GLY C 565 7.06 34.39 17.51
CA GLY C 565 7.45 32.99 17.65
C GLY C 565 7.34 32.49 19.08
N PRO C 566 7.80 31.24 19.39
CA PRO C 566 7.75 30.75 20.78
C PRO C 566 8.62 31.55 21.75
N ASP C 567 9.62 32.32 21.23
CA ASP C 567 10.52 33.16 22.02
C ASP C 567 10.00 34.60 22.29
N GLY C 568 9.38 35.23 21.29
CA GLY C 568 8.87 36.58 21.36
C GLY C 568 9.21 37.46 20.17
N LYS C 569 10.16 37.01 19.33
CA LYS C 569 10.62 37.69 18.11
C LYS C 569 9.70 37.28 16.93
N PRO C 570 9.49 38.12 15.88
CA PRO C 570 8.61 37.69 14.78
C PRO C 570 9.23 36.57 13.96
N LEU C 571 8.48 35.48 13.83
CA LEU C 571 8.84 34.31 13.07
C LEU C 571 8.79 34.64 11.56
N ALA C 572 7.66 35.22 11.10
CA ALA C 572 7.45 35.58 9.70
C ALA C 572 6.24 36.52 9.63
N ASP C 573 6.00 37.08 8.43
CA ASP C 573 4.90 38.00 8.19
C ASP C 573 3.67 37.25 7.78
N LEU C 574 2.51 37.85 8.01
CA LEU C 574 1.26 37.32 7.50
C LEU C 574 1.27 37.59 5.99
N GLY C 575 0.55 36.77 5.24
CA GLY C 575 0.50 36.85 3.77
C GLY C 575 0.52 35.45 3.18
N TRP C 576 0.57 35.33 1.85
CA TRP C 576 0.51 34.02 1.19
C TRP C 576 1.83 33.25 1.16
N GLN C 577 2.95 33.89 1.46
CA GLN C 577 4.29 33.31 1.32
C GLN C 577 4.60 32.09 2.14
N VAL C 578 4.31 32.11 3.45
CA VAL C 578 4.61 30.92 4.30
C VAL C 578 3.73 29.73 3.85
N GLY C 579 2.47 30.01 3.56
CA GLY C 579 1.51 29.03 3.05
C GLY C 579 1.95 28.39 1.75
N VAL C 580 2.60 29.17 0.83
CA VAL C 580 3.11 28.58 -0.43
C VAL C 580 4.21 27.56 -0.14
N ILE C 581 5.15 27.91 0.73
CA ILE C 581 6.23 27.00 1.13
C ILE C 581 5.62 25.70 1.74
N LEU C 582 4.71 25.85 2.72
CA LEU C 582 4.09 24.71 3.42
C LEU C 582 3.40 23.75 2.51
N HIS C 583 2.63 24.24 1.53
CA HIS C 583 1.93 23.34 0.61
C HIS C 583 2.88 22.47 -0.21
N HIS C 584 4.15 22.87 -0.32
CA HIS C 584 5.16 22.04 -0.96
C HIS C 584 5.90 21.18 0.07
N VAL C 585 6.45 21.79 1.15
CA VAL C 585 7.28 21.08 2.14
C VAL C 585 6.61 19.99 2.97
N LEU C 586 5.28 20.15 3.19
CA LEU C 586 4.46 19.22 3.98
C LEU C 586 4.25 17.85 3.31
N PHE C 587 4.36 17.79 1.95
CA PHE C 587 4.19 16.54 1.17
C PHE C 587 5.61 16.00 1.06
N THR C 588 6.01 15.35 2.16
CA THR C 588 7.35 14.83 2.45
C THR C 588 8.06 14.13 1.31
N GLU C 589 7.43 13.09 0.75
CA GLU C 589 8.02 12.26 -0.31
C GLU C 589 8.24 13.06 -1.58
N GLU C 590 7.25 13.88 -1.95
CA GLU C 590 7.33 14.71 -3.14
C GLU C 590 8.41 15.78 -2.97
N TRP C 591 8.47 16.41 -1.79
CA TRP C 591 9.47 17.45 -1.51
C TRP C 591 10.88 16.85 -1.58
N GLY C 592 11.09 15.71 -0.93
CA GLY C 592 12.39 15.04 -0.94
C GLY C 592 12.91 14.75 -2.34
N ARG C 593 12.03 14.29 -3.24
CA ARG C 593 12.38 14.01 -4.63
C ARG C 593 12.74 15.29 -5.41
N ASN C 594 11.91 16.34 -5.30
CA ASN C 594 12.15 17.56 -6.05
C ASN C 594 13.22 18.41 -5.48
N ALA C 595 13.25 18.61 -4.15
CA ALA C 595 14.25 19.53 -3.57
C ALA C 595 15.62 18.90 -3.39
N TYR C 596 15.67 17.59 -3.16
CA TYR C 596 16.96 16.96 -2.88
C TYR C 596 17.45 15.95 -3.91
N GLU C 597 16.57 15.12 -4.48
CA GLU C 597 17.03 14.13 -5.45
C GLU C 597 17.35 14.78 -6.80
N ALA C 598 16.37 15.50 -7.37
CA ALA C 598 16.54 16.25 -8.61
C ALA C 598 17.47 17.44 -8.24
N GLY C 599 16.99 18.32 -7.37
CA GLY C 599 17.71 19.48 -6.83
C GLY C 599 18.30 20.43 -7.86
N TYR C 600 19.35 21.17 -7.46
CA TYR C 600 20.02 22.07 -8.40
C TYR C 600 20.82 21.25 -9.41
N SER C 601 21.21 20.01 -9.03
CA SER C 601 21.98 19.14 -9.93
C SER C 601 21.20 18.78 -11.20
N HIS C 602 19.87 18.93 -11.21
CA HIS C 602 19.02 18.73 -12.40
C HIS C 602 19.44 19.71 -13.52
N ASN C 603 20.03 20.87 -13.15
CA ASN C 603 20.44 21.91 -14.09
C ASN C 603 21.81 21.67 -14.75
N LEU C 604 22.57 20.66 -14.29
CA LEU C 604 23.88 20.31 -14.86
C LEU C 604 23.72 20.03 -16.37
N GLU C 605 24.55 20.70 -17.19
CA GLU C 605 24.53 20.59 -18.66
C GLU C 605 25.32 19.36 -19.12
N ASP D 11 -4.08 -58.14 -18.56
CA ASP D 11 -3.21 -57.00 -18.28
C ASP D 11 -3.77 -55.65 -18.76
N ALA D 12 -4.58 -55.66 -19.85
CA ALA D 12 -5.20 -54.43 -20.40
C ALA D 12 -6.19 -53.85 -19.41
N ASP D 13 -6.99 -54.71 -18.76
CA ASP D 13 -7.99 -54.33 -17.75
C ASP D 13 -7.34 -53.73 -16.51
N THR D 14 -6.21 -54.29 -16.06
CA THR D 14 -5.48 -53.77 -14.91
C THR D 14 -5.01 -52.34 -15.19
N GLU D 15 -4.38 -52.10 -16.37
CA GLU D 15 -3.89 -50.77 -16.75
C GLU D 15 -5.05 -49.76 -16.83
N LYS D 16 -6.20 -50.19 -17.39
CA LYS D 16 -7.40 -49.33 -17.47
C LYS D 16 -7.88 -48.94 -16.07
N ARG D 17 -7.84 -49.88 -15.07
CA ARG D 17 -8.24 -49.57 -13.69
C ARG D 17 -7.25 -48.63 -12.98
N ILE D 18 -5.93 -48.81 -13.22
CA ILE D 18 -4.87 -47.96 -12.67
C ILE D 18 -5.11 -46.51 -13.15
N ASN D 19 -5.46 -46.35 -14.44
CA ASN D 19 -5.75 -45.06 -15.07
C ASN D 19 -6.98 -44.41 -14.48
N VAL D 20 -8.04 -45.19 -14.23
CA VAL D 20 -9.28 -44.70 -13.58
C VAL D 20 -8.92 -44.16 -12.17
N GLY D 21 -8.05 -44.89 -11.45
CA GLY D 21 -7.56 -44.52 -10.12
C GLY D 21 -6.78 -43.21 -10.09
N LYS D 22 -5.78 -43.08 -10.98
CA LYS D 22 -4.93 -41.88 -11.12
C LYS D 22 -5.75 -40.66 -11.54
N LYS D 23 -6.73 -40.86 -12.45
CA LYS D 23 -7.60 -39.81 -12.96
C LYS D 23 -8.60 -39.33 -11.91
N HIS D 24 -9.14 -40.25 -11.08
CA HIS D 24 -10.07 -39.91 -10.01
C HIS D 24 -9.39 -38.95 -9.01
N LEU D 25 -8.15 -39.29 -8.60
CA LEU D 25 -7.35 -38.46 -7.70
C LEU D 25 -7.02 -37.11 -8.32
N GLN D 26 -6.66 -37.06 -9.61
CA GLN D 26 -6.36 -35.81 -10.34
C GLN D 26 -7.59 -34.88 -10.47
N THR D 27 -8.79 -35.47 -10.70
CA THR D 27 -10.07 -34.75 -10.81
C THR D 27 -10.39 -34.10 -9.46
N LEU D 28 -10.20 -34.85 -8.34
CA LEU D 28 -10.47 -34.33 -7.01
C LEU D 28 -9.48 -33.24 -6.66
N ARG D 29 -8.18 -33.42 -7.01
CA ARG D 29 -7.13 -32.42 -6.79
CA ARG D 29 -7.13 -32.41 -6.80
C ARG D 29 -7.45 -31.13 -7.55
N ASN D 30 -7.85 -31.25 -8.83
CA ASN D 30 -8.21 -30.11 -9.68
C ASN D 30 -9.41 -29.38 -9.08
N LEU D 31 -10.42 -30.13 -8.57
CA LEU D 31 -11.61 -29.57 -7.95
C LEU D 31 -11.30 -28.68 -6.73
N GLU D 32 -10.34 -29.08 -5.88
CA GLU D 32 -9.99 -28.33 -4.65
C GLU D 32 -8.94 -27.23 -4.81
N THR D 33 -8.40 -27.04 -6.04
CA THR D 33 -7.40 -26.00 -6.34
C THR D 33 -7.92 -24.92 -7.28
N ARG D 34 -8.94 -25.26 -8.10
CA ARG D 34 -9.50 -24.34 -9.09
C ARG D 34 -10.61 -23.42 -8.56
N CYS D 35 -10.88 -22.33 -9.28
CA CYS D 35 -11.98 -21.42 -8.96
C CYS D 35 -13.31 -22.15 -9.24
N HIS D 36 -14.36 -21.87 -8.45
CA HIS D 36 -15.67 -22.49 -8.67
C HIS D 36 -16.67 -21.38 -8.93
N ASP D 37 -17.52 -21.56 -9.94
CA ASP D 37 -18.51 -20.54 -10.28
C ASP D 37 -19.85 -20.86 -9.68
N SER D 38 -20.63 -19.81 -9.35
CA SER D 38 -21.95 -19.93 -8.76
C SER D 38 -22.80 -18.72 -9.14
N LEU D 39 -24.06 -18.94 -9.41
CA LEU D 39 -25.02 -17.92 -9.80
C LEU D 39 -25.54 -17.17 -8.55
N GLN D 40 -25.65 -15.84 -8.66
CA GLN D 40 -26.23 -14.97 -7.66
C GLN D 40 -27.28 -14.06 -8.31
N ALA D 41 -28.36 -13.80 -7.59
CA ALA D 41 -29.36 -12.82 -8.03
C ALA D 41 -29.09 -11.49 -7.30
N LEU D 42 -29.38 -10.38 -8.00
CA LEU D 42 -29.23 -9.02 -7.48
C LEU D 42 -30.51 -8.31 -7.85
N VAL D 43 -31.00 -7.46 -6.93
CA VAL D 43 -32.26 -6.74 -7.15
C VAL D 43 -32.03 -5.24 -7.07
N VAL D 44 -32.50 -4.50 -8.07
CA VAL D 44 -32.44 -3.05 -8.05
C VAL D 44 -33.90 -2.57 -8.03
N ILE D 45 -34.30 -1.86 -6.99
CA ILE D 45 -35.66 -1.32 -6.96
C ILE D 45 -35.60 0.12 -7.42
N ASP D 46 -36.26 0.39 -8.54
CA ASP D 46 -36.29 1.71 -9.14
C ASP D 46 -37.48 2.49 -8.60
N ALA D 47 -37.23 3.40 -7.62
CA ALA D 47 -38.27 4.22 -7.00
C ALA D 47 -38.25 5.62 -7.65
N GLY D 48 -38.99 5.76 -8.75
CA GLY D 48 -39.11 6.98 -9.55
C GLY D 48 -40.22 7.88 -9.04
N SER D 49 -40.41 9.04 -9.69
CA SER D 49 -41.45 10.00 -9.26
C SER D 49 -42.86 9.48 -9.40
N SER D 50 -43.15 8.76 -10.47
CA SER D 50 -44.52 8.26 -10.71
C SER D 50 -44.76 6.79 -10.45
N SER D 51 -43.68 6.01 -10.17
CA SER D 51 -43.81 4.58 -9.92
C SER D 51 -42.58 3.96 -9.25
N THR D 52 -42.79 2.80 -8.63
CA THR D 52 -41.74 1.99 -8.02
C THR D 52 -41.77 0.62 -8.69
N ARG D 53 -40.62 0.16 -9.22
CA ARG D 53 -40.62 -1.16 -9.82
C ARG D 53 -39.38 -1.98 -9.55
N THR D 54 -39.55 -3.28 -9.50
CA THR D 54 -38.44 -4.18 -9.23
C THR D 54 -37.71 -4.56 -10.51
N ASN D 55 -36.38 -4.77 -10.42
CA ASN D 55 -35.53 -5.19 -11.54
C ASN D 55 -34.64 -6.32 -11.00
N VAL D 56 -34.86 -7.55 -11.49
CA VAL D 56 -34.14 -8.76 -11.06
C VAL D 56 -33.03 -9.09 -12.05
N PHE D 57 -31.83 -9.21 -11.53
CA PHE D 57 -30.64 -9.51 -12.30
C PHE D 57 -30.01 -10.80 -11.82
N LEU D 58 -29.23 -11.44 -12.70
CA LEU D 58 -28.39 -12.57 -12.38
C LEU D 58 -26.96 -12.17 -12.68
N ALA D 59 -26.00 -12.73 -11.93
CA ALA D 59 -24.59 -12.53 -12.18
C ALA D 59 -23.85 -13.81 -11.81
N LYS D 60 -22.76 -14.10 -12.51
CA LYS D 60 -21.90 -15.24 -12.19
C LYS D 60 -20.87 -14.77 -11.14
N THR D 61 -20.82 -15.48 -9.99
CA THR D 61 -19.80 -15.24 -8.97
C THR D 61 -18.73 -16.30 -9.19
N ARG D 62 -17.52 -16.00 -8.74
CA ARG D 62 -16.38 -16.90 -8.81
C ARG D 62 -15.71 -16.91 -7.45
N SER D 63 -15.56 -18.11 -6.88
CA SER D 63 -14.92 -18.31 -5.58
C SER D 63 -13.57 -18.98 -5.85
N CYS D 64 -12.46 -18.36 -5.42
CA CYS D 64 -11.08 -18.81 -5.65
C CYS D 64 -10.29 -19.06 -4.37
N PRO D 65 -9.56 -20.21 -4.23
CA PRO D 65 -8.76 -20.42 -3.01
C PRO D 65 -7.95 -19.19 -2.59
N ASN D 66 -8.05 -18.80 -1.30
CA ASN D 66 -7.39 -17.64 -0.70
C ASN D 66 -7.71 -16.25 -1.31
N LYS D 67 -8.67 -16.17 -2.25
CA LYS D 67 -9.03 -14.90 -2.90
C LYS D 67 -10.47 -14.45 -2.61
N GLY D 68 -11.26 -15.33 -2.00
CA GLY D 68 -12.65 -15.00 -1.67
C GLY D 68 -13.57 -15.12 -2.87
N ARG D 69 -14.65 -14.33 -2.89
CA ARG D 69 -15.65 -14.42 -3.93
C ARG D 69 -15.85 -13.03 -4.57
N SER D 70 -15.96 -13.03 -5.91
CA SER D 70 -16.18 -11.80 -6.69
C SER D 70 -17.23 -12.04 -7.79
N ILE D 71 -17.79 -10.96 -8.35
CA ILE D 71 -18.71 -11.06 -9.49
C ILE D 71 -17.95 -10.82 -10.80
N ASP D 72 -18.29 -11.56 -11.87
CA ASP D 72 -17.77 -11.31 -13.23
C ASP D 72 -18.69 -10.19 -13.78
N PRO D 73 -18.25 -8.92 -13.92
CA PRO D 73 -19.19 -7.85 -14.35
C PRO D 73 -19.85 -8.02 -15.72
N ASP D 74 -19.17 -8.70 -16.66
CA ASP D 74 -19.69 -8.97 -18.00
C ASP D 74 -20.87 -9.97 -18.01
N SER D 75 -21.06 -10.72 -16.91
CA SER D 75 -22.16 -11.70 -16.77
C SER D 75 -23.47 -11.05 -16.27
N ILE D 76 -23.46 -9.77 -15.85
CA ILE D 76 -24.69 -9.13 -15.35
C ILE D 76 -25.80 -9.10 -16.41
N GLN D 77 -26.95 -9.69 -16.07
CA GLN D 77 -28.08 -9.77 -16.98
C GLN D 77 -29.41 -9.56 -16.32
N LEU D 78 -30.26 -8.76 -16.97
CA LEU D 78 -31.61 -8.50 -16.50
C LEU D 78 -32.44 -9.73 -16.84
N ILE D 79 -33.13 -10.29 -15.84
CA ILE D 79 -34.00 -11.46 -16.08
C ILE D 79 -35.46 -11.10 -15.98
N GLY D 80 -35.73 -9.92 -15.47
CA GLY D 80 -37.09 -9.42 -15.42
C GLY D 80 -37.25 -8.11 -14.69
N ALA D 81 -38.07 -7.24 -15.26
CA ALA D 81 -38.48 -5.96 -14.71
C ALA D 81 -39.95 -6.19 -14.32
N GLY D 82 -40.32 -5.75 -13.13
CA GLY D 82 -41.65 -6.01 -12.61
C GLY D 82 -42.73 -5.01 -12.96
N LYS D 83 -43.90 -5.21 -12.33
CA LYS D 83 -45.09 -4.36 -12.45
C LYS D 83 -44.79 -3.01 -11.82
N ARG D 84 -45.46 -1.95 -12.31
CA ARG D 84 -45.26 -0.63 -11.76
C ARG D 84 -46.20 -0.41 -10.60
N PHE D 85 -45.63 -0.29 -9.40
CA PHE D 85 -46.41 -0.04 -8.18
C PHE D 85 -46.37 1.46 -7.87
N ALA D 86 -47.03 1.88 -6.78
CA ALA D 86 -47.07 3.28 -6.36
C ALA D 86 -45.68 3.85 -6.05
N GLY D 87 -45.45 5.09 -6.49
CA GLY D 87 -44.23 5.82 -6.22
C GLY D 87 -44.16 6.14 -4.74
N LEU D 88 -42.95 6.27 -4.19
CA LEU D 88 -42.70 6.61 -2.79
C LEU D 88 -43.34 7.92 -2.37
N ARG D 89 -43.45 8.91 -3.29
CA ARG D 89 -44.08 10.19 -2.98
C ARG D 89 -45.55 10.00 -2.55
N VAL D 90 -46.25 8.99 -3.12
CA VAL D 90 -47.64 8.63 -2.84
C VAL D 90 -47.76 8.12 -1.40
N VAL D 91 -46.82 7.27 -0.96
CA VAL D 91 -46.74 6.76 0.40
C VAL D 91 -46.67 7.95 1.40
N LEU D 92 -45.75 8.90 1.18
CA LEU D 92 -45.60 10.08 2.05
C LEU D 92 -46.80 11.01 2.02
N GLU D 93 -47.31 11.28 0.81
CA GLU D 93 -48.46 12.16 0.61
C GLU D 93 -49.73 11.62 1.27
N GLU D 94 -49.94 10.30 1.21
CA GLU D 94 -51.11 9.66 1.84
C GLU D 94 -50.99 9.67 3.37
N TRP D 95 -49.75 9.56 3.89
CA TRP D 95 -49.45 9.61 5.31
C TRP D 95 -49.68 11.03 5.84
N LEU D 96 -49.21 12.05 5.09
CA LEU D 96 -49.41 13.47 5.43
C LEU D 96 -50.88 13.88 5.31
N ASP D 97 -51.62 13.34 4.32
CA ASP D 97 -53.03 13.66 4.14
C ASP D 97 -53.82 13.23 5.38
N THR D 98 -53.50 12.05 5.92
CA THR D 98 -54.17 11.48 7.08
C THR D 98 -53.76 12.12 8.41
N TYR D 99 -52.45 12.35 8.62
CA TYR D 99 -51.89 12.79 9.89
C TYR D 99 -51.51 14.26 10.05
N ALA D 100 -51.16 14.94 8.96
CA ALA D 100 -50.84 16.37 9.05
C ALA D 100 -52.08 17.21 8.67
N GLY D 101 -52.94 16.64 7.83
CA GLY D 101 -54.14 17.28 7.29
C GLY D 101 -54.09 17.32 5.77
N LYS D 102 -55.24 17.18 5.09
CA LYS D 102 -55.33 17.17 3.61
C LYS D 102 -54.84 18.47 2.91
N ASP D 103 -54.69 19.57 3.69
CA ASP D 103 -54.24 20.89 3.23
C ASP D 103 -52.73 21.14 3.41
N TRP D 104 -51.95 20.11 3.82
CA TRP D 104 -50.49 20.19 4.09
C TRP D 104 -49.64 20.90 3.01
N GLU D 105 -50.01 20.78 1.73
CA GLU D 105 -49.30 21.41 0.60
C GLU D 105 -49.55 22.92 0.55
N SER D 106 -50.67 23.37 1.09
CA SER D 106 -51.13 24.77 1.04
C SER D 106 -51.10 25.51 2.38
N ARG D 107 -50.85 24.79 3.50
CA ARG D 107 -50.81 25.40 4.83
C ARG D 107 -49.56 24.94 5.62
N PRO D 108 -48.99 25.78 6.53
CA PRO D 108 -47.81 25.36 7.30
C PRO D 108 -48.07 24.14 8.18
N VAL D 109 -47.06 23.26 8.29
CA VAL D 109 -47.14 22.01 9.04
C VAL D 109 -46.09 21.95 10.16
N ASP D 110 -46.51 21.52 11.35
CA ASP D 110 -45.60 21.32 12.47
C ASP D 110 -45.10 19.86 12.31
N ALA D 111 -43.89 19.71 11.72
CA ALA D 111 -43.24 18.42 11.44
C ALA D 111 -42.92 17.61 12.71
N ARG D 112 -42.69 18.31 13.84
CA ARG D 112 -42.38 17.72 15.13
C ARG D 112 -43.52 16.83 15.64
N LEU D 113 -44.77 17.22 15.34
CA LEU D 113 -45.98 16.50 15.73
C LEU D 113 -46.13 15.16 15.02
N LEU D 114 -45.64 15.06 13.77
CA LEU D 114 -45.72 13.85 12.97
C LEU D 114 -44.93 12.66 13.51
N PHE D 115 -43.99 12.88 14.45
CA PHE D 115 -43.21 11.80 15.08
C PHE D 115 -44.09 10.82 15.87
N GLN D 116 -45.33 11.21 16.18
CA GLN D 116 -46.30 10.36 16.88
C GLN D 116 -46.83 9.29 15.92
N TYR D 117 -46.70 9.55 14.59
CA TYR D 117 -47.22 8.71 13.51
C TYR D 117 -46.21 7.84 12.72
N VAL D 118 -45.07 7.55 13.33
CA VAL D 118 -44.03 6.68 12.76
C VAL D 118 -44.58 5.24 12.47
N PRO D 119 -45.35 4.57 13.39
CA PRO D 119 -45.89 3.23 13.06
C PRO D 119 -46.81 3.25 11.83
N GLN D 120 -47.55 4.35 11.63
CA GLN D 120 -48.43 4.52 10.48
C GLN D 120 -47.64 4.72 9.18
N MET D 121 -46.46 5.39 9.25
CA MET D 121 -45.60 5.56 8.07
C MET D 121 -45.00 4.18 7.72
N HIS D 122 -44.64 3.39 8.75
CA HIS D 122 -44.11 2.04 8.59
C HIS D 122 -45.17 1.16 7.93
N GLU D 123 -46.46 1.34 8.30
CA GLU D 123 -47.56 0.57 7.74
C GLU D 123 -47.78 0.85 6.24
N GLY D 124 -47.68 2.12 5.84
CA GLY D 124 -47.78 2.55 4.45
C GLY D 124 -46.64 1.98 3.61
N ALA D 125 -45.41 2.03 4.13
CA ALA D 125 -44.22 1.51 3.43
C ALA D 125 -44.29 -0.02 3.33
N LYS D 126 -44.77 -0.70 4.41
CA LYS D 126 -44.93 -2.15 4.45
C LYS D 126 -45.84 -2.64 3.31
N LYS D 127 -46.95 -1.93 3.04
CA LYS D 127 -47.88 -2.28 1.96
C LYS D 127 -47.19 -2.29 0.58
N LEU D 128 -46.41 -1.24 0.29
CA LEU D 128 -45.67 -1.15 -0.96
C LEU D 128 -44.58 -2.24 -1.05
N MET D 129 -43.81 -2.43 0.03
CA MET D 129 -42.71 -3.42 0.08
C MET D 129 -43.20 -4.85 -0.09
N GLN D 130 -44.34 -5.21 0.53
CA GLN D 130 -44.93 -6.55 0.42
C GLN D 130 -45.26 -6.87 -1.06
N LEU D 131 -45.79 -5.87 -1.80
CA LEU D 131 -46.10 -6.01 -3.23
C LEU D 131 -44.85 -6.19 -4.08
N LEU D 132 -43.78 -5.40 -3.81
CA LEU D 132 -42.51 -5.48 -4.53
C LEU D 132 -41.81 -6.79 -4.24
N GLU D 133 -41.90 -7.28 -2.98
CA GLU D 133 -41.29 -8.55 -2.59
C GLU D 133 -41.97 -9.71 -3.33
N GLU D 134 -43.30 -9.72 -3.35
CA GLU D 134 -44.10 -10.75 -4.02
C GLU D 134 -43.79 -10.79 -5.53
N ASP D 135 -43.68 -9.60 -6.16
CA ASP D 135 -43.37 -9.48 -7.58
C ASP D 135 -41.95 -9.99 -7.90
N THR D 136 -40.97 -9.66 -7.02
CA THR D 136 -39.57 -10.09 -7.15
C THR D 136 -39.47 -11.61 -7.09
N VAL D 137 -40.13 -12.22 -6.08
CA VAL D 137 -40.19 -13.67 -5.85
C VAL D 137 -40.85 -14.35 -7.08
N ALA D 138 -41.91 -13.76 -7.67
CA ALA D 138 -42.59 -14.33 -8.84
C ALA D 138 -41.67 -14.38 -10.08
N ILE D 139 -40.80 -13.34 -10.27
CA ILE D 139 -39.85 -13.28 -11.38
C ILE D 139 -38.76 -14.35 -11.15
N LEU D 140 -38.24 -14.46 -9.91
CA LEU D 140 -37.22 -15.46 -9.57
C LEU D 140 -37.78 -16.89 -9.77
N ASP D 141 -39.01 -17.13 -9.29
CA ASP D 141 -39.65 -18.45 -9.42
C ASP D 141 -39.93 -18.87 -10.87
N SER D 142 -40.26 -17.90 -11.76
CA SER D 142 -40.56 -18.18 -13.17
C SER D 142 -39.33 -18.30 -14.06
N GLN D 143 -38.21 -17.68 -13.67
CA GLN D 143 -36.99 -17.68 -14.49
C GLN D 143 -35.95 -18.72 -14.15
N LEU D 144 -35.91 -19.13 -12.89
CA LEU D 144 -34.90 -20.04 -12.40
C LEU D 144 -35.32 -21.48 -12.37
N ASN D 145 -34.38 -22.38 -12.72
CA ASN D 145 -34.63 -23.83 -12.61
C ASN D 145 -34.28 -24.23 -11.16
N GLU D 146 -34.46 -25.49 -10.79
CA GLU D 146 -34.19 -25.95 -9.43
C GLU D 146 -32.74 -25.82 -8.99
N LYS D 147 -31.79 -26.09 -9.91
CA LYS D 147 -30.35 -26.00 -9.57
C LYS D 147 -29.93 -24.55 -9.36
N GLN D 148 -30.48 -23.63 -10.16
CA GLN D 148 -30.19 -22.21 -10.07
C GLN D 148 -30.78 -21.63 -8.78
N LYS D 149 -31.98 -22.11 -8.37
CA LYS D 149 -32.66 -21.67 -7.15
C LYS D 149 -31.85 -22.04 -5.91
N VAL D 150 -31.20 -23.21 -5.91
CA VAL D 150 -30.35 -23.67 -4.82
C VAL D 150 -29.16 -22.69 -4.65
N GLN D 151 -28.47 -22.35 -5.77
CA GLN D 151 -27.35 -21.37 -5.70
C GLN D 151 -27.81 -19.99 -5.24
N VAL D 152 -28.90 -19.49 -5.84
CA VAL D 152 -29.44 -18.14 -5.56
C VAL D 152 -29.89 -17.97 -4.09
N LYS D 153 -30.59 -18.99 -3.56
CA LYS D 153 -31.06 -18.98 -2.17
C LYS D 153 -29.92 -19.06 -1.16
N ALA D 154 -28.89 -19.87 -1.43
CA ALA D 154 -27.74 -20.00 -0.53
C ALA D 154 -26.90 -18.72 -0.43
N LEU D 155 -26.62 -18.05 -1.58
CA LEU D 155 -25.71 -16.90 -1.63
C LEU D 155 -26.19 -15.59 -1.02
N GLY D 156 -27.50 -15.42 -0.93
CA GLY D 156 -28.05 -14.15 -0.48
C GLY D 156 -28.33 -13.24 -1.66
N ILE D 157 -29.35 -12.39 -1.51
CA ILE D 157 -29.75 -11.47 -2.56
C ILE D 157 -29.64 -10.02 -2.17
N PRO D 158 -28.52 -9.35 -2.52
CA PRO D 158 -28.40 -7.91 -2.26
C PRO D 158 -29.53 -7.14 -2.97
N VAL D 159 -30.13 -6.19 -2.25
CA VAL D 159 -31.19 -5.31 -2.77
C VAL D 159 -30.65 -3.88 -2.75
N MET D 160 -30.74 -3.16 -3.90
CA MET D 160 -30.33 -1.77 -4.01
C MET D 160 -31.57 -0.99 -4.39
N LEU D 161 -32.25 -0.41 -3.41
CA LEU D 161 -33.44 0.41 -3.66
C LEU D 161 -32.96 1.86 -3.73
N CYS D 162 -33.09 2.51 -4.89
CA CYS D 162 -32.69 3.90 -5.06
C CYS D 162 -33.87 4.70 -5.51
N SER D 163 -34.10 5.85 -4.86
CA SER D 163 -35.14 6.79 -5.27
C SER D 163 -34.53 7.94 -6.09
N THR D 164 -35.19 8.25 -7.21
CA THR D 164 -34.77 9.37 -8.06
C THR D 164 -35.67 10.56 -7.73
N ALA D 165 -36.39 11.14 -8.70
CA ALA D 165 -37.28 12.29 -8.44
C ALA D 165 -38.51 11.97 -7.57
N GLY D 166 -39.24 13.02 -7.18
CA GLY D 166 -40.46 12.89 -6.38
C GLY D 166 -40.29 13.20 -4.90
N VAL D 167 -39.49 12.39 -4.20
CA VAL D 167 -39.25 12.50 -2.74
C VAL D 167 -38.27 13.64 -2.34
N ARG D 168 -37.58 14.24 -3.31
CA ARG D 168 -36.60 15.32 -3.10
C ARG D 168 -37.15 16.62 -2.47
N ASP D 169 -38.45 16.92 -2.64
CA ASP D 169 -39.10 18.16 -2.19
C ASP D 169 -39.78 18.22 -0.81
N PHE D 170 -39.63 17.20 0.06
CA PHE D 170 -40.32 17.22 1.36
C PHE D 170 -39.82 18.20 2.45
N HIS D 171 -38.51 18.52 2.43
CA HIS D 171 -37.84 19.50 3.32
C HIS D 171 -37.83 19.28 4.85
N GLU D 172 -38.20 18.07 5.32
CA GLU D 172 -38.21 17.80 6.77
C GLU D 172 -37.37 16.56 7.09
N TRP D 173 -37.86 15.69 7.98
CA TRP D 173 -37.18 14.47 8.38
C TRP D 173 -37.81 13.25 7.70
N TYR D 174 -38.92 13.45 6.95
CA TYR D 174 -39.72 12.39 6.31
C TYR D 174 -39.00 11.36 5.46
N ARG D 175 -38.27 11.83 4.42
CA ARG D 175 -37.56 10.96 3.47
C ARG D 175 -36.53 10.06 4.17
N ASP D 176 -35.70 10.65 5.05
CA ASP D 176 -34.67 9.93 5.79
C ASP D 176 -35.27 8.88 6.73
N ALA D 177 -36.40 9.19 7.37
CA ALA D 177 -37.10 8.23 8.22
C ALA D 177 -37.68 7.13 7.34
N LEU D 178 -38.27 7.51 6.18
CA LEU D 178 -38.84 6.53 5.24
C LEU D 178 -37.78 5.54 4.81
N PHE D 179 -36.53 6.00 4.48
CA PHE D 179 -35.46 5.10 4.06
C PHE D 179 -35.01 4.16 5.17
N VAL D 180 -35.04 4.61 6.43
CA VAL D 180 -34.69 3.74 7.60
C VAL D 180 -35.75 2.60 7.69
N LEU D 181 -37.03 2.94 7.49
CA LEU D 181 -38.13 1.97 7.54
C LEU D 181 -38.10 1.01 6.33
N LEU D 182 -37.77 1.51 5.13
CA LEU D 182 -37.69 0.71 3.90
C LEU D 182 -36.56 -0.31 4.05
N ARG D 183 -35.37 0.10 4.52
CA ARG D 183 -34.26 -0.84 4.76
C ARG D 183 -34.64 -1.92 5.83
N HIS D 184 -35.34 -1.51 6.90
CA HIS D 184 -35.76 -2.48 7.94
C HIS D 184 -36.73 -3.51 7.35
N LEU D 185 -37.62 -3.09 6.43
CA LEU D 185 -38.57 -3.98 5.73
C LEU D 185 -37.86 -4.95 4.79
N ILE D 186 -36.90 -4.45 3.99
CA ILE D 186 -36.09 -5.29 3.07
C ILE D 186 -35.29 -6.32 3.87
N ASN D 187 -34.71 -5.90 5.01
CA ASN D 187 -33.96 -6.78 5.92
C ASN D 187 -34.80 -7.79 6.70
N ASN D 188 -36.12 -7.75 6.54
CA ASN D 188 -37.02 -8.72 7.17
C ASN D 188 -37.91 -9.41 6.11
N PRO D 189 -37.33 -10.15 5.11
CA PRO D 189 -38.19 -10.80 4.11
C PRO D 189 -39.00 -11.95 4.70
N SER D 190 -40.07 -12.36 4.02
CA SER D 190 -40.89 -13.51 4.42
C SER D 190 -39.98 -14.75 4.40
N PRO D 191 -39.82 -15.49 5.53
CA PRO D 191 -38.92 -16.67 5.51
C PRO D 191 -39.43 -17.84 4.66
N ALA D 192 -40.73 -17.84 4.32
CA ALA D 192 -41.44 -18.87 3.55
C ALA D 192 -40.89 -19.17 2.17
N HIS D 193 -40.51 -18.13 1.39
CA HIS D 193 -40.02 -18.32 0.03
C HIS D 193 -38.56 -18.74 -0.08
N GLY D 194 -37.80 -18.58 1.00
CA GLY D 194 -36.39 -18.95 1.02
C GLY D 194 -35.39 -18.01 0.38
N TYR D 195 -35.86 -16.91 -0.25
CA TYR D 195 -34.95 -15.96 -0.86
C TYR D 195 -34.44 -15.02 0.22
N LYS D 196 -33.13 -14.97 0.39
CA LYS D 196 -32.51 -14.15 1.43
C LYS D 196 -32.19 -12.73 0.98
N PHE D 197 -33.22 -11.91 0.81
CA PHE D 197 -33.07 -10.48 0.46
C PHE D 197 -32.46 -9.74 1.64
N PHE D 198 -31.59 -8.78 1.36
CA PHE D 198 -30.95 -7.97 2.40
C PHE D 198 -30.39 -6.69 1.82
N THR D 199 -30.26 -5.69 2.66
CA THR D 199 -29.70 -4.41 2.21
C THR D 199 -28.92 -3.75 3.32
N ASN D 200 -28.35 -2.59 3.01
CA ASN D 200 -27.63 -1.77 3.98
C ASN D 200 -27.77 -0.31 3.55
N PRO D 201 -27.42 0.68 4.41
CA PRO D 201 -27.53 2.10 4.00
C PRO D 201 -26.65 2.54 2.84
N PHE D 202 -25.64 1.73 2.43
CA PHE D 202 -24.79 2.09 1.28
C PHE D 202 -25.44 1.67 -0.05
N TRP D 203 -26.30 0.66 -0.02
CA TRP D 203 -26.99 0.12 -1.21
C TRP D 203 -28.35 0.77 -1.44
N THR D 204 -29.11 1.01 -0.37
CA THR D 204 -30.44 1.61 -0.40
C THR D 204 -30.36 3.04 0.09
N ARG D 205 -30.60 3.97 -0.85
CA ARG D 205 -30.50 5.40 -0.58
C ARG D 205 -31.07 6.24 -1.71
N PRO D 206 -31.38 7.53 -1.48
CA PRO D 206 -31.78 8.39 -2.59
C PRO D 206 -30.57 8.77 -3.44
N ILE D 207 -30.78 9.02 -4.74
CA ILE D 207 -29.71 9.47 -5.66
C ILE D 207 -30.19 10.75 -6.36
N THR D 208 -29.27 11.67 -6.67
CA THR D 208 -29.63 12.93 -7.35
C THR D 208 -29.70 12.73 -8.87
N GLY D 209 -30.20 13.74 -9.57
CA GLY D 209 -30.22 13.74 -11.03
C GLY D 209 -28.82 13.58 -11.61
N ALA D 210 -27.82 14.33 -11.10
CA ALA D 210 -26.42 14.26 -11.59
C ALA D 210 -25.81 12.87 -11.34
N GLU D 211 -26.14 12.24 -10.20
CA GLU D 211 -25.67 10.89 -9.89
C GLU D 211 -26.39 9.90 -10.81
N GLU D 212 -27.68 10.15 -11.12
CA GLU D 212 -28.40 9.25 -12.04
C GLU D 212 -27.72 9.30 -13.46
N GLY D 213 -27.21 10.48 -13.85
CA GLY D 213 -26.49 10.67 -15.12
C GLY D 213 -25.22 9.85 -15.19
N LEU D 214 -24.42 9.92 -14.13
CA LEU D 214 -23.15 9.15 -14.05
C LEU D 214 -23.43 7.65 -14.08
N PHE D 215 -24.44 7.17 -13.32
CA PHE D 215 -24.79 5.73 -13.36
C PHE D 215 -25.28 5.28 -14.74
N ALA D 216 -26.10 6.09 -15.43
CA ALA D 216 -26.58 5.77 -16.79
C ALA D 216 -25.41 5.73 -17.77
N PHE D 217 -24.42 6.62 -17.60
CA PHE D 217 -23.18 6.70 -18.40
C PHE D 217 -22.37 5.40 -18.23
N ILE D 218 -22.29 4.91 -16.97
CA ILE D 218 -21.61 3.63 -16.67
C ILE D 218 -22.36 2.44 -17.33
N THR D 219 -23.70 2.43 -17.25
CA THR D 219 -24.51 1.36 -17.85
C THR D 219 -24.23 1.26 -19.36
N LEU D 220 -24.35 2.40 -20.07
CA LEU D 220 -24.14 2.46 -21.51
C LEU D 220 -22.80 1.88 -21.88
N ASN D 221 -21.75 2.36 -21.23
CA ASN D 221 -20.37 1.99 -21.51
C ASN D 221 -20.04 0.56 -21.19
N HIS D 222 -20.64 0.01 -20.13
CA HIS D 222 -20.48 -1.41 -19.78
C HIS D 222 -21.11 -2.28 -20.88
N LEU D 223 -22.40 -2.04 -21.20
CA LEU D 223 -23.11 -2.85 -22.20
C LEU D 223 -22.53 -2.75 -23.60
N SER D 224 -21.96 -1.56 -23.97
CA SER D 224 -21.38 -1.31 -25.30
CA SER D 224 -21.39 -1.36 -25.31
C SER D 224 -19.95 -1.87 -25.41
N ARG D 225 -19.42 -2.44 -24.31
CA ARG D 225 -18.07 -3.02 -24.21
C ARG D 225 -16.99 -1.94 -24.39
N ARG D 226 -17.31 -0.71 -23.98
CA ARG D 226 -16.37 0.41 -24.05
C ARG D 226 -15.66 0.55 -22.72
N LEU D 227 -16.37 0.26 -21.63
CA LEU D 227 -15.84 0.34 -20.27
C LEU D 227 -15.19 -1.01 -19.93
N GLY D 228 -13.97 -0.96 -19.43
CA GLY D 228 -13.24 -2.16 -19.04
C GLY D 228 -11.79 -1.90 -18.76
N GLU D 229 -11.10 -2.91 -18.21
CA GLU D 229 -9.69 -2.80 -17.84
C GLU D 229 -8.76 -2.57 -19.04
N ASP D 230 -9.17 -2.94 -20.26
CA ASP D 230 -8.39 -2.71 -21.48
C ASP D 230 -8.65 -1.30 -22.07
N PRO D 231 -7.65 -0.38 -22.07
CA PRO D 231 -7.88 0.93 -22.69
C PRO D 231 -7.86 0.84 -24.22
N ALA D 232 -8.59 1.75 -24.89
CA ALA D 232 -8.63 1.81 -26.35
C ALA D 232 -7.43 2.54 -26.95
N ARG D 233 -6.75 3.38 -26.13
CA ARG D 233 -5.57 4.18 -26.53
C ARG D 233 -4.81 4.69 -25.31
N CYS D 234 -3.46 4.67 -25.41
CA CYS D 234 -2.55 5.21 -24.41
C CYS D 234 -1.76 6.34 -25.05
N MET D 235 -1.63 7.47 -24.35
CA MET D 235 -0.90 8.63 -24.85
C MET D 235 0.27 8.96 -23.94
N ILE D 236 1.39 9.38 -24.54
CA ILE D 236 2.62 9.76 -23.83
C ILE D 236 2.50 11.27 -23.58
N ASP D 237 2.29 11.67 -22.31
CA ASP D 237 2.16 13.10 -21.96
C ASP D 237 3.53 13.85 -21.95
N GLU D 238 3.51 15.16 -21.63
CA GLU D 238 4.68 16.05 -21.55
C GLU D 238 5.88 15.48 -20.80
N TYR D 239 5.60 14.65 -19.77
CA TYR D 239 6.59 14.03 -18.88
C TYR D 239 7.08 12.66 -19.31
N GLY D 240 6.43 12.08 -20.31
CA GLY D 240 6.77 10.75 -20.82
C GLY D 240 6.06 9.67 -20.04
N VAL D 241 4.94 10.04 -19.39
CA VAL D 241 4.10 9.14 -18.60
C VAL D 241 2.93 8.68 -19.47
N LYS D 242 2.77 7.36 -19.62
CA LYS D 242 1.68 6.77 -20.39
C LYS D 242 0.33 6.99 -19.70
N GLN D 243 -0.56 7.75 -20.36
CA GLN D 243 -1.92 8.05 -19.88
C GLN D 243 -2.87 7.23 -20.74
N CYS D 244 -3.63 6.32 -20.10
CA CYS D 244 -4.53 5.41 -20.79
C CYS D 244 -6.00 5.67 -20.49
N ARG D 245 -6.84 5.59 -21.53
CA ARG D 245 -8.28 5.81 -21.41
C ARG D 245 -9.08 4.80 -22.22
N ASN D 246 -10.32 4.54 -21.80
CA ASN D 246 -11.25 3.73 -22.58
C ASN D 246 -11.85 4.67 -23.63
N ASP D 247 -12.46 4.13 -24.70
CA ASP D 247 -13.10 4.97 -25.72
C ASP D 247 -14.56 5.04 -25.32
N LEU D 248 -14.84 5.88 -24.32
CA LEU D 248 -16.18 5.99 -23.74
C LEU D 248 -17.15 6.77 -24.59
N ALA D 249 -18.38 6.28 -24.69
CA ALA D 249 -19.41 6.99 -25.44
C ALA D 249 -20.20 7.89 -24.47
N GLY D 250 -20.59 9.06 -24.94
CA GLY D 250 -21.41 9.96 -24.14
C GLY D 250 -22.86 9.51 -24.17
N VAL D 251 -23.64 10.01 -23.19
CA VAL D 251 -25.07 9.71 -23.08
C VAL D 251 -25.90 11.00 -22.91
N VAL D 252 -27.03 11.06 -23.59
CA VAL D 252 -28.06 12.09 -23.50
C VAL D 252 -29.29 11.32 -23.04
N GLU D 253 -29.72 11.54 -21.80
CA GLU D 253 -30.91 10.88 -21.28
C GLU D 253 -31.91 11.89 -20.85
N VAL D 254 -33.07 11.88 -21.53
CA VAL D 254 -34.17 12.77 -21.19
C VAL D 254 -35.21 11.93 -20.46
N GLY D 255 -35.23 12.05 -19.12
CA GLY D 255 -36.17 11.31 -18.28
C GLY D 255 -37.43 12.11 -18.02
N GLY D 256 -38.26 11.64 -17.10
CA GLY D 256 -39.51 12.32 -16.75
C GLY D 256 -39.33 13.56 -15.90
N ALA D 257 -38.33 13.52 -15.01
CA ALA D 257 -38.06 14.62 -14.09
C ALA D 257 -36.85 15.47 -14.44
N SER D 258 -35.88 14.90 -15.16
CA SER D 258 -34.68 15.67 -15.53
C SER D 258 -34.02 15.04 -16.77
N ALA D 259 -33.13 15.82 -17.39
CA ALA D 259 -32.31 15.42 -18.52
C ALA D 259 -30.86 15.43 -18.08
N GLN D 260 -30.17 14.35 -18.41
CA GLN D 260 -28.75 14.23 -18.10
C GLN D 260 -27.93 14.17 -19.38
N ILE D 261 -26.75 14.78 -19.34
CA ILE D 261 -25.79 14.72 -20.44
C ILE D 261 -24.46 14.42 -19.78
N VAL D 262 -23.84 13.30 -20.14
CA VAL D 262 -22.57 12.88 -19.56
C VAL D 262 -21.67 12.36 -20.69
N PHE D 263 -20.47 12.95 -20.84
CA PHE D 263 -19.54 12.51 -21.88
C PHE D 263 -18.10 12.75 -21.47
N PRO D 264 -17.13 11.98 -22.01
CA PRO D 264 -15.74 12.17 -21.59
C PRO D 264 -15.20 13.51 -22.03
N LEU D 265 -14.35 14.09 -21.21
CA LEU D 265 -13.73 15.38 -21.51
C LEU D 265 -12.82 15.21 -22.75
N GLN D 266 -12.90 16.17 -23.69
CA GLN D 266 -12.06 16.15 -24.90
C GLN D 266 -10.56 16.14 -24.49
N GLU D 267 -9.79 15.21 -25.02
CA GLU D 267 -8.36 15.10 -24.71
C GLU D 267 -7.61 16.42 -25.01
N GLY D 268 -6.88 16.91 -24.01
CA GLY D 268 -6.10 18.14 -24.07
C GLY D 268 -6.92 19.41 -24.01
N THR D 269 -8.13 19.35 -23.41
CA THR D 269 -9.03 20.48 -23.27
C THR D 269 -8.85 21.15 -21.89
N VAL D 270 -8.83 22.49 -21.89
CA VAL D 270 -8.72 23.32 -20.69
C VAL D 270 -10.11 23.91 -20.47
N LEU D 271 -10.82 23.40 -19.45
CA LEU D 271 -12.17 23.87 -19.12
C LEU D 271 -12.14 25.25 -18.48
N PRO D 272 -13.21 26.08 -18.59
CA PRO D 272 -13.25 27.32 -17.81
C PRO D 272 -13.07 26.94 -16.32
N SER D 273 -12.42 27.83 -15.52
CA SER D 273 -12.16 27.59 -14.08
C SER D 273 -13.43 27.32 -13.27
N SER D 274 -14.56 27.87 -13.73
CA SER D 274 -15.88 27.78 -13.12
C SER D 274 -16.62 26.46 -13.26
N VAL D 275 -16.13 25.56 -14.13
CA VAL D 275 -16.73 24.23 -14.31
C VAL D 275 -15.62 23.19 -14.07
N ARG D 276 -15.97 21.91 -13.88
CA ARG D 276 -14.94 20.90 -13.62
C ARG D 276 -15.29 19.54 -14.16
N ALA D 277 -14.30 18.79 -14.61
CA ALA D 277 -14.52 17.40 -15.03
C ALA D 277 -14.78 16.60 -13.74
N VAL D 278 -15.71 15.66 -13.78
CA VAL D 278 -15.99 14.77 -12.65
C VAL D 278 -15.07 13.55 -12.89
N ASN D 279 -14.23 13.23 -11.93
CA ASN D 279 -13.36 12.05 -12.08
C ASN D 279 -14.05 10.88 -11.40
N LEU D 280 -14.37 9.83 -12.18
CA LEU D 280 -15.11 8.66 -11.66
C LEU D 280 -14.38 7.86 -10.59
N GLN D 281 -13.04 7.77 -10.66
CA GLN D 281 -12.21 7.09 -9.65
C GLN D 281 -12.22 7.92 -8.35
N ARG D 282 -12.15 9.26 -8.47
CA ARG D 282 -12.17 10.19 -7.32
C ARG D 282 -13.50 10.11 -6.60
N GLU D 283 -14.62 10.02 -7.36
CA GLU D 283 -15.96 9.89 -6.80
C GLU D 283 -16.31 8.47 -6.34
N ARG D 284 -15.32 7.54 -6.37
CA ARG D 284 -15.49 6.14 -5.98
C ARG D 284 -16.63 5.45 -6.77
N LEU D 285 -16.73 5.76 -8.06
CA LEU D 285 -17.74 5.13 -8.95
C LEU D 285 -17.07 4.02 -9.73
N LEU D 286 -15.78 4.22 -10.10
CA LEU D 286 -14.96 3.20 -10.77
C LEU D 286 -13.70 2.88 -9.99
N PRO D 287 -13.29 1.59 -9.91
CA PRO D 287 -12.04 1.27 -9.19
C PRO D 287 -10.79 1.77 -9.94
N GLU D 288 -9.65 1.87 -9.23
CA GLU D 288 -8.35 2.34 -9.72
C GLU D 288 -7.79 1.53 -10.91
N ARG D 289 -8.11 0.21 -10.99
CA ARG D 289 -7.63 -0.67 -12.08
C ARG D 289 -8.28 -0.34 -13.43
N TYR D 290 -9.36 0.47 -13.42
CA TYR D 290 -10.04 0.90 -14.64
C TYR D 290 -9.33 2.12 -15.14
N PRO D 291 -9.17 2.30 -16.49
CA PRO D 291 -8.54 3.51 -17.00
C PRO D 291 -9.28 4.75 -16.47
N SER D 292 -8.54 5.84 -16.24
CA SER D 292 -9.06 7.10 -15.70
C SER D 292 -10.17 7.65 -16.55
N ALA D 293 -11.29 8.02 -15.92
CA ALA D 293 -12.45 8.55 -16.64
C ALA D 293 -12.82 9.93 -16.11
N ASP D 294 -12.58 10.98 -16.91
CA ASP D 294 -12.92 12.38 -16.59
C ASP D 294 -14.04 12.72 -17.51
N VAL D 295 -15.16 13.17 -16.91
CA VAL D 295 -16.37 13.47 -17.67
C VAL D 295 -16.95 14.84 -17.46
N VAL D 296 -17.70 15.31 -18.45
CA VAL D 296 -18.53 16.49 -18.31
C VAL D 296 -19.86 15.87 -17.86
N SER D 297 -20.39 16.30 -16.71
CA SER D 297 -21.63 15.75 -16.19
C SER D 297 -22.63 16.89 -15.95
N VAL D 298 -23.80 16.78 -16.52
CA VAL D 298 -24.83 17.82 -16.35
C VAL D 298 -26.23 17.24 -16.16
N SER D 299 -27.02 17.78 -15.18
CA SER D 299 -28.41 17.37 -14.94
C SER D 299 -29.32 18.60 -14.87
N PHE D 300 -30.30 18.70 -15.77
CA PHE D 300 -31.22 19.85 -15.82
C PHE D 300 -32.65 19.41 -15.59
N MET D 301 -33.19 19.75 -14.39
CA MET D 301 -34.56 19.41 -14.01
C MET D 301 -35.58 20.06 -14.97
N GLN D 302 -35.21 21.19 -15.61
CA GLN D 302 -36.05 21.90 -16.57
C GLN D 302 -36.16 21.22 -17.94
N LEU D 303 -35.26 20.24 -18.24
CA LEU D 303 -35.33 19.53 -19.53
C LEU D 303 -35.98 18.17 -19.44
N GLY D 304 -36.48 17.80 -18.27
CA GLY D 304 -37.23 16.56 -18.08
C GLY D 304 -38.58 16.66 -18.77
N MET D 305 -39.19 15.53 -19.12
CA MET D 305 -40.48 15.48 -19.81
C MET D 305 -41.58 16.28 -19.10
N ALA D 306 -41.74 16.10 -17.77
CA ALA D 306 -42.75 16.78 -16.96
C ALA D 306 -42.40 18.25 -16.71
N SER D 307 -41.20 18.54 -16.17
CA SER D 307 -40.81 19.93 -15.92
C SER D 307 -40.71 20.79 -17.19
N SER D 308 -40.21 20.24 -18.33
CA SER D 308 -40.15 21.05 -19.57
C SER D 308 -41.55 21.42 -20.07
N ALA D 309 -42.54 20.50 -19.93
CA ALA D 309 -43.93 20.73 -20.36
C ALA D 309 -44.56 21.89 -19.61
N GLY D 310 -44.38 21.92 -18.29
CA GLY D 310 -44.92 22.96 -17.41
C GLY D 310 -44.28 24.31 -17.65
N LEU D 311 -42.92 24.34 -17.74
CA LEU D 311 -42.17 25.58 -17.98
C LEU D 311 -42.46 26.15 -19.39
N PHE D 312 -42.56 25.27 -20.40
CA PHE D 312 -42.84 25.67 -21.77
C PHE D 312 -44.15 26.45 -21.85
N LEU D 313 -45.24 25.92 -21.21
CA LEU D 313 -46.57 26.55 -21.19
C LEU D 313 -46.54 27.87 -20.43
N LYS D 314 -45.89 27.88 -19.27
CA LYS D 314 -45.76 29.06 -18.40
C LYS D 314 -45.12 30.21 -19.16
N GLU D 315 -44.01 29.94 -19.86
CA GLU D 315 -43.29 30.95 -20.63
C GLU D 315 -43.98 31.28 -21.97
N LEU D 316 -44.41 30.26 -22.75
CA LEU D 316 -45.07 30.52 -24.05
C LEU D 316 -46.35 31.34 -23.85
N CYS D 317 -47.19 30.91 -22.89
CA CYS D 317 -48.48 31.55 -22.65
C CYS D 317 -48.45 32.85 -21.88
N SER D 318 -47.24 33.42 -21.66
CA SER D 318 -47.02 34.74 -21.07
C SER D 318 -46.25 35.67 -22.06
N ASN D 319 -46.14 35.22 -23.33
CA ASN D 319 -45.53 35.93 -24.46
C ASN D 319 -46.68 36.50 -25.32
N ASP D 320 -46.69 37.84 -25.57
CA ASP D 320 -47.73 38.53 -26.35
C ASP D 320 -47.95 38.01 -27.77
N GLU D 321 -46.90 37.42 -28.40
CA GLU D 321 -46.97 36.84 -29.75
C GLU D 321 -47.93 35.63 -29.75
N PHE D 322 -48.02 34.91 -28.60
CA PHE D 322 -48.80 33.67 -28.51
C PHE D 322 -50.10 33.74 -27.74
N LEU D 323 -50.20 34.68 -26.80
CA LEU D 323 -51.41 34.86 -26.01
C LEU D 323 -52.14 36.10 -26.48
N GLN D 324 -53.41 35.92 -26.88
CA GLN D 324 -54.30 36.97 -27.37
C GLN D 324 -55.72 36.63 -26.98
N GLY D 325 -56.35 37.53 -26.23
CA GLY D 325 -57.72 37.38 -25.76
C GLY D 325 -58.00 36.09 -25.01
N GLY D 326 -57.10 35.72 -24.08
CA GLY D 326 -57.25 34.50 -23.29
C GLY D 326 -56.96 33.21 -24.02
N ILE D 327 -56.59 33.27 -25.31
CA ILE D 327 -56.27 32.05 -26.06
C ILE D 327 -54.74 32.00 -26.30
N CYS D 328 -54.11 30.90 -25.88
CA CYS D 328 -52.69 30.69 -26.11
C CYS D 328 -52.52 29.78 -27.34
N SER D 329 -51.91 30.31 -28.40
CA SER D 329 -51.66 29.56 -29.63
C SER D 329 -50.34 28.79 -29.49
N ASN D 330 -50.43 27.48 -29.18
CA ASN D 330 -49.27 26.63 -28.97
C ASN D 330 -48.81 25.95 -30.27
N PRO D 331 -47.65 26.35 -30.81
CA PRO D 331 -47.18 25.76 -32.09
C PRO D 331 -46.64 24.31 -31.99
N CYS D 332 -46.45 23.80 -30.75
CA CYS D 332 -45.98 22.44 -30.51
C CYS D 332 -47.16 21.45 -30.44
N LEU D 333 -48.40 21.97 -30.38
CA LEU D 333 -49.58 21.10 -30.30
C LEU D 333 -50.27 21.03 -31.64
N PHE D 334 -50.89 19.86 -31.95
CA PHE D 334 -51.57 19.64 -33.22
C PHE D 334 -52.76 20.56 -33.42
N LYS D 335 -53.06 20.87 -34.69
CA LYS D 335 -54.23 21.64 -35.08
C LYS D 335 -55.45 20.77 -34.72
N GLY D 336 -56.46 21.37 -34.11
CA GLY D 336 -57.65 20.65 -33.67
C GLY D 336 -57.59 20.20 -32.22
N PHE D 337 -56.43 20.41 -31.57
CA PHE D 337 -56.23 20.05 -30.16
C PHE D 337 -56.47 21.26 -29.29
N GLN D 338 -57.17 21.04 -28.18
CA GLN D 338 -57.48 22.07 -27.23
C GLN D 338 -57.45 21.54 -25.82
N GLN D 339 -57.01 22.39 -24.87
CA GLN D 339 -56.95 22.07 -23.46
C GLN D 339 -57.10 23.35 -22.65
N SER D 340 -57.49 23.20 -21.37
CA SER D 340 -57.59 24.29 -20.40
C SER D 340 -56.19 24.86 -20.19
N CYS D 341 -56.10 26.16 -19.93
CA CYS D 341 -54.82 26.83 -19.77
C CYS D 341 -54.23 26.74 -18.37
N SER D 342 -53.42 25.70 -18.15
CA SER D 342 -52.67 25.48 -16.91
C SER D 342 -51.62 24.44 -17.19
N ALA D 343 -50.67 24.29 -16.26
CA ALA D 343 -49.62 23.29 -16.40
C ALA D 343 -50.03 21.96 -15.75
N GLY D 344 -51.32 21.77 -15.47
CA GLY D 344 -51.80 20.54 -14.88
C GLY D 344 -51.59 19.32 -15.77
N GLU D 345 -51.45 18.13 -15.16
CA GLU D 345 -51.31 16.86 -15.90
C GLU D 345 -52.50 16.71 -16.85
N VAL D 346 -52.22 16.37 -18.12
CA VAL D 346 -53.20 16.22 -19.18
C VAL D 346 -53.55 14.75 -19.41
N GLU D 347 -54.84 14.46 -19.53
CA GLU D 347 -55.33 13.12 -19.83
C GLU D 347 -56.20 13.22 -21.08
N VAL D 348 -55.78 12.55 -22.17
CA VAL D 348 -56.57 12.54 -23.40
C VAL D 348 -57.66 11.47 -23.20
N ARG D 349 -58.91 11.93 -23.04
CA ARG D 349 -60.08 11.08 -22.76
C ARG D 349 -60.61 10.35 -24.01
N PRO D 350 -61.22 9.13 -23.83
CA PRO D 350 -61.76 8.41 -25.00
C PRO D 350 -62.81 9.16 -25.82
N ASP D 351 -63.56 10.08 -25.17
CA ASP D 351 -64.56 10.91 -25.86
C ASP D 351 -63.95 11.99 -26.79
N GLY D 352 -62.62 12.08 -26.80
CA GLY D 352 -61.86 13.03 -27.62
C GLY D 352 -61.23 14.18 -26.86
N SER D 353 -61.87 14.60 -25.74
CA SER D 353 -61.44 15.74 -24.91
C SER D 353 -60.11 15.56 -24.15
N ALA D 354 -59.48 16.68 -23.80
CA ALA D 354 -58.23 16.70 -23.03
C ALA D 354 -58.60 17.21 -21.62
N SER D 355 -58.42 16.36 -20.61
CA SER D 355 -58.76 16.67 -19.23
C SER D 355 -57.51 17.14 -18.52
N VAL D 356 -57.55 18.35 -17.96
CA VAL D 356 -56.41 18.92 -17.27
C VAL D 356 -56.66 18.86 -15.76
N ASN D 357 -55.83 18.08 -15.05
CA ASN D 357 -55.96 17.95 -13.60
C ASN D 357 -55.46 19.25 -12.91
N GLU D 358 -56.38 19.97 -12.22
CA GLU D 358 -56.10 21.24 -11.56
C GLU D 358 -55.54 21.14 -10.14
N ASP D 359 -55.49 19.93 -9.59
CA ASP D 359 -54.93 19.66 -8.26
C ASP D 359 -53.46 20.14 -8.19
N VAL D 360 -53.07 20.85 -7.11
CA VAL D 360 -51.72 21.38 -6.89
C VAL D 360 -50.67 20.27 -7.02
N ARG D 361 -51.03 19.06 -6.55
CA ARG D 361 -50.19 17.86 -6.56
C ARG D 361 -49.87 17.36 -7.98
N LYS D 362 -50.76 17.66 -8.94
CA LYS D 362 -50.64 17.21 -10.33
C LYS D 362 -50.14 18.32 -11.26
N ASN D 363 -49.69 19.45 -10.71
CA ASN D 363 -49.22 20.53 -11.57
C ASN D 363 -47.79 20.22 -12.01
N ARG D 364 -47.53 20.19 -13.32
CA ARG D 364 -46.17 19.90 -13.84
C ARG D 364 -45.12 20.93 -13.43
N LEU D 365 -45.60 22.09 -12.95
CA LEU D 365 -44.72 23.15 -12.46
C LEU D 365 -44.34 23.01 -10.99
N LYS D 366 -45.04 22.14 -10.22
CA LYS D 366 -44.76 21.99 -8.78
C LYS D 366 -43.26 21.80 -8.45
N PRO D 367 -42.49 20.84 -9.04
CA PRO D 367 -41.06 20.74 -8.69
C PRO D 367 -40.23 22.01 -8.95
N LEU D 368 -40.41 22.68 -10.11
CA LEU D 368 -39.66 23.92 -10.41
C LEU D 368 -40.05 25.06 -9.49
N ALA D 369 -41.36 25.18 -9.20
CA ALA D 369 -41.87 26.21 -8.30
C ALA D 369 -41.35 26.00 -6.88
N THR D 370 -41.24 24.73 -6.43
CA THR D 370 -40.72 24.38 -5.10
C THR D 370 -39.25 24.82 -5.02
N TYR D 371 -38.48 24.53 -6.07
CA TYR D 371 -37.07 24.89 -6.23
C TYR D 371 -36.91 26.42 -6.24
N CYS D 372 -37.73 27.11 -7.06
CA CYS D 372 -37.72 28.57 -7.17
C CYS D 372 -38.55 29.23 -6.04
N SER D 373 -38.01 29.12 -4.83
CA SER D 373 -38.56 29.67 -3.60
C SER D 373 -37.45 30.44 -2.86
N VAL D 374 -37.76 31.65 -2.32
CA VAL D 374 -36.77 32.45 -1.54
C VAL D 374 -36.35 31.75 -0.23
N ASN D 375 -37.09 30.69 0.13
CA ASN D 375 -36.84 29.88 1.33
C ASN D 375 -35.88 28.76 1.02
N ASN D 376 -35.56 28.56 -0.29
CA ASN D 376 -34.61 27.55 -0.71
C ASN D 376 -33.17 28.12 -0.57
N PRO D 377 -32.30 27.48 0.26
CA PRO D 377 -30.90 27.98 0.39
C PRO D 377 -30.17 28.05 -0.96
N GLU D 378 -30.48 27.12 -1.91
CA GLU D 378 -29.89 27.11 -3.27
C GLU D 378 -30.14 28.45 -4.00
N ILE D 379 -31.32 29.06 -3.77
CA ILE D 379 -31.70 30.35 -4.33
C ILE D 379 -31.20 31.55 -3.47
N SER D 380 -31.46 31.52 -2.15
CA SER D 380 -31.12 32.61 -1.23
C SER D 380 -29.61 32.90 -1.07
N PHE D 381 -28.76 31.86 -1.10
CA PHE D 381 -27.30 31.99 -0.93
C PHE D 381 -26.55 32.84 -1.99
N LYS D 382 -27.12 32.97 -3.23
CA LYS D 382 -26.52 33.78 -4.32
C LYS D 382 -27.49 34.90 -4.75
N VAL D 383 -27.03 36.18 -4.78
CA VAL D 383 -27.88 37.36 -5.14
C VAL D 383 -28.68 37.15 -6.45
N THR D 384 -27.97 36.73 -7.53
CA THR D 384 -28.54 36.55 -8.90
C THR D 384 -29.62 35.48 -9.04
N ASN D 385 -29.52 34.39 -8.24
CA ASN D 385 -30.43 33.23 -8.29
C ASN D 385 -31.93 33.53 -8.31
N GLU D 386 -32.38 34.50 -7.48
CA GLU D 386 -33.82 34.90 -7.43
C GLU D 386 -34.29 35.42 -8.79
N MET D 387 -33.55 36.39 -9.37
CA MET D 387 -33.79 37.01 -10.68
C MET D 387 -33.82 35.94 -11.77
N GLN D 388 -32.85 34.97 -11.73
CA GLN D 388 -32.78 33.86 -12.70
C GLN D 388 -34.08 33.06 -12.76
N CYS D 389 -34.66 32.75 -11.59
CA CYS D 389 -35.98 32.11 -11.47
C CYS D 389 -37.04 33.03 -12.11
N ARG D 390 -37.13 34.28 -11.63
CA ARG D 390 -38.09 35.30 -12.10
C ARG D 390 -38.10 35.51 -13.64
N GLU D 391 -36.90 35.47 -14.28
CA GLU D 391 -36.77 35.60 -15.73
C GLU D 391 -37.23 34.33 -16.48
N ASN D 392 -37.36 33.21 -15.75
CA ASN D 392 -37.91 31.94 -16.23
C ASN D 392 -39.39 31.82 -15.80
N SER D 393 -40.07 32.99 -15.57
CA SER D 393 -41.51 33.07 -15.22
C SER D 393 -41.95 32.35 -13.94
N ILE D 394 -41.00 32.03 -13.04
CA ILE D 394 -41.30 31.41 -11.74
C ILE D 394 -40.77 32.38 -10.70
N ASP D 395 -41.67 33.22 -10.18
CA ASP D 395 -41.38 34.28 -9.22
C ASP D 395 -41.33 33.72 -7.78
N PRO D 396 -40.11 33.65 -7.16
CA PRO D 396 -40.00 33.07 -5.81
C PRO D 396 -40.70 33.77 -4.63
N THR D 397 -41.07 35.05 -4.77
CA THR D 397 -41.73 35.78 -3.68
C THR D 397 -43.26 35.49 -3.63
N LYS D 398 -43.86 35.07 -4.75
CA LYS D 398 -45.29 34.77 -4.84
C LYS D 398 -45.66 33.44 -4.16
N PRO D 399 -46.90 33.25 -3.58
CA PRO D 399 -47.23 31.94 -2.99
C PRO D 399 -47.28 30.82 -4.04
N LEU D 400 -47.22 29.53 -3.61
CA LEU D 400 -47.20 28.36 -4.50
C LEU D 400 -48.18 28.36 -5.69
N ALA D 401 -49.49 28.34 -5.42
CA ALA D 401 -50.54 28.37 -6.42
C ALA D 401 -50.38 29.55 -7.42
N GLU D 402 -50.09 30.76 -6.90
CA GLU D 402 -49.87 31.99 -7.67
C GLU D 402 -48.61 31.87 -8.53
N ARG D 403 -47.56 31.23 -7.97
CA ARG D 403 -46.29 31.00 -8.66
C ARG D 403 -46.50 30.18 -9.92
N MET D 404 -47.49 29.25 -9.88
CA MET D 404 -47.78 28.29 -10.95
C MET D 404 -48.81 28.73 -11.96
N LYS D 405 -49.79 29.57 -11.56
CA LYS D 405 -50.88 30.05 -12.42
C LYS D 405 -50.40 30.74 -13.71
N ILE D 406 -51.03 30.37 -14.82
CA ILE D 406 -50.77 31.04 -16.11
C ILE D 406 -51.83 32.14 -16.16
N GLU D 407 -51.42 33.41 -15.94
CA GLU D 407 -52.31 34.56 -15.90
C GLU D 407 -52.93 34.89 -17.25
N ASN D 408 -54.16 35.46 -17.20
CA ASN D 408 -54.92 35.97 -18.36
C ASN D 408 -55.08 34.99 -19.51
N CYS D 409 -55.26 33.70 -19.18
CA CYS D 409 -55.30 32.61 -20.14
C CYS D 409 -56.41 31.59 -19.82
N SER D 410 -57.29 31.37 -20.80
CA SER D 410 -58.44 30.47 -20.71
C SER D 410 -58.14 29.09 -21.27
N ILE D 411 -57.69 29.05 -22.53
CA ILE D 411 -57.43 27.80 -23.25
C ILE D 411 -56.15 27.88 -24.08
N ILE D 412 -55.61 26.71 -24.38
CA ILE D 412 -54.44 26.49 -25.23
C ILE D 412 -54.92 25.77 -26.50
N LYS D 413 -54.64 26.37 -27.67
CA LYS D 413 -55.02 25.80 -28.97
C LYS D 413 -53.77 25.47 -29.76
N GLY D 414 -53.73 24.27 -30.33
CA GLY D 414 -52.62 23.84 -31.15
C GLY D 414 -52.62 24.50 -32.52
N THR D 415 -51.43 24.90 -33.00
CA THR D 415 -51.29 25.50 -34.33
C THR D 415 -50.45 24.63 -35.27
N GLY D 416 -49.76 23.62 -34.72
CA GLY D 416 -48.94 22.67 -35.47
C GLY D 416 -47.98 23.30 -36.45
N ASN D 417 -47.12 24.20 -35.93
CA ASN D 417 -46.11 24.91 -36.72
C ASN D 417 -44.75 24.50 -36.12
N PHE D 418 -44.12 23.47 -36.72
CA PHE D 418 -42.86 22.95 -36.19
C PHE D 418 -41.73 23.97 -36.04
N ASP D 419 -41.56 24.88 -37.02
CA ASP D 419 -40.53 25.91 -37.01
C ASP D 419 -40.66 26.86 -35.82
N LYS D 420 -41.91 27.32 -35.53
CA LYS D 420 -42.15 28.17 -34.35
C LYS D 420 -41.96 27.36 -33.08
N CYS D 421 -42.37 26.08 -33.09
CA CYS D 421 -42.18 25.20 -31.94
C CYS D 421 -40.67 25.12 -31.58
N VAL D 422 -39.78 24.96 -32.61
CA VAL D 422 -38.31 24.90 -32.45
C VAL D 422 -37.75 26.18 -31.85
N SER D 423 -38.07 27.37 -32.42
CA SER D 423 -37.57 28.67 -31.93
C SER D 423 -37.96 28.98 -30.46
N GLN D 424 -39.14 28.52 -30.01
CA GLN D 424 -39.61 28.70 -28.63
C GLN D 424 -38.92 27.72 -27.66
N VAL D 425 -38.83 26.43 -28.05
CA VAL D 425 -38.09 25.44 -27.24
C VAL D 425 -36.65 25.98 -27.03
N GLU D 426 -36.05 26.52 -28.11
CA GLU D 426 -34.72 27.13 -28.13
C GLU D 426 -34.61 28.31 -27.13
N SER D 427 -35.53 29.30 -27.21
CA SER D 427 -35.49 30.44 -26.29
C SER D 427 -35.97 30.13 -24.85
N ILE D 428 -36.92 29.21 -24.68
CA ILE D 428 -37.45 28.92 -23.34
C ILE D 428 -36.60 27.92 -22.56
N LEU D 429 -36.32 26.77 -23.18
CA LEU D 429 -35.68 25.65 -22.52
C LEU D 429 -34.19 25.43 -22.79
N VAL D 430 -33.76 25.51 -24.07
CA VAL D 430 -32.36 25.16 -24.41
C VAL D 430 -31.35 26.30 -24.20
N ALA D 431 -31.70 27.51 -24.68
CA ALA D 431 -30.84 28.69 -24.50
C ALA D 431 -31.67 29.85 -23.90
N PRO D 432 -32.14 29.73 -22.62
CA PRO D 432 -32.96 30.82 -22.04
C PRO D 432 -32.14 32.10 -21.84
N LYS D 433 -32.79 33.28 -21.91
CA LYS D 433 -32.14 34.59 -21.72
C LYS D 433 -31.30 34.56 -20.45
N LEU D 434 -31.86 33.98 -19.38
CA LEU D 434 -31.23 33.78 -18.08
C LEU D 434 -31.47 32.33 -17.73
N PRO D 435 -30.43 31.47 -17.74
CA PRO D 435 -30.65 30.08 -17.31
C PRO D 435 -30.89 30.07 -15.81
N LEU D 436 -31.39 28.94 -15.31
CA LEU D 436 -31.63 28.68 -13.91
C LEU D 436 -30.29 28.46 -13.19
N PRO D 437 -30.21 28.57 -11.83
CA PRO D 437 -28.90 28.43 -11.15
C PRO D 437 -28.17 27.11 -11.38
N ALA D 438 -26.84 27.17 -11.55
CA ALA D 438 -26.02 25.97 -11.78
C ALA D 438 -25.94 25.15 -10.48
N ASN D 439 -25.81 23.83 -10.63
CA ASN D 439 -25.69 22.87 -9.54
C ASN D 439 -24.22 22.47 -9.46
N ILE D 440 -23.60 22.68 -8.29
CA ILE D 440 -22.19 22.38 -8.09
C ILE D 440 -21.89 21.23 -7.08
N GLU D 441 -22.84 20.28 -6.94
CA GLU D 441 -22.67 19.05 -6.14
C GLU D 441 -21.52 18.25 -6.78
N ALA D 442 -20.90 17.33 -6.03
CA ALA D 442 -19.77 16.54 -6.52
C ALA D 442 -19.98 15.81 -7.86
N ALA D 443 -21.19 15.29 -8.11
CA ALA D 443 -21.49 14.54 -9.34
C ALA D 443 -21.78 15.44 -10.54
N SER D 444 -21.82 16.76 -10.32
CA SER D 444 -22.12 17.78 -11.33
C SER D 444 -20.91 18.61 -11.76
N SER D 445 -20.76 18.84 -13.08
CA SER D 445 -19.66 19.68 -13.60
C SER D 445 -19.89 21.19 -13.31
N GLY D 446 -21.12 21.59 -13.02
CA GLY D 446 -21.39 22.99 -12.71
C GLY D 446 -21.78 23.87 -13.88
N PHE D 447 -22.23 23.25 -14.98
CA PHE D 447 -22.74 23.97 -16.15
C PHE D 447 -24.15 24.48 -15.88
N GLU D 448 -24.55 25.59 -16.52
CA GLU D 448 -25.88 26.20 -16.37
C GLU D 448 -26.85 25.98 -17.55
N SER D 449 -26.33 25.70 -18.76
CA SER D 449 -27.17 25.50 -19.95
C SER D 449 -26.49 24.58 -20.96
N VAL D 450 -27.29 23.96 -21.87
CA VAL D 450 -26.81 23.12 -22.99
C VAL D 450 -25.88 23.95 -23.90
N ASP D 451 -26.29 25.20 -24.16
CA ASP D 451 -25.56 26.17 -24.95
C ASP D 451 -24.08 26.28 -24.51
N GLN D 452 -23.87 26.45 -23.20
CA GLN D 452 -22.55 26.60 -22.55
C GLN D 452 -21.73 25.30 -22.64
N VAL D 453 -22.39 24.15 -22.49
CA VAL D 453 -21.75 22.83 -22.54
C VAL D 453 -20.98 22.68 -23.88
N PHE D 454 -21.67 22.89 -25.01
CA PHE D 454 -21.03 22.70 -26.32
C PHE D 454 -20.10 23.83 -26.78
N ARG D 455 -20.21 25.02 -26.19
CA ARG D 455 -19.30 26.14 -26.49
C ARG D 455 -17.94 25.92 -25.86
N PHE D 456 -17.90 25.46 -24.58
CA PHE D 456 -16.64 25.26 -23.84
C PHE D 456 -16.15 23.87 -23.67
N ALA D 457 -17.04 22.89 -23.81
CA ALA D 457 -16.61 21.52 -23.56
C ALA D 457 -16.98 20.50 -24.63
N SER D 458 -17.12 20.92 -25.89
CA SER D 458 -17.45 20.00 -27.00
C SER D 458 -16.42 18.87 -27.10
N SER D 459 -16.88 17.66 -27.45
CA SER D 459 -16.06 16.47 -27.55
C SER D 459 -16.30 15.72 -28.86
N THR D 460 -15.31 14.91 -29.29
CA THR D 460 -15.42 14.05 -30.48
C THR D 460 -15.97 12.66 -30.07
N ALA D 461 -16.24 12.44 -28.77
CA ALA D 461 -16.78 11.16 -28.30
C ALA D 461 -18.15 10.87 -28.95
N PRO D 462 -18.43 9.61 -29.35
CA PRO D 462 -19.77 9.31 -29.87
C PRO D 462 -20.85 9.63 -28.82
N MET D 463 -22.05 10.01 -29.28
CA MET D 463 -23.16 10.36 -28.38
C MET D 463 -24.36 9.44 -28.60
N ILE D 464 -24.88 8.85 -27.52
CA ILE D 464 -26.05 7.98 -27.55
C ILE D 464 -27.25 8.74 -26.92
N VAL D 465 -28.34 8.89 -27.66
CA VAL D 465 -29.57 9.54 -27.21
C VAL D 465 -30.52 8.47 -26.68
N THR D 466 -30.98 8.62 -25.43
CA THR D 466 -31.82 7.63 -24.74
C THR D 466 -33.02 8.33 -24.07
N GLY D 467 -34.02 7.54 -23.67
CA GLY D 467 -35.24 8.01 -23.06
C GLY D 467 -36.43 7.67 -23.95
N GLY D 468 -37.51 7.23 -23.33
CA GLY D 468 -38.75 6.81 -24.01
C GLY D 468 -39.30 7.83 -24.99
N GLY D 469 -39.41 9.06 -24.51
CA GLY D 469 -39.87 10.20 -25.31
C GLY D 469 -39.00 10.51 -26.50
N MET D 470 -37.67 10.59 -26.30
CA MET D 470 -36.67 10.83 -27.35
C MET D 470 -36.75 9.75 -28.44
N LEU D 471 -36.86 8.48 -28.02
CA LEU D 471 -36.98 7.33 -28.94
C LEU D 471 -38.36 7.30 -29.64
N ALA D 472 -39.45 7.69 -28.94
CA ALA D 472 -40.80 7.77 -29.54
C ALA D 472 -40.83 8.81 -30.66
N ALA D 473 -40.11 9.92 -30.46
CA ALA D 473 -40.04 11.03 -31.42
C ALA D 473 -39.40 10.59 -32.74
N ILE D 474 -38.31 9.81 -32.68
CA ILE D 474 -37.64 9.32 -33.90
C ILE D 474 -38.46 8.19 -34.52
N ASN D 475 -38.90 7.22 -33.69
CA ASN D 475 -39.64 6.05 -34.18
C ASN D 475 -40.96 6.37 -34.86
N THR D 476 -41.68 7.37 -34.34
CA THR D 476 -42.94 7.84 -34.92
C THR D 476 -42.70 8.28 -36.37
N LEU D 477 -41.64 9.06 -36.60
CA LEU D 477 -41.27 9.58 -37.92
C LEU D 477 -40.83 8.47 -38.88
N LYS D 478 -40.22 7.41 -38.34
CA LYS D 478 -39.78 6.24 -39.08
C LYS D 478 -40.99 5.36 -39.42
N ASP D 479 -41.91 5.14 -38.46
CA ASP D 479 -43.12 4.33 -38.60
C ASP D 479 -44.07 4.85 -39.70
N HIS D 480 -44.14 6.18 -39.84
CA HIS D 480 -44.95 6.84 -40.86
C HIS D 480 -44.16 7.08 -42.16
N ARG D 481 -42.92 6.55 -42.24
CA ARG D 481 -42.02 6.63 -43.41
C ARG D 481 -41.62 8.07 -43.83
N LEU D 482 -41.53 8.97 -42.87
CA LEU D 482 -41.15 10.38 -43.05
C LEU D 482 -39.65 10.56 -42.83
N LEU D 483 -39.04 9.61 -42.13
CA LEU D 483 -37.63 9.63 -41.83
C LEU D 483 -37.03 8.33 -42.30
N ARG D 484 -35.80 8.37 -42.86
CA ARG D 484 -35.08 7.16 -43.33
C ARG D 484 -34.82 6.23 -42.14
N SER D 485 -34.94 4.91 -42.35
CA SER D 485 -34.66 3.89 -41.33
C SER D 485 -33.19 4.00 -40.83
N ASP D 486 -32.28 4.38 -41.75
CA ASP D 486 -30.84 4.56 -41.50
C ASP D 486 -30.48 6.01 -41.15
N PHE D 487 -31.45 6.79 -40.59
CA PHE D 487 -31.24 8.17 -40.13
C PHE D 487 -30.10 8.17 -39.09
N SER D 488 -29.17 9.13 -39.21
CA SER D 488 -28.01 9.17 -38.31
C SER D 488 -27.79 10.51 -37.59
N GLY D 489 -28.84 11.31 -37.47
CA GLY D 489 -28.75 12.58 -36.75
C GLY D 489 -28.59 13.82 -37.58
N ASP D 490 -28.95 13.74 -38.87
CA ASP D 490 -28.87 14.86 -39.80
C ASP D 490 -30.02 15.82 -39.42
N VAL D 491 -29.64 17.04 -38.97
CA VAL D 491 -30.54 18.09 -38.48
C VAL D 491 -31.71 18.43 -39.39
N GLU D 492 -31.43 18.75 -40.67
CA GLU D 492 -32.49 19.14 -41.61
C GLU D 492 -33.37 17.98 -42.06
N GLU D 493 -32.80 16.76 -42.06
CA GLU D 493 -33.54 15.54 -42.38
C GLU D 493 -34.65 15.36 -41.33
N LEU D 494 -34.29 15.48 -40.02
CA LEU D 494 -35.21 15.39 -38.89
C LEU D 494 -36.27 16.49 -38.92
N ALA D 495 -35.84 17.76 -39.07
CA ALA D 495 -36.75 18.92 -39.16
C ALA D 495 -37.78 18.79 -40.29
N GLU D 496 -37.37 18.20 -41.44
CA GLU D 496 -38.23 18.00 -42.61
C GLU D 496 -39.36 17.02 -42.30
N ALA D 497 -39.04 15.88 -41.64
CA ALA D 497 -39.99 14.84 -41.24
C ALA D 497 -40.97 15.35 -40.18
N ALA D 498 -40.43 16.06 -39.16
CA ALA D 498 -41.20 16.63 -38.05
C ALA D 498 -42.16 17.71 -38.54
N ARG D 499 -41.73 18.59 -39.47
CA ARG D 499 -42.61 19.62 -40.03
C ARG D 499 -43.87 19.00 -40.64
N GLU D 500 -43.73 17.85 -41.33
CA GLU D 500 -44.85 17.13 -41.95
C GLU D 500 -45.79 16.53 -40.90
N PHE D 501 -45.26 15.69 -39.97
CA PHE D 501 -46.02 15.03 -38.90
C PHE D 501 -46.70 16.03 -37.98
N CYS D 502 -45.99 17.12 -37.61
CA CYS D 502 -46.55 18.10 -36.69
C CYS D 502 -47.66 18.97 -37.28
N SER D 503 -47.82 18.94 -38.62
CA SER D 503 -48.85 19.63 -39.40
C SER D 503 -50.16 18.82 -39.38
N SER D 504 -50.15 17.61 -38.76
CA SER D 504 -51.31 16.72 -38.62
C SER D 504 -52.50 17.37 -37.90
N GLU D 505 -53.69 16.86 -38.19
CA GLU D 505 -54.93 17.33 -37.60
C GLU D 505 -55.53 16.30 -36.65
N VAL D 506 -56.00 16.75 -35.47
CA VAL D 506 -56.68 15.90 -34.49
C VAL D 506 -58.16 15.82 -34.93
N ILE D 507 -58.68 14.58 -35.08
CA ILE D 507 -60.06 14.29 -35.47
C ILE D 507 -60.67 13.34 -34.42
N ILE D 508 -61.94 13.57 -34.03
CA ILE D 508 -62.63 12.74 -33.04
C ILE D 508 -63.42 11.62 -33.73
N ARG D 509 -63.08 10.36 -33.41
CA ARG D 509 -63.75 9.15 -33.94
C ARG D 509 -64.51 8.44 -32.78
N THR D 510 -65.33 7.43 -33.13
CA THR D 510 -66.07 6.64 -32.13
C THR D 510 -65.11 5.74 -31.31
N ASP D 511 -63.93 5.38 -31.87
CA ASP D 511 -62.91 4.60 -31.17
C ASP D 511 -61.98 5.49 -30.30
N GLY D 512 -62.11 6.82 -30.45
CA GLY D 512 -61.29 7.80 -29.76
C GLY D 512 -60.65 8.84 -30.69
N PRO D 513 -59.87 9.82 -30.18
CA PRO D 513 -59.26 10.81 -31.09
C PRO D 513 -58.08 10.23 -31.87
N VAL D 514 -57.89 10.73 -33.10
CA VAL D 514 -56.81 10.29 -33.99
C VAL D 514 -56.01 11.45 -34.57
N ILE D 515 -54.72 11.23 -34.84
CA ILE D 515 -53.81 12.17 -35.46
C ILE D 515 -53.86 11.84 -36.96
N GLN D 516 -54.41 12.75 -37.78
CA GLN D 516 -54.52 12.52 -39.23
C GLN D 516 -53.42 13.27 -39.95
N LEU D 517 -52.47 12.53 -40.55
CA LEU D 517 -51.31 13.09 -41.25
C LEU D 517 -51.69 13.82 -42.54
N PRO D 518 -50.92 14.85 -42.97
CA PRO D 518 -51.28 15.56 -44.22
C PRO D 518 -50.94 14.73 -45.45
N ASN D 519 -51.49 15.11 -46.63
CA ASN D 519 -51.27 14.45 -47.94
C ASN D 519 -51.60 12.94 -47.93
N ALA D 520 -52.73 12.56 -47.27
CA ALA D 520 -53.23 11.18 -47.12
C ALA D 520 -52.13 10.14 -46.74
N ARG D 521 -51.25 10.53 -45.80
CA ARG D 521 -50.09 9.74 -45.34
C ARG D 521 -50.35 8.71 -44.24
N GLY D 522 -51.56 8.67 -43.69
CA GLY D 522 -51.90 7.74 -42.62
C GLY D 522 -52.40 8.39 -41.34
N GLU D 523 -52.77 7.55 -40.36
CA GLU D 523 -53.30 7.97 -39.06
C GLU D 523 -52.76 7.10 -37.92
N GLN D 524 -52.90 7.62 -36.69
CA GLN D 524 -52.55 6.94 -35.44
C GLN D 524 -53.45 7.47 -34.32
N LYS D 525 -53.59 6.71 -33.24
CA LYS D 525 -54.42 7.12 -32.09
C LYS D 525 -53.75 8.27 -31.36
N LEU D 526 -54.55 9.23 -30.88
CA LEU D 526 -54.07 10.34 -30.07
C LEU D 526 -54.24 9.91 -28.62
N ASN D 527 -53.19 10.10 -27.80
CA ASN D 527 -53.24 9.72 -26.40
C ASN D 527 -52.43 10.69 -25.52
N SER D 528 -52.54 10.51 -24.19
CA SER D 528 -51.85 11.28 -23.14
C SER D 528 -50.32 11.31 -23.30
N LEU D 529 -49.74 10.27 -23.89
CA LEU D 529 -48.30 10.14 -24.07
C LEU D 529 -47.69 10.81 -25.31
N ASN D 530 -48.47 10.98 -26.40
CA ASN D 530 -47.96 11.53 -27.67
C ASN D 530 -48.59 12.86 -28.14
N PHE D 531 -49.53 13.43 -27.36
CA PHE D 531 -50.23 14.65 -27.78
C PHE D 531 -49.29 15.87 -27.96
N ASP D 532 -48.21 15.91 -27.15
CA ASP D 532 -47.23 17.00 -27.14
C ASP D 532 -45.85 16.51 -27.63
N LEU D 533 -45.83 15.39 -28.37
CA LEU D 533 -44.60 14.77 -28.93
C LEU D 533 -43.77 15.70 -29.83
N CYS D 534 -44.41 16.70 -30.46
CA CYS D 534 -43.70 17.68 -31.30
C CYS D 534 -42.74 18.57 -30.55
N LYS D 535 -43.00 18.84 -29.26
CA LYS D 535 -42.07 19.60 -28.43
C LYS D 535 -40.78 18.75 -28.25
N THR D 536 -40.92 17.41 -28.11
CA THR D 536 -39.76 16.50 -27.98
C THR D 536 -38.95 16.47 -29.28
N MET D 537 -39.63 16.48 -30.45
CA MET D 537 -38.94 16.53 -31.76
C MET D 537 -38.19 17.86 -31.87
N ALA D 538 -38.80 18.96 -31.41
CA ALA D 538 -38.19 20.30 -31.39
C ALA D 538 -37.00 20.34 -30.45
N LEU D 539 -37.09 19.67 -29.29
CA LEU D 539 -35.97 19.57 -28.33
C LEU D 539 -34.79 18.84 -28.98
N THR D 540 -35.09 17.75 -29.71
CA THR D 540 -34.08 16.95 -30.41
C THR D 540 -33.31 17.79 -31.45
N VAL D 541 -34.03 18.51 -32.33
CA VAL D 541 -33.48 19.39 -33.37
C VAL D 541 -32.53 20.43 -32.74
N SER D 542 -32.98 21.08 -31.65
CA SER D 542 -32.21 22.08 -30.90
C SER D 542 -30.91 21.48 -30.33
N LEU D 543 -30.98 20.29 -29.70
CA LEU D 543 -29.80 19.63 -29.14
C LEU D 543 -28.78 19.30 -30.24
N LEU D 544 -29.26 18.72 -31.34
CA LEU D 544 -28.45 18.36 -32.50
C LEU D 544 -27.73 19.56 -33.13
N ARG D 545 -28.39 20.73 -33.18
CA ARG D 545 -27.81 21.98 -33.70
C ARG D 545 -26.72 22.52 -32.76
N HIS D 546 -26.99 22.55 -31.45
CA HIS D 546 -26.01 22.94 -30.44
C HIS D 546 -24.76 22.04 -30.49
N MET D 547 -24.96 20.70 -30.67
CA MET D 547 -23.87 19.74 -30.80
C MET D 547 -23.02 19.96 -32.06
N ALA D 548 -23.68 20.18 -33.21
CA ALA D 548 -23.03 20.44 -34.52
C ALA D 548 -22.23 21.75 -34.53
N ALA D 549 -22.60 22.72 -33.66
CA ALA D 549 -21.95 24.04 -33.58
C ALA D 549 -20.67 24.06 -32.73
N GLY D 550 -20.44 23.00 -31.98
CA GLY D 550 -19.25 22.87 -31.15
C GLY D 550 -17.99 22.76 -31.96
N GLU D 551 -16.84 23.21 -31.41
CA GLU D 551 -15.52 23.14 -32.04
C GLU D 551 -15.23 21.70 -32.48
N ASN D 552 -15.62 20.72 -31.62
CA ASN D 552 -15.50 19.28 -31.85
C ASN D 552 -16.89 18.71 -31.98
N GLN D 553 -17.09 17.77 -32.89
CA GLN D 553 -18.41 17.17 -33.09
C GLN D 553 -18.37 15.70 -32.75
N PRO D 554 -19.46 15.13 -32.17
CA PRO D 554 -19.45 13.69 -31.88
C PRO D 554 -19.11 12.85 -33.11
N SER D 555 -18.25 11.82 -32.96
CA SER D 555 -17.87 10.96 -34.10
C SER D 555 -19.08 10.32 -34.74
N PHE D 556 -20.13 10.05 -33.94
CA PHE D 556 -21.41 9.57 -34.42
C PHE D 556 -22.45 9.81 -33.35
N ILE D 557 -23.73 9.85 -33.77
CA ILE D 557 -24.89 10.01 -32.90
C ILE D 557 -25.85 8.85 -33.18
N LYS D 558 -26.26 8.14 -32.13
CA LYS D 558 -27.20 7.04 -32.27
C LYS D 558 -28.33 7.17 -31.25
N TRP D 559 -29.52 6.70 -31.60
CA TRP D 559 -30.69 6.67 -30.71
C TRP D 559 -30.84 5.22 -30.33
N GLU D 560 -30.78 4.92 -29.03
CA GLU D 560 -30.85 3.54 -28.60
C GLU D 560 -31.80 3.29 -27.44
N LYS D 561 -32.62 2.24 -27.58
CA LYS D 561 -33.55 1.74 -26.56
C LYS D 561 -32.77 0.69 -25.78
N SER D 562 -31.91 -0.08 -26.50
CA SER D 562 -31.10 -1.15 -25.92
C SER D 562 -29.75 -1.33 -26.63
N ILE D 563 -28.84 -2.09 -26.00
CA ILE D 563 -27.55 -2.47 -26.56
C ILE D 563 -27.52 -4.02 -26.71
N ALA D 564 -27.25 -4.52 -27.92
CA ALA D 564 -27.15 -5.96 -28.18
C ALA D 564 -26.05 -6.61 -27.36
N GLY D 565 -26.36 -7.79 -26.80
CA GLY D 565 -25.42 -8.58 -26.02
C GLY D 565 -24.55 -9.43 -26.92
N PRO D 566 -23.69 -10.30 -26.35
CA PRO D 566 -22.82 -11.14 -27.20
C PRO D 566 -23.54 -12.18 -28.06
N ASP D 567 -24.74 -12.62 -27.65
CA ASP D 567 -25.54 -13.61 -28.38
C ASP D 567 -26.78 -12.99 -29.07
N GLY D 568 -26.68 -11.70 -29.40
CA GLY D 568 -27.72 -10.93 -30.06
C GLY D 568 -28.63 -10.20 -29.09
N LYS D 569 -29.29 -10.96 -28.20
CA LYS D 569 -30.24 -10.45 -27.20
C LYS D 569 -29.56 -9.48 -26.20
N PRO D 570 -30.16 -8.30 -25.93
CA PRO D 570 -29.55 -7.39 -24.94
C PRO D 570 -29.42 -8.06 -23.56
N LEU D 571 -28.32 -7.80 -22.86
CA LEU D 571 -28.12 -8.36 -21.52
C LEU D 571 -28.93 -7.61 -20.46
N ALA D 572 -29.13 -6.29 -20.65
CA ALA D 572 -29.88 -5.46 -19.70
C ALA D 572 -30.40 -4.23 -20.42
N ASP D 573 -31.19 -3.40 -19.70
CA ASP D 573 -31.74 -2.18 -20.27
C ASP D 573 -30.80 -1.00 -20.03
N LEU D 574 -30.93 0.04 -20.86
CA LEU D 574 -30.22 1.29 -20.64
C LEU D 574 -30.88 1.98 -19.42
N GLY D 575 -30.14 2.86 -18.76
CA GLY D 575 -30.65 3.51 -17.56
C GLY D 575 -29.64 3.42 -16.45
N TRP D 576 -29.97 3.92 -15.27
CA TRP D 576 -29.03 3.93 -14.13
C TRP D 576 -28.80 2.61 -13.38
N GLN D 577 -29.69 1.61 -13.54
CA GLN D 577 -29.65 0.38 -12.75
C GLN D 577 -28.38 -0.43 -12.81
N VAL D 578 -27.86 -0.72 -14.00
CA VAL D 578 -26.64 -1.50 -14.18
C VAL D 578 -25.44 -0.76 -13.56
N GLY D 579 -25.38 0.57 -13.78
CA GLY D 579 -24.33 1.43 -13.21
C GLY D 579 -24.27 1.38 -11.69
N VAL D 580 -25.43 1.40 -11.03
CA VAL D 580 -25.53 1.30 -9.55
C VAL D 580 -24.93 -0.03 -9.09
N ILE D 581 -25.32 -1.13 -9.77
CA ILE D 581 -24.77 -2.45 -9.45
C ILE D 581 -23.27 -2.44 -9.55
N LEU D 582 -22.74 -1.93 -10.68
CA LEU D 582 -21.32 -1.90 -10.98
C LEU D 582 -20.51 -1.09 -9.99
N HIS D 583 -21.05 0.05 -9.53
CA HIS D 583 -20.27 0.84 -8.58
C HIS D 583 -20.05 0.18 -7.22
N HIS D 584 -20.83 -0.89 -6.91
CA HIS D 584 -20.61 -1.68 -5.70
C HIS D 584 -19.76 -2.94 -6.04
N VAL D 585 -20.18 -3.74 -7.05
CA VAL D 585 -19.51 -5.01 -7.41
C VAL D 585 -18.07 -4.91 -7.93
N LEU D 586 -17.68 -3.76 -8.55
CA LEU D 586 -16.32 -3.58 -9.07
C LEU D 586 -15.27 -3.35 -8.02
N PHE D 587 -15.70 -2.93 -6.82
CA PHE D 587 -14.81 -2.71 -5.67
C PHE D 587 -14.77 -4.06 -4.92
N THR D 588 -13.97 -4.97 -5.46
CA THR D 588 -13.78 -6.37 -5.04
C THR D 588 -13.77 -6.62 -3.52
N GLU D 589 -12.87 -5.95 -2.78
CA GLU D 589 -12.72 -6.21 -1.34
C GLU D 589 -13.92 -5.73 -0.54
N GLU D 590 -14.41 -4.52 -0.83
CA GLU D 590 -15.56 -3.91 -0.21
C GLU D 590 -16.81 -4.78 -0.48
N TRP D 591 -17.02 -5.18 -1.75
CA TRP D 591 -18.17 -6.03 -2.11
C TRP D 591 -18.11 -7.40 -1.37
N GLY D 592 -16.94 -8.03 -1.37
CA GLY D 592 -16.78 -9.31 -0.69
C GLY D 592 -17.15 -9.24 0.79
N ARG D 593 -16.73 -8.16 1.47
CA ARG D 593 -17.04 -7.93 2.89
C ARG D 593 -18.54 -7.69 3.11
N ASN D 594 -19.17 -6.77 2.34
CA ASN D 594 -20.58 -6.46 2.51
C ASN D 594 -21.55 -7.53 2.03
N ALA D 595 -21.33 -8.07 0.81
CA ALA D 595 -22.29 -9.03 0.27
C ALA D 595 -22.13 -10.44 0.77
N TYR D 596 -20.89 -10.84 1.08
CA TYR D 596 -20.67 -12.21 1.52
C TYR D 596 -20.28 -12.39 2.98
N GLU D 597 -19.37 -11.57 3.53
CA GLU D 597 -18.94 -11.76 4.94
C GLU D 597 -20.03 -11.34 5.93
N ALA D 598 -20.55 -10.11 5.76
CA ALA D 598 -21.65 -9.61 6.58
C ALA D 598 -22.89 -10.37 6.09
N GLY D 599 -23.27 -10.12 4.84
CA GLY D 599 -24.37 -10.79 4.13
C GLY D 599 -25.73 -10.69 4.78
N TYR D 600 -26.61 -11.65 4.46
CA TYR D 600 -27.92 -11.69 5.08
C TYR D 600 -27.79 -12.13 6.55
N SER D 601 -26.73 -12.87 6.91
CA SER D 601 -26.49 -13.35 8.29
C SER D 601 -26.28 -12.23 9.31
N HIS D 602 -25.88 -11.02 8.85
CA HIS D 602 -25.77 -9.81 9.67
C HIS D 602 -27.14 -9.55 10.32
N ASN D 603 -28.25 -9.96 9.66
CA ASN D 603 -29.62 -9.79 10.13
C ASN D 603 -30.10 -10.82 11.17
N LEU D 604 -29.27 -11.83 11.53
CA LEU D 604 -29.60 -12.83 12.55
C LEU D 604 -29.84 -12.13 13.89
N GLU D 605 -30.97 -12.43 14.55
CA GLU D 605 -31.32 -11.80 15.84
C GLU D 605 -30.76 -12.58 17.01
CL CL E . 22.58 -31.19 18.74
CL CL F . -2.02 -7.91 11.35
CL CL G . -0.75 -10.05 8.88
CL CL H . -23.77 36.27 -4.12
#